data_1WXV
#
_entry.id   1WXV
#
_entity_poly.entity_id   1
_entity_poly.type   'polypeptide(L)'
_entity_poly.pdbx_seq_one_letter_code
;GSSGSSGLTVTVTHSNEKHDLHVTSQQGSSEPVVQDLAQVVEEVIGVPQSFQKLIFKGKSLKEMETPLSALGIQDGCRVM
LIGKKNSGPSSG
;
_entity_poly.pdbx_strand_id   A
#
# COMPACT_ATOMS: atom_id res chain seq x y z
N GLY A 1 -6.91 -29.51 -5.06
CA GLY A 1 -5.64 -28.87 -4.79
C GLY A 1 -5.67 -28.05 -3.51
N SER A 2 -4.56 -27.39 -3.21
CA SER A 2 -4.46 -26.56 -2.01
C SER A 2 -3.82 -25.22 -2.32
N SER A 3 -4.42 -24.15 -1.79
CA SER A 3 -3.92 -22.80 -2.01
C SER A 3 -3.90 -22.00 -0.72
N GLY A 4 -2.94 -21.10 -0.59
CA GLY A 4 -2.83 -20.29 0.60
C GLY A 4 -1.65 -19.33 0.55
N SER A 5 -1.68 -18.32 1.42
CA SER A 5 -0.60 -17.33 1.46
C SER A 5 -0.70 -16.49 2.74
N SER A 6 0.28 -15.61 2.93
CA SER A 6 0.31 -14.74 4.10
C SER A 6 -0.09 -13.32 3.74
N GLY A 7 0.70 -12.69 2.86
CA GLY A 7 0.41 -11.33 2.44
C GLY A 7 -0.98 -11.19 1.85
N LEU A 8 -1.24 -10.05 1.22
CA LEU A 8 -2.54 -9.79 0.61
C LEU A 8 -2.38 -9.08 -0.73
N THR A 9 -3.35 -9.29 -1.63
CA THR A 9 -3.31 -8.67 -2.94
C THR A 9 -4.30 -7.51 -3.02
N VAL A 10 -3.77 -6.29 -2.87
CA VAL A 10 -4.61 -5.09 -2.94
C VAL A 10 -4.06 -4.10 -3.96
N THR A 11 -4.97 -3.53 -4.76
CA THR A 11 -4.58 -2.57 -5.79
C THR A 11 -4.53 -1.15 -5.22
N VAL A 12 -3.63 -0.34 -5.76
CA VAL A 12 -3.47 1.04 -5.30
C VAL A 12 -3.52 2.01 -6.47
N THR A 13 -4.59 2.79 -6.54
CA THR A 13 -4.74 3.77 -7.62
C THR A 13 -4.02 5.06 -7.30
N HIS A 14 -3.20 5.53 -8.23
CA HIS A 14 -2.45 6.76 -8.05
C HIS A 14 -2.60 7.68 -9.26
N SER A 15 -1.96 7.31 -10.37
CA SER A 15 -2.02 8.10 -11.59
C SER A 15 -3.28 7.76 -12.39
N ASN A 16 -4.43 8.22 -11.90
CA ASN A 16 -5.69 7.96 -12.58
C ASN A 16 -5.74 6.54 -13.13
N GLU A 17 -4.96 5.65 -12.51
CA GLU A 17 -4.92 4.26 -12.95
C GLU A 17 -4.91 3.32 -11.75
N LYS A 18 -4.77 2.02 -12.01
CA LYS A 18 -4.75 1.02 -10.95
C LYS A 18 -3.44 0.22 -10.98
N HIS A 19 -2.81 0.08 -9.82
CA HIS A 19 -1.57 -0.66 -9.72
C HIS A 19 -1.67 -1.76 -8.67
N ASP A 20 -1.75 -2.99 -9.13
CA ASP A 20 -1.85 -4.15 -8.24
C ASP A 20 -0.56 -4.34 -7.46
N LEU A 21 -0.66 -4.39 -6.14
CA LEU A 21 0.50 -4.58 -5.28
C LEU A 21 0.26 -5.71 -4.28
N HIS A 22 1.34 -6.40 -3.91
CA HIS A 22 1.24 -7.50 -2.96
C HIS A 22 1.84 -7.11 -1.62
N VAL A 23 0.98 -6.94 -0.61
CA VAL A 23 1.43 -6.57 0.73
C VAL A 23 1.88 -7.79 1.52
N THR A 24 2.93 -7.62 2.31
CA THR A 24 3.46 -8.70 3.12
C THR A 24 3.82 -8.22 4.53
N SER A 25 3.99 -9.16 5.44
CA SER A 25 4.35 -8.83 6.82
C SER A 25 5.76 -8.27 6.91
N GLN A 26 6.11 -7.75 8.08
CA GLN A 26 7.44 -7.18 8.29
C GLN A 26 8.40 -8.22 8.87
N GLN A 27 8.38 -9.42 8.30
CA GLN A 27 9.23 -10.51 8.77
C GLN A 27 9.36 -10.48 10.29
N GLY A 28 8.23 -10.37 10.98
CA GLY A 28 8.24 -10.33 12.43
C GLY A 28 6.84 -10.25 13.02
N SER A 29 5.96 -9.53 12.34
CA SER A 29 4.59 -9.37 12.81
C SER A 29 3.68 -10.44 12.22
N SER A 30 2.91 -11.10 13.08
CA SER A 30 2.02 -12.16 12.65
C SER A 30 1.31 -11.77 11.35
N GLU A 31 0.82 -10.53 11.29
CA GLU A 31 0.13 -10.04 10.10
C GLU A 31 0.65 -8.66 9.71
N PRO A 32 0.61 -8.37 8.40
CA PRO A 32 1.08 -7.08 7.86
C PRO A 32 0.15 -5.93 8.23
N VAL A 33 0.73 -4.75 8.41
CA VAL A 33 -0.05 -3.57 8.77
C VAL A 33 0.11 -2.47 7.72
N VAL A 34 -0.69 -1.42 7.85
CA VAL A 34 -0.64 -0.30 6.92
C VAL A 34 0.80 0.08 6.61
N GLN A 35 1.66 0.05 7.62
CA GLN A 35 3.07 0.39 7.44
C GLN A 35 3.62 -0.23 6.17
N ASP A 36 3.48 -1.56 6.05
CA ASP A 36 3.97 -2.27 4.88
C ASP A 36 3.32 -1.75 3.60
N LEU A 37 2.00 -1.54 3.65
CA LEU A 37 1.27 -1.04 2.50
C LEU A 37 1.90 0.25 1.96
N ALA A 38 2.25 1.15 2.87
CA ALA A 38 2.86 2.42 2.48
C ALA A 38 4.21 2.18 1.81
N GLN A 39 4.97 1.22 2.33
CA GLN A 39 6.28 0.91 1.78
C GLN A 39 6.15 0.28 0.39
N VAL A 40 5.29 -0.73 0.28
CA VAL A 40 5.08 -1.41 -1.00
C VAL A 40 4.84 -0.41 -2.12
N VAL A 41 4.21 0.71 -1.79
CA VAL A 41 3.93 1.75 -2.78
C VAL A 41 5.21 2.49 -3.17
N GLU A 42 5.86 3.09 -2.19
CA GLU A 42 7.09 3.83 -2.43
C GLU A 42 8.16 2.93 -3.02
N GLU A 43 8.00 1.62 -2.83
CA GLU A 43 8.97 0.65 -3.35
C GLU A 43 8.54 0.16 -4.73
N VAL A 44 7.23 0.07 -4.95
CA VAL A 44 6.70 -0.38 -6.23
C VAL A 44 6.33 0.80 -7.12
N ILE A 45 5.43 1.65 -6.63
CA ILE A 45 5.00 2.82 -7.39
C ILE A 45 6.16 3.77 -7.63
N GLY A 46 6.75 4.26 -6.54
CA GLY A 46 7.86 5.19 -6.66
C GLY A 46 7.58 6.53 -6.01
N VAL A 47 6.57 6.57 -5.15
CA VAL A 47 6.19 7.80 -4.47
C VAL A 47 6.43 7.68 -2.97
N PRO A 48 7.06 8.72 -2.39
CA PRO A 48 7.36 8.76 -0.95
C PRO A 48 6.11 8.92 -0.10
N GLN A 49 6.16 8.39 1.11
CA GLN A 49 5.02 8.47 2.02
C GLN A 49 4.69 9.93 2.34
N SER A 50 5.57 10.84 1.93
CA SER A 50 5.37 12.26 2.17
C SER A 50 4.66 12.92 0.99
N PHE A 51 4.50 12.16 -0.09
CA PHE A 51 3.83 12.67 -1.29
C PHE A 51 2.56 11.88 -1.58
N GLN A 52 2.55 10.62 -1.16
CA GLN A 52 1.40 9.75 -1.38
C GLN A 52 0.39 9.88 -0.24
N LYS A 53 -0.89 9.73 -0.57
CA LYS A 53 -1.95 9.82 0.43
C LYS A 53 -2.92 8.65 0.30
N LEU A 54 -2.94 7.80 1.32
CA LEU A 54 -3.83 6.64 1.32
C LEU A 54 -5.26 7.05 1.68
N ILE A 55 -6.23 6.43 1.02
CA ILE A 55 -7.64 6.73 1.27
C ILE A 55 -8.51 5.51 1.02
N PHE A 56 -9.28 5.11 2.03
CA PHE A 56 -10.15 3.97 1.92
C PHE A 56 -11.53 4.28 2.52
N LYS A 57 -12.57 4.09 1.70
CA LYS A 57 -13.94 4.35 2.14
C LYS A 57 -14.12 5.82 2.52
N GLY A 58 -13.39 6.70 1.83
CA GLY A 58 -13.49 8.12 2.11
C GLY A 58 -12.72 8.52 3.34
N LYS A 59 -11.85 7.63 3.81
CA LYS A 59 -11.04 7.91 4.99
C LYS A 59 -9.55 7.89 4.65
N SER A 60 -8.88 9.00 4.92
CA SER A 60 -7.45 9.11 4.64
C SER A 60 -6.63 8.32 5.65
N LEU A 61 -6.16 7.15 5.23
CA LEU A 61 -5.36 6.29 6.10
C LEU A 61 -4.06 6.96 6.49
N LYS A 62 -3.95 7.35 7.75
CA LYS A 62 -2.74 8.01 8.25
C LYS A 62 -2.15 7.25 9.42
N GLU A 63 -2.46 5.95 9.50
CA GLU A 63 -1.95 5.11 10.58
C GLU A 63 -1.21 3.90 10.01
N MET A 64 0.06 3.78 10.36
CA MET A 64 0.87 2.66 9.90
C MET A 64 0.83 1.50 10.88
N GLU A 65 0.94 1.82 12.17
CA GLU A 65 0.91 0.80 13.22
C GLU A 65 -0.43 0.07 13.22
N THR A 66 -1.41 0.64 12.52
CA THR A 66 -2.74 0.05 12.46
C THR A 66 -2.80 -1.06 11.42
N PRO A 67 -3.46 -2.17 11.77
CA PRO A 67 -3.60 -3.33 10.87
C PRO A 67 -4.53 -3.03 9.69
N LEU A 68 -4.08 -3.40 8.50
CA LEU A 68 -4.88 -3.17 7.29
C LEU A 68 -6.26 -3.80 7.42
N SER A 69 -6.36 -4.81 8.28
CA SER A 69 -7.63 -5.50 8.49
C SER A 69 -8.61 -4.62 9.27
N ALA A 70 -8.08 -3.82 10.19
CA ALA A 70 -8.90 -2.93 10.99
C ALA A 70 -9.57 -1.86 10.11
N LEU A 71 -8.78 -1.27 9.23
CA LEU A 71 -9.30 -0.23 8.34
C LEU A 71 -10.33 -0.80 7.38
N GLY A 72 -10.29 -2.12 7.19
CA GLY A 72 -11.23 -2.77 6.29
C GLY A 72 -10.56 -3.35 5.07
N ILE A 73 -9.27 -3.11 4.93
CA ILE A 73 -8.51 -3.62 3.79
C ILE A 73 -8.18 -5.09 3.97
N GLN A 74 -8.24 -5.84 2.87
CA GLN A 74 -7.94 -7.27 2.91
C GLN A 74 -7.69 -7.80 1.50
N ASP A 75 -6.94 -8.90 1.41
CA ASP A 75 -6.62 -9.50 0.12
C ASP A 75 -7.84 -9.48 -0.80
N GLY A 76 -7.75 -8.69 -1.86
CA GLY A 76 -8.84 -8.58 -2.81
C GLY A 76 -9.63 -7.29 -2.65
N CYS A 77 -8.92 -6.19 -2.48
CA CYS A 77 -9.56 -4.89 -2.30
C CYS A 77 -8.88 -3.83 -3.16
N ARG A 78 -9.46 -2.64 -3.21
CA ARG A 78 -8.93 -1.54 -4.00
C ARG A 78 -8.77 -0.29 -3.15
N VAL A 79 -7.52 0.16 -2.97
CA VAL A 79 -7.24 1.35 -2.17
C VAL A 79 -6.94 2.54 -3.07
N MET A 80 -7.40 3.71 -2.65
CA MET A 80 -7.18 4.94 -3.43
C MET A 80 -5.96 5.70 -2.89
N LEU A 81 -5.05 6.05 -3.78
CA LEU A 81 -3.85 6.78 -3.40
C LEU A 81 -3.77 8.12 -4.13
N ILE A 82 -3.57 9.19 -3.38
CA ILE A 82 -3.47 10.53 -3.95
C ILE A 82 -2.07 11.11 -3.76
N GLY A 83 -1.42 11.44 -4.87
CA GLY A 83 -0.08 12.00 -4.81
C GLY A 83 0.48 12.32 -6.17
N LYS A 84 1.77 12.65 -6.22
CA LYS A 84 2.43 12.98 -7.48
C LYS A 84 3.53 11.98 -7.80
N LYS A 85 3.42 11.33 -8.96
CA LYS A 85 4.41 10.35 -9.37
C LYS A 85 5.57 11.02 -10.11
N ASN A 86 6.74 10.40 -10.06
CA ASN A 86 7.93 10.94 -10.72
C ASN A 86 7.68 11.09 -12.22
N SER A 87 7.22 12.26 -12.62
CA SER A 87 6.95 12.54 -14.03
C SER A 87 7.46 13.92 -14.42
N GLY A 88 7.99 14.01 -15.64
CA GLY A 88 8.52 15.28 -16.11
C GLY A 88 10.02 15.39 -15.93
N PRO A 89 10.69 16.12 -16.84
CA PRO A 89 12.13 16.33 -16.79
C PRO A 89 12.56 17.22 -15.63
N SER A 90 13.13 16.62 -14.60
CA SER A 90 13.58 17.35 -13.43
C SER A 90 15.11 17.46 -13.39
N SER A 91 15.62 18.68 -13.22
CA SER A 91 17.05 18.92 -13.17
C SER A 91 17.51 19.19 -11.75
N GLY A 92 16.86 20.16 -11.10
CA GLY A 92 17.22 20.51 -9.74
C GLY A 92 17.25 22.00 -9.51
N GLY A 1 4.19 -27.77 -4.05
CA GLY A 1 3.95 -26.88 -5.16
C GLY A 1 3.93 -25.42 -4.76
N SER A 2 2.82 -24.74 -5.04
CA SER A 2 2.69 -23.33 -4.70
C SER A 2 1.23 -22.99 -4.38
N SER A 3 0.99 -22.57 -3.13
CA SER A 3 -0.35 -22.23 -2.70
C SER A 3 -0.50 -20.71 -2.56
N GLY A 4 0.45 -20.09 -1.87
CA GLY A 4 0.41 -18.65 -1.69
C GLY A 4 1.35 -18.18 -0.59
N SER A 5 1.74 -16.91 -0.66
CA SER A 5 2.64 -16.34 0.33
C SER A 5 1.89 -15.41 1.29
N SER A 6 2.48 -15.17 2.45
CA SER A 6 1.87 -14.30 3.45
C SER A 6 1.68 -12.89 2.90
N GLY A 7 0.47 -12.36 3.05
CA GLY A 7 0.18 -11.02 2.57
C GLY A 7 -1.20 -10.92 1.94
N LEU A 8 -1.44 -9.82 1.22
CA LEU A 8 -2.73 -9.61 0.57
C LEU A 8 -2.54 -8.89 -0.77
N THR A 9 -3.44 -9.16 -1.70
CA THR A 9 -3.38 -8.54 -3.02
C THR A 9 -4.35 -7.37 -3.13
N VAL A 10 -3.83 -6.17 -2.93
CA VAL A 10 -4.66 -4.96 -3.01
C VAL A 10 -4.12 -3.99 -4.05
N THR A 11 -5.02 -3.40 -4.83
CA THR A 11 -4.63 -2.45 -5.87
C THR A 11 -4.65 -1.02 -5.33
N VAL A 12 -3.73 -0.20 -5.82
CA VAL A 12 -3.64 1.20 -5.39
C VAL A 12 -3.94 2.13 -6.54
N THR A 13 -5.00 2.94 -6.38
CA THR A 13 -5.41 3.89 -7.41
C THR A 13 -4.53 5.14 -7.37
N HIS A 14 -3.48 5.15 -8.19
CA HIS A 14 -2.57 6.29 -8.24
C HIS A 14 -2.54 6.88 -9.65
N SER A 15 -2.26 8.18 -9.73
CA SER A 15 -2.21 8.88 -11.01
C SER A 15 -3.38 8.47 -11.90
N ASN A 16 -4.57 8.39 -11.30
CA ASN A 16 -5.77 8.01 -12.03
C ASN A 16 -5.56 6.69 -12.77
N GLU A 17 -4.83 5.78 -12.14
CA GLU A 17 -4.55 4.47 -12.74
C GLU A 17 -4.65 3.36 -11.70
N LYS A 18 -4.63 2.12 -12.16
CA LYS A 18 -4.70 0.97 -11.26
C LYS A 18 -3.38 0.20 -11.24
N HIS A 19 -2.86 0.00 -10.03
CA HIS A 19 -1.59 -0.72 -9.87
C HIS A 19 -1.72 -1.78 -8.79
N ASP A 20 -1.78 -3.05 -9.20
CA ASP A 20 -1.89 -4.15 -8.26
C ASP A 20 -0.61 -4.33 -7.47
N LEU A 21 -0.72 -4.28 -6.14
CA LEU A 21 0.43 -4.44 -5.26
C LEU A 21 0.20 -5.55 -4.25
N HIS A 22 1.28 -6.25 -3.89
CA HIS A 22 1.20 -7.34 -2.92
C HIS A 22 1.75 -6.91 -1.56
N VAL A 23 0.86 -6.72 -0.60
CA VAL A 23 1.26 -6.31 0.74
C VAL A 23 1.73 -7.52 1.56
N THR A 24 2.82 -7.32 2.31
CA THR A 24 3.37 -8.38 3.14
C THR A 24 3.68 -7.88 4.54
N SER A 25 3.89 -8.81 5.47
CA SER A 25 4.19 -8.46 6.85
C SER A 25 5.62 -7.94 6.98
N GLN A 26 5.96 -7.45 8.17
CA GLN A 26 7.29 -6.92 8.43
C GLN A 26 8.22 -8.02 8.92
N GLN A 27 8.07 -9.23 8.36
CA GLN A 27 8.90 -10.36 8.75
C GLN A 27 9.02 -10.45 10.27
N GLY A 28 7.93 -10.14 10.97
CA GLY A 28 7.93 -10.20 12.41
C GLY A 28 6.59 -9.82 13.01
N SER A 29 5.52 -10.13 12.30
CA SER A 29 4.18 -9.82 12.76
C SER A 29 3.16 -10.82 12.22
N SER A 30 2.30 -11.31 13.10
CA SER A 30 1.29 -12.28 12.70
C SER A 30 0.57 -11.84 11.43
N GLU A 31 0.44 -10.53 11.26
CA GLU A 31 -0.24 -9.97 10.09
C GLU A 31 0.36 -8.61 9.72
N PRO A 32 0.35 -8.31 8.41
CA PRO A 32 0.88 -7.04 7.90
C PRO A 32 0.03 -5.85 8.29
N VAL A 33 0.66 -4.68 8.42
CA VAL A 33 -0.05 -3.46 8.80
C VAL A 33 0.04 -2.42 7.69
N VAL A 34 -0.57 -1.26 7.92
CA VAL A 34 -0.56 -0.18 6.94
C VAL A 34 0.85 0.26 6.62
N GLN A 35 1.73 0.18 7.60
CA GLN A 35 3.13 0.57 7.42
C GLN A 35 3.71 -0.04 6.16
N ASP A 36 3.53 -1.36 6.02
CA ASP A 36 4.04 -2.08 4.86
C ASP A 36 3.40 -1.55 3.57
N LEU A 37 2.08 -1.41 3.60
CA LEU A 37 1.33 -0.91 2.44
C LEU A 37 1.98 0.36 1.89
N ALA A 38 2.31 1.28 2.78
CA ALA A 38 2.93 2.54 2.38
C ALA A 38 4.28 2.30 1.70
N GLN A 39 5.02 1.32 2.21
CA GLN A 39 6.33 0.99 1.66
C GLN A 39 6.18 0.37 0.26
N VAL A 40 5.29 -0.60 0.14
CA VAL A 40 5.06 -1.28 -1.13
C VAL A 40 4.83 -0.27 -2.25
N VAL A 41 4.15 0.82 -1.92
CA VAL A 41 3.87 1.87 -2.90
C VAL A 41 5.14 2.63 -3.27
N GLU A 42 5.81 3.17 -2.26
CA GLU A 42 7.04 3.93 -2.48
C GLU A 42 8.13 3.04 -3.05
N GLU A 43 8.00 1.73 -2.84
CA GLU A 43 8.99 0.77 -3.32
C GLU A 43 8.61 0.27 -4.71
N VAL A 44 7.30 0.16 -4.97
CA VAL A 44 6.81 -0.31 -6.26
C VAL A 44 6.49 0.86 -7.18
N ILE A 45 5.59 1.72 -6.74
CA ILE A 45 5.19 2.89 -7.53
C ILE A 45 6.36 3.85 -7.73
N GLY A 46 6.89 4.36 -6.62
CA GLY A 46 8.02 5.27 -6.69
C GLY A 46 7.72 6.61 -6.04
N VAL A 47 6.63 6.67 -5.28
CA VAL A 47 6.23 7.90 -4.60
C VAL A 47 6.51 7.82 -3.11
N PRO A 48 7.15 8.87 -2.57
CA PRO A 48 7.48 8.95 -1.15
C PRO A 48 6.25 9.11 -0.26
N GLN A 49 6.33 8.57 0.95
CA GLN A 49 5.22 8.65 1.89
C GLN A 49 4.86 10.10 2.19
N SER A 50 5.73 11.02 1.78
CA SER A 50 5.51 12.44 2.00
C SER A 50 4.71 13.05 0.85
N PHE A 51 4.61 12.32 -0.25
CA PHE A 51 3.89 12.79 -1.42
C PHE A 51 2.64 11.94 -1.66
N GLN A 52 2.72 10.67 -1.29
CA GLN A 52 1.60 9.74 -1.47
C GLN A 52 0.70 9.74 -0.23
N LYS A 53 -0.59 9.57 -0.46
CA LYS A 53 -1.56 9.54 0.64
C LYS A 53 -2.56 8.41 0.44
N LEU A 54 -2.60 7.49 1.40
CA LEU A 54 -3.52 6.35 1.35
C LEU A 54 -4.93 6.77 1.76
N ILE A 55 -5.92 6.24 1.05
CA ILE A 55 -7.32 6.56 1.34
C ILE A 55 -8.22 5.38 1.01
N PHE A 56 -8.88 4.85 2.03
CA PHE A 56 -9.79 3.71 1.86
C PHE A 56 -11.20 4.06 2.33
N LYS A 57 -12.17 3.88 1.45
CA LYS A 57 -13.56 4.16 1.77
C LYS A 57 -13.74 5.62 2.16
N GLY A 58 -13.17 6.51 1.35
CA GLY A 58 -13.27 7.94 1.62
C GLY A 58 -12.65 8.32 2.95
N LYS A 59 -11.67 7.55 3.39
CA LYS A 59 -11.00 7.81 4.66
C LYS A 59 -9.49 7.66 4.51
N SER A 60 -8.76 8.76 4.74
CA SER A 60 -7.31 8.75 4.62
C SER A 60 -6.68 7.91 5.73
N LEU A 61 -5.79 7.01 5.35
CA LEU A 61 -5.11 6.14 6.32
C LEU A 61 -3.78 6.75 6.74
N LYS A 62 -3.76 7.33 7.94
CA LYS A 62 -2.54 7.94 8.48
C LYS A 62 -2.03 7.18 9.68
N GLU A 63 -2.27 5.86 9.69
CA GLU A 63 -1.84 5.02 10.80
C GLU A 63 -1.11 3.78 10.27
N MET A 64 0.22 3.82 10.34
CA MET A 64 1.04 2.70 9.88
C MET A 64 1.01 1.56 10.89
N GLU A 65 1.16 1.90 12.15
CA GLU A 65 1.16 0.89 13.22
C GLU A 65 -0.18 0.16 13.27
N THR A 66 -1.19 0.73 12.61
CA THR A 66 -2.52 0.14 12.58
C THR A 66 -2.60 -1.00 11.57
N PRO A 67 -3.12 -2.15 12.02
CA PRO A 67 -3.27 -3.34 11.16
C PRO A 67 -4.32 -3.15 10.09
N LEU A 68 -3.93 -3.38 8.84
CA LEU A 68 -4.85 -3.24 7.71
C LEU A 68 -6.16 -3.98 7.98
N SER A 69 -6.07 -5.07 8.74
CA SER A 69 -7.24 -5.86 9.07
C SER A 69 -8.21 -5.07 9.93
N ALA A 70 -7.67 -4.25 10.82
CA ALA A 70 -8.50 -3.43 11.71
C ALA A 70 -9.39 -2.48 10.91
N LEU A 71 -8.83 -1.91 9.85
CA LEU A 71 -9.58 -0.99 9.00
C LEU A 71 -10.62 -1.72 8.18
N GLY A 72 -10.42 -3.02 8.00
CA GLY A 72 -11.35 -3.83 7.23
C GLY A 72 -10.78 -4.27 5.90
N ILE A 73 -9.63 -3.72 5.54
CA ILE A 73 -8.99 -4.05 4.28
C ILE A 73 -8.57 -5.52 4.25
N GLN A 74 -8.70 -6.15 3.09
CA GLN A 74 -8.35 -7.55 2.93
C GLN A 74 -7.92 -7.85 1.49
N ASP A 75 -7.34 -9.03 1.28
CA ASP A 75 -6.89 -9.43 -0.04
C ASP A 75 -8.05 -9.45 -1.02
N GLY A 76 -7.97 -8.58 -2.03
CA GLY A 76 -9.04 -8.51 -3.03
C GLY A 76 -9.79 -7.21 -2.98
N CYS A 77 -9.15 -6.17 -2.47
CA CYS A 77 -9.78 -4.86 -2.35
C CYS A 77 -9.02 -3.81 -3.17
N ARG A 78 -9.62 -2.63 -3.32
CA ARG A 78 -8.99 -1.56 -4.08
C ARG A 78 -8.92 -0.28 -3.24
N VAL A 79 -7.69 0.18 -3.00
CA VAL A 79 -7.47 1.39 -2.21
C VAL A 79 -7.16 2.58 -3.11
N MET A 80 -7.35 3.78 -2.58
CA MET A 80 -7.07 5.00 -3.33
C MET A 80 -5.81 5.70 -2.82
N LEU A 81 -4.99 6.18 -3.74
CA LEU A 81 -3.75 6.86 -3.39
C LEU A 81 -3.63 8.19 -4.12
N ILE A 82 -3.14 9.21 -3.42
CA ILE A 82 -2.98 10.53 -4.02
C ILE A 82 -1.52 10.99 -3.92
N GLY A 83 -0.98 11.43 -5.05
CA GLY A 83 0.39 11.89 -5.07
C GLY A 83 0.93 12.06 -6.47
N LYS A 84 2.08 12.73 -6.60
CA LYS A 84 2.68 12.96 -7.91
C LYS A 84 3.87 12.03 -8.11
N LYS A 85 4.34 11.94 -9.35
CA LYS A 85 5.47 11.09 -9.68
C LYS A 85 6.70 11.92 -10.03
N ASN A 86 7.87 11.43 -9.64
CA ASN A 86 9.12 12.13 -9.90
C ASN A 86 10.13 11.20 -10.59
N SER A 87 10.14 9.94 -10.17
CA SER A 87 11.06 8.96 -10.74
C SER A 87 10.33 7.65 -11.05
N GLY A 88 9.60 7.64 -12.18
CA GLY A 88 8.87 6.46 -12.57
C GLY A 88 9.79 5.30 -12.94
N PRO A 89 10.06 5.14 -14.23
CA PRO A 89 10.93 4.07 -14.74
C PRO A 89 12.39 4.28 -14.36
N SER A 90 13.13 3.19 -14.26
CA SER A 90 14.54 3.26 -13.90
C SER A 90 15.37 3.77 -15.07
N SER A 91 15.18 3.17 -16.24
CA SER A 91 15.91 3.57 -17.43
C SER A 91 15.10 3.29 -18.69
N GLY A 92 15.22 4.18 -19.68
CA GLY A 92 14.49 4.01 -20.92
C GLY A 92 13.10 3.45 -20.70
N GLY A 1 10.19 -21.50 -2.94
CA GLY A 1 9.11 -22.38 -3.35
C GLY A 1 8.51 -23.15 -2.19
N SER A 2 7.38 -22.67 -1.66
CA SER A 2 6.73 -23.31 -0.55
C SER A 2 5.33 -22.75 -0.33
N SER A 3 4.49 -23.49 0.36
CA SER A 3 3.12 -23.06 0.64
C SER A 3 3.05 -22.26 1.94
N GLY A 4 3.01 -20.94 1.82
CA GLY A 4 2.95 -20.09 2.99
C GLY A 4 2.51 -18.68 2.66
N SER A 5 1.41 -18.56 1.91
CA SER A 5 0.89 -17.26 1.51
C SER A 5 0.92 -16.28 2.68
N SER A 6 1.87 -15.35 2.65
CA SER A 6 1.99 -14.36 3.71
C SER A 6 1.84 -12.95 3.16
N GLY A 7 0.59 -12.55 2.94
CA GLY A 7 0.33 -11.22 2.41
C GLY A 7 -1.04 -11.12 1.76
N LEU A 8 -1.41 -9.91 1.35
CA LEU A 8 -2.69 -9.69 0.70
C LEU A 8 -2.52 -8.96 -0.63
N THR A 9 -3.47 -9.16 -1.54
CA THR A 9 -3.42 -8.53 -2.84
C THR A 9 -4.38 -7.34 -2.92
N VAL A 10 -3.83 -6.13 -2.80
CA VAL A 10 -4.63 -4.92 -2.86
C VAL A 10 -4.07 -3.94 -3.89
N THR A 11 -4.96 -3.38 -4.70
CA THR A 11 -4.57 -2.43 -5.72
C THR A 11 -4.54 -1.00 -5.18
N VAL A 12 -3.72 -0.16 -5.80
CA VAL A 12 -3.59 1.23 -5.37
C VAL A 12 -3.87 2.18 -6.54
N THR A 13 -4.98 2.91 -6.45
CA THR A 13 -5.35 3.86 -7.49
C THR A 13 -4.57 5.15 -7.36
N HIS A 14 -3.50 5.27 -8.13
CA HIS A 14 -2.65 6.46 -8.10
C HIS A 14 -2.58 7.11 -9.48
N SER A 15 -2.31 8.41 -9.51
CA SER A 15 -2.21 9.14 -10.77
C SER A 15 -3.23 8.63 -11.78
N ASN A 16 -4.49 8.53 -11.35
CA ASN A 16 -5.56 8.06 -12.21
C ASN A 16 -5.15 6.78 -12.94
N GLU A 17 -4.55 5.85 -12.20
CA GLU A 17 -4.11 4.58 -12.77
C GLU A 17 -4.37 3.43 -11.80
N LYS A 18 -4.06 2.21 -12.25
CA LYS A 18 -4.26 1.03 -11.43
C LYS A 18 -2.97 0.24 -11.29
N HIS A 19 -2.52 0.06 -10.04
CA HIS A 19 -1.30 -0.68 -9.78
C HIS A 19 -1.52 -1.72 -8.68
N ASP A 20 -1.52 -3.00 -9.06
CA ASP A 20 -1.73 -4.08 -8.12
C ASP A 20 -0.45 -4.36 -7.33
N LEU A 21 -0.57 -4.38 -6.01
CA LEU A 21 0.58 -4.63 -5.13
C LEU A 21 0.28 -5.78 -4.16
N HIS A 22 1.32 -6.51 -3.80
CA HIS A 22 1.16 -7.63 -2.86
C HIS A 22 1.73 -7.27 -1.50
N VAL A 23 0.86 -6.89 -0.58
CA VAL A 23 1.27 -6.52 0.77
C VAL A 23 1.68 -7.75 1.57
N THR A 24 2.81 -7.64 2.27
CA THR A 24 3.31 -8.75 3.08
C THR A 24 3.77 -8.26 4.45
N SER A 25 3.63 -9.12 5.46
CA SER A 25 4.04 -8.77 6.81
C SER A 25 5.48 -8.29 6.85
N GLN A 26 5.92 -7.83 8.01
CA GLN A 26 7.29 -7.34 8.18
C GLN A 26 8.18 -8.40 8.80
N GLN A 27 8.00 -9.64 8.38
CA GLN A 27 8.79 -10.75 8.90
C GLN A 27 8.80 -10.74 10.43
N GLY A 28 7.68 -10.31 11.02
CA GLY A 28 7.57 -10.25 12.47
C GLY A 28 6.15 -10.44 12.95
N SER A 29 5.23 -9.65 12.40
CA SER A 29 3.83 -9.73 12.79
C SER A 29 3.10 -10.78 11.96
N SER A 30 2.14 -11.45 12.60
CA SER A 30 1.36 -12.49 11.92
C SER A 30 0.65 -11.93 10.70
N GLU A 31 0.17 -10.69 10.82
CA GLU A 31 -0.54 -10.04 9.72
C GLU A 31 0.13 -8.72 9.35
N PRO A 32 0.11 -8.39 8.05
CA PRO A 32 0.71 -7.15 7.55
C PRO A 32 -0.07 -5.92 7.96
N VAL A 33 0.64 -4.81 8.14
CA VAL A 33 0.02 -3.55 8.55
C VAL A 33 0.20 -2.48 7.48
N VAL A 34 -0.33 -1.29 7.75
CA VAL A 34 -0.22 -0.18 6.81
C VAL A 34 1.23 0.12 6.47
N GLN A 35 2.08 0.10 7.49
CA GLN A 35 3.51 0.36 7.30
C GLN A 35 4.02 -0.32 6.04
N ASP A 36 3.72 -1.59 5.89
CA ASP A 36 4.15 -2.36 4.73
C ASP A 36 3.55 -1.78 3.44
N LEU A 37 2.25 -1.50 3.47
CA LEU A 37 1.57 -0.95 2.32
C LEU A 37 2.23 0.34 1.85
N ALA A 38 2.54 1.22 2.80
CA ALA A 38 3.19 2.49 2.48
C ALA A 38 4.53 2.26 1.79
N GLN A 39 5.27 1.27 2.26
CA GLN A 39 6.58 0.95 1.69
C GLN A 39 6.42 0.33 0.30
N VAL A 40 5.46 -0.58 0.17
CA VAL A 40 5.22 -1.24 -1.11
C VAL A 40 4.97 -0.23 -2.22
N VAL A 41 4.33 0.88 -1.87
CA VAL A 41 4.03 1.93 -2.84
C VAL A 41 5.31 2.65 -3.26
N GLU A 42 6.01 3.23 -2.28
CA GLU A 42 7.24 3.95 -2.56
C GLU A 42 8.31 3.02 -3.14
N GLU A 43 8.14 1.73 -2.90
CA GLU A 43 9.08 0.73 -3.40
C GLU A 43 8.67 0.23 -4.78
N VAL A 44 7.37 0.09 -4.99
CA VAL A 44 6.84 -0.38 -6.26
C VAL A 44 6.48 0.79 -7.16
N ILE A 45 5.56 1.64 -6.71
CA ILE A 45 5.12 2.80 -7.48
C ILE A 45 6.28 3.77 -7.69
N GLY A 46 6.82 4.29 -6.59
CA GLY A 46 7.92 5.24 -6.68
C GLY A 46 7.61 6.57 -6.03
N VAL A 47 6.48 6.63 -5.32
CA VAL A 47 6.07 7.84 -4.63
C VAL A 47 6.38 7.78 -3.14
N PRO A 48 6.97 8.86 -2.62
CA PRO A 48 7.33 8.95 -1.20
C PRO A 48 6.11 9.04 -0.29
N GLN A 49 6.25 8.54 0.93
CA GLN A 49 5.15 8.56 1.90
C GLN A 49 4.72 9.99 2.19
N SER A 50 5.50 10.96 1.71
CA SER A 50 5.20 12.37 1.93
C SER A 50 4.37 12.93 0.77
N PHE A 51 4.23 12.14 -0.28
CA PHE A 51 3.46 12.56 -1.45
C PHE A 51 2.24 11.66 -1.64
N GLN A 52 2.38 10.40 -1.26
CA GLN A 52 1.29 9.43 -1.40
C GLN A 52 0.34 9.52 -0.22
N LYS A 53 -0.96 9.45 -0.50
CA LYS A 53 -1.98 9.52 0.54
C LYS A 53 -2.97 8.36 0.40
N LEU A 54 -2.99 7.49 1.39
CA LEU A 54 -3.90 6.35 1.40
C LEU A 54 -5.31 6.77 1.80
N ILE A 55 -6.30 6.26 1.07
CA ILE A 55 -7.69 6.58 1.35
C ILE A 55 -8.61 5.40 1.03
N PHE A 56 -9.36 4.95 2.04
CA PHE A 56 -10.28 3.83 1.87
C PHE A 56 -11.65 4.17 2.40
N LYS A 57 -12.68 3.95 1.59
CA LYS A 57 -14.05 4.22 1.98
C LYS A 57 -14.22 5.68 2.38
N GLY A 58 -13.36 6.54 1.84
CA GLY A 58 -13.43 7.96 2.16
C GLY A 58 -12.66 8.31 3.41
N LYS A 59 -11.85 7.37 3.90
CA LYS A 59 -11.07 7.59 5.11
C LYS A 59 -9.58 7.65 4.78
N SER A 60 -8.95 8.77 5.11
CA SER A 60 -7.53 8.96 4.86
C SER A 60 -6.69 8.19 5.88
N LEU A 61 -5.93 7.22 5.40
CA LEU A 61 -5.08 6.41 6.27
C LEU A 61 -3.77 7.14 6.57
N LYS A 62 -3.59 7.53 7.82
CA LYS A 62 -2.38 8.23 8.25
C LYS A 62 -1.69 7.48 9.38
N GLU A 63 -1.84 6.16 9.39
CA GLU A 63 -1.23 5.33 10.42
C GLU A 63 -0.53 4.12 9.80
N MET A 64 0.69 3.85 10.27
CA MET A 64 1.46 2.72 9.76
C MET A 64 1.41 1.54 10.74
N GLU A 65 1.44 1.86 12.02
CA GLU A 65 1.40 0.83 13.06
C GLU A 65 0.01 0.22 13.18
N THR A 66 -0.91 0.70 12.33
CA THR A 66 -2.28 0.20 12.35
C THR A 66 -2.43 -0.98 11.39
N PRO A 67 -3.07 -2.06 11.88
CA PRO A 67 -3.29 -3.28 11.10
C PRO A 67 -4.32 -3.06 9.98
N LEU A 68 -3.96 -3.44 8.77
CA LEU A 68 -4.84 -3.30 7.62
C LEU A 68 -6.20 -3.94 7.89
N SER A 69 -6.22 -4.90 8.81
CA SER A 69 -7.45 -5.60 9.16
C SER A 69 -8.43 -4.65 9.84
N ALA A 70 -7.91 -3.83 10.74
CA ALA A 70 -8.75 -2.87 11.47
C ALA A 70 -9.41 -1.89 10.51
N LEU A 71 -8.64 -1.39 9.55
CA LEU A 71 -9.15 -0.44 8.57
C LEU A 71 -10.19 -1.08 7.67
N GLY A 72 -10.24 -2.42 7.70
CA GLY A 72 -11.20 -3.13 6.89
C GLY A 72 -10.61 -3.62 5.58
N ILE A 73 -9.32 -3.34 5.37
CA ILE A 73 -8.64 -3.74 4.15
C ILE A 73 -8.31 -5.23 4.18
N GLN A 74 -8.51 -5.89 3.04
CA GLN A 74 -8.24 -7.31 2.93
C GLN A 74 -7.88 -7.70 1.50
N ASP A 75 -7.13 -8.78 1.33
CA ASP A 75 -6.72 -9.25 0.02
C ASP A 75 -7.92 -9.29 -0.93
N GLY A 76 -7.96 -8.35 -1.87
CA GLY A 76 -9.04 -8.30 -2.83
C GLY A 76 -9.82 -7.00 -2.75
N CYS A 77 -9.16 -5.95 -2.29
CA CYS A 77 -9.80 -4.65 -2.15
C CYS A 77 -9.05 -3.58 -2.96
N ARG A 78 -9.73 -2.49 -3.26
CA ARG A 78 -9.13 -1.41 -4.03
C ARG A 78 -9.03 -0.14 -3.18
N VAL A 79 -7.80 0.31 -2.94
CA VAL A 79 -7.57 1.50 -2.14
C VAL A 79 -7.18 2.67 -3.03
N MET A 80 -7.61 3.88 -2.64
CA MET A 80 -7.31 5.09 -3.40
C MET A 80 -6.05 5.76 -2.86
N LEU A 81 -5.12 6.06 -3.75
CA LEU A 81 -3.87 6.71 -3.37
C LEU A 81 -3.67 8.02 -4.13
N ILE A 82 -3.43 9.10 -3.40
CA ILE A 82 -3.23 10.41 -4.00
C ILE A 82 -1.80 10.90 -3.78
N GLY A 83 -1.13 11.26 -4.87
CA GLY A 83 0.24 11.74 -4.77
C GLY A 83 0.79 12.21 -6.10
N LYS A 84 2.03 12.68 -6.10
CA LYS A 84 2.68 13.14 -7.32
C LYS A 84 4.03 12.47 -7.52
N LYS A 85 4.18 11.79 -8.66
CA LYS A 85 5.43 11.10 -8.98
C LYS A 85 6.57 12.10 -9.19
N ASN A 86 7.72 11.79 -8.61
CA ASN A 86 8.89 12.66 -8.74
C ASN A 86 9.94 12.03 -9.65
N SER A 87 10.82 12.87 -10.18
CA SER A 87 11.87 12.39 -11.08
C SER A 87 13.25 12.75 -10.55
N GLY A 88 14.07 11.74 -10.29
CA GLY A 88 15.41 11.97 -9.77
C GLY A 88 16.03 10.71 -9.21
N PRO A 89 17.37 10.73 -9.07
CA PRO A 89 18.12 9.58 -8.54
C PRO A 89 17.86 9.36 -7.06
N SER A 90 17.21 10.33 -6.42
CA SER A 90 16.91 10.24 -5.00
C SER A 90 16.27 8.89 -4.66
N SER A 91 16.69 8.32 -3.53
CA SER A 91 16.17 7.03 -3.09
C SER A 91 15.54 7.13 -1.70
N GLY A 92 14.27 6.78 -1.60
CA GLY A 92 13.58 6.84 -0.32
C GLY A 92 13.56 8.25 0.26
N GLY A 1 3.06 -26.99 -0.12
CA GLY A 1 2.77 -26.95 1.30
C GLY A 1 1.47 -26.26 1.61
N SER A 2 1.16 -26.12 2.90
CA SER A 2 -0.08 -25.48 3.32
C SER A 2 -0.43 -24.31 2.41
N SER A 3 -1.71 -24.15 2.12
CA SER A 3 -2.17 -23.08 1.25
C SER A 3 -2.25 -21.75 2.02
N GLY A 4 -1.65 -20.71 1.45
CA GLY A 4 -1.66 -19.41 2.09
C GLY A 4 -0.37 -18.65 1.86
N SER A 5 -0.46 -17.32 1.84
CA SER A 5 0.70 -16.47 1.62
C SER A 5 0.73 -15.32 2.63
N SER A 6 1.94 -14.96 3.07
CA SER A 6 2.10 -13.88 4.02
C SER A 6 1.92 -12.51 3.35
N GLY A 7 0.67 -12.05 3.32
CA GLY A 7 0.38 -10.77 2.71
C GLY A 7 -0.99 -10.74 2.06
N LEU A 8 -1.24 -9.70 1.26
CA LEU A 8 -2.53 -9.56 0.58
C LEU A 8 -2.36 -8.83 -0.76
N THR A 9 -3.22 -9.16 -1.71
CA THR A 9 -3.16 -8.55 -3.03
C THR A 9 -4.20 -7.44 -3.15
N VAL A 10 -3.75 -6.20 -2.97
CA VAL A 10 -4.63 -5.04 -3.06
C VAL A 10 -4.13 -4.06 -4.11
N THR A 11 -5.06 -3.52 -4.90
CA THR A 11 -4.72 -2.56 -5.94
C THR A 11 -4.74 -1.14 -5.41
N VAL A 12 -3.81 -0.32 -5.91
CA VAL A 12 -3.73 1.07 -5.48
C VAL A 12 -3.99 2.02 -6.65
N THR A 13 -4.95 2.93 -6.46
CA THR A 13 -5.30 3.89 -7.50
C THR A 13 -4.43 5.14 -7.41
N HIS A 14 -3.52 5.28 -8.36
CA HIS A 14 -2.62 6.44 -8.39
C HIS A 14 -2.48 6.98 -9.81
N SER A 15 -2.24 8.28 -9.93
CA SER A 15 -2.08 8.92 -11.23
C SER A 15 -3.20 8.50 -12.17
N ASN A 16 -4.45 8.62 -11.71
CA ASN A 16 -5.60 8.25 -12.52
C ASN A 16 -5.40 6.88 -13.17
N GLU A 17 -4.74 5.98 -12.45
CA GLU A 17 -4.47 4.64 -12.95
C GLU A 17 -4.52 3.61 -11.83
N LYS A 18 -4.49 2.33 -12.20
CA LYS A 18 -4.52 1.25 -11.22
C LYS A 18 -3.21 0.49 -11.20
N HIS A 19 -2.71 0.19 -10.00
CA HIS A 19 -1.46 -0.55 -9.84
C HIS A 19 -1.59 -1.62 -8.77
N ASP A 20 -1.64 -2.88 -9.19
CA ASP A 20 -1.76 -4.00 -8.27
C ASP A 20 -0.48 -4.15 -7.44
N LEU A 21 -0.64 -4.22 -6.12
CA LEU A 21 0.49 -4.38 -5.22
C LEU A 21 0.24 -5.51 -4.23
N HIS A 22 1.32 -6.18 -3.83
CA HIS A 22 1.22 -7.29 -2.88
C HIS A 22 1.80 -6.89 -1.53
N VAL A 23 0.92 -6.59 -0.58
CA VAL A 23 1.35 -6.20 0.76
C VAL A 23 1.95 -7.38 1.52
N THR A 24 2.85 -7.07 2.45
CA THR A 24 3.50 -8.10 3.24
C THR A 24 3.94 -7.57 4.60
N SER A 25 3.94 -8.43 5.60
CA SER A 25 4.33 -8.04 6.96
C SER A 25 5.85 -7.92 7.06
N GLN A 26 6.32 -7.40 8.19
CA GLN A 26 7.75 -7.23 8.42
C GLN A 26 8.35 -8.48 9.07
N GLN A 27 7.85 -9.65 8.67
CA GLN A 27 8.34 -10.91 9.21
C GLN A 27 8.45 -10.84 10.73
N GLY A 28 7.53 -10.11 11.36
CA GLY A 28 7.54 -9.98 12.80
C GLY A 28 6.15 -9.96 13.39
N SER A 29 5.22 -9.31 12.70
CA SER A 29 3.84 -9.22 13.17
C SER A 29 2.97 -10.28 12.51
N SER A 30 2.16 -10.95 13.33
CA SER A 30 1.28 -12.01 12.82
C SER A 30 0.56 -11.56 11.56
N GLU A 31 0.18 -10.28 11.52
CA GLU A 31 -0.52 -9.73 10.37
C GLU A 31 0.08 -8.39 9.96
N PRO A 32 0.06 -8.10 8.65
CA PRO A 32 0.60 -6.85 8.11
C PRO A 32 -0.24 -5.64 8.48
N VAL A 33 0.38 -4.47 8.51
CA VAL A 33 -0.33 -3.24 8.85
C VAL A 33 -0.12 -2.17 7.77
N VAL A 34 -0.78 -1.03 7.95
CA VAL A 34 -0.69 0.06 6.99
C VAL A 34 0.77 0.38 6.67
N GLN A 35 1.60 0.41 7.70
CA GLN A 35 3.03 0.69 7.53
C GLN A 35 3.59 -0.03 6.31
N ASP A 36 3.33 -1.33 6.23
CA ASP A 36 3.81 -2.13 5.11
C ASP A 36 3.20 -1.66 3.80
N LEU A 37 1.89 -1.40 3.83
CA LEU A 37 1.19 -0.94 2.65
C LEU A 37 1.85 0.30 2.05
N ALA A 38 2.07 1.30 2.90
CA ALA A 38 2.71 2.54 2.46
C ALA A 38 4.06 2.26 1.82
N GLN A 39 4.82 1.36 2.40
CA GLN A 39 6.14 1.00 1.87
C GLN A 39 6.02 0.38 0.49
N VAL A 40 5.19 -0.66 0.38
CA VAL A 40 5.00 -1.35 -0.88
C VAL A 40 4.81 -0.36 -2.02
N VAL A 41 4.13 0.75 -1.74
CA VAL A 41 3.88 1.78 -2.74
C VAL A 41 5.18 2.51 -3.11
N GLU A 42 5.81 3.12 -2.12
CA GLU A 42 7.05 3.85 -2.34
C GLU A 42 8.13 2.92 -2.89
N GLU A 43 7.97 1.62 -2.65
CA GLU A 43 8.94 0.64 -3.12
C GLU A 43 8.57 0.15 -4.52
N VAL A 44 7.27 0.06 -4.78
CA VAL A 44 6.79 -0.39 -6.09
C VAL A 44 6.51 0.78 -7.02
N ILE A 45 5.56 1.62 -6.63
CA ILE A 45 5.21 2.79 -7.43
C ILE A 45 6.38 3.75 -7.57
N GLY A 46 6.90 4.22 -6.44
CA GLY A 46 8.02 5.12 -6.45
C GLY A 46 7.71 6.45 -5.78
N VAL A 47 6.56 6.53 -5.14
CA VAL A 47 6.14 7.74 -4.44
C VAL A 47 6.40 7.64 -2.95
N PRO A 48 7.00 8.69 -2.38
CA PRO A 48 7.31 8.74 -0.94
C PRO A 48 6.06 8.87 -0.09
N GLN A 49 6.13 8.34 1.13
CA GLN A 49 5.00 8.39 2.06
C GLN A 49 4.62 9.84 2.37
N SER A 50 5.47 10.77 1.95
CA SER A 50 5.24 12.19 2.18
C SER A 50 4.47 12.81 1.02
N PHE A 51 4.33 12.06 -0.06
CA PHE A 51 3.62 12.54 -1.24
C PHE A 51 2.39 11.68 -1.51
N GLN A 52 2.48 10.40 -1.17
CA GLN A 52 1.36 9.48 -1.38
C GLN A 52 0.37 9.55 -0.23
N LYS A 53 -0.91 9.48 -0.56
CA LYS A 53 -1.96 9.54 0.45
C LYS A 53 -2.93 8.37 0.30
N LEU A 54 -3.02 7.54 1.34
CA LEU A 54 -3.91 6.38 1.32
C LEU A 54 -5.33 6.79 1.70
N ILE A 55 -6.30 6.26 0.96
CA ILE A 55 -7.71 6.56 1.22
C ILE A 55 -8.58 5.35 0.95
N PHE A 56 -9.27 4.88 1.98
CA PHE A 56 -10.16 3.72 1.85
C PHE A 56 -11.52 4.01 2.49
N LYS A 57 -12.58 3.57 1.81
CA LYS A 57 -13.93 3.78 2.29
C LYS A 57 -14.17 5.24 2.66
N GLY A 58 -13.50 6.14 1.94
CA GLY A 58 -13.64 7.56 2.21
C GLY A 58 -12.90 8.00 3.44
N LYS A 59 -11.88 7.22 3.82
CA LYS A 59 -11.08 7.54 5.00
C LYS A 59 -9.59 7.62 4.64
N SER A 60 -8.97 8.74 4.97
CA SER A 60 -7.56 8.93 4.68
C SER A 60 -6.68 8.16 5.66
N LEU A 61 -6.08 7.07 5.19
CA LEU A 61 -5.23 6.24 6.02
C LEU A 61 -3.90 6.94 6.30
N LYS A 62 -3.66 7.24 7.58
CA LYS A 62 -2.42 7.91 7.98
C LYS A 62 -1.67 7.07 9.03
N GLU A 63 -2.42 6.35 9.84
CA GLU A 63 -1.83 5.51 10.88
C GLU A 63 -1.17 4.28 10.27
N MET A 64 0.13 4.14 10.52
CA MET A 64 0.88 3.00 10.00
C MET A 64 0.85 1.83 10.98
N GLU A 65 0.92 2.14 12.26
CA GLU A 65 0.90 1.11 13.30
C GLU A 65 -0.47 0.43 13.35
N THR A 66 -1.40 0.92 12.54
CA THR A 66 -2.74 0.36 12.50
C THR A 66 -2.81 -0.84 11.54
N PRO A 67 -3.42 -1.94 12.01
CA PRO A 67 -3.56 -3.15 11.22
C PRO A 67 -4.56 -2.98 10.07
N LEU A 68 -4.14 -3.38 8.87
CA LEU A 68 -5.00 -3.27 7.69
C LEU A 68 -6.32 -4.00 7.90
N SER A 69 -6.30 -5.00 8.79
CA SER A 69 -7.50 -5.77 9.08
C SER A 69 -8.53 -4.93 9.83
N ALA A 70 -8.05 -4.12 10.77
CA ALA A 70 -8.92 -3.26 11.56
C ALA A 70 -9.71 -2.31 10.66
N LEU A 71 -9.03 -1.74 9.66
CA LEU A 71 -9.66 -0.81 8.73
C LEU A 71 -10.67 -1.54 7.85
N GLY A 72 -10.57 -2.86 7.79
CA GLY A 72 -11.48 -3.64 6.99
C GLY A 72 -10.88 -4.06 5.66
N ILE A 73 -9.66 -3.59 5.39
CA ILE A 73 -8.97 -3.92 4.15
C ILE A 73 -8.56 -5.38 4.12
N GLN A 74 -8.66 -6.00 2.94
CA GLN A 74 -8.30 -7.40 2.79
C GLN A 74 -7.85 -7.69 1.36
N ASP A 75 -7.18 -8.83 1.17
CA ASP A 75 -6.69 -9.22 -0.15
C ASP A 75 -7.84 -9.26 -1.16
N GLY A 76 -7.65 -8.59 -2.29
CA GLY A 76 -8.67 -8.56 -3.32
C GLY A 76 -9.47 -7.28 -3.31
N CYS A 77 -9.05 -6.33 -2.48
CA CYS A 77 -9.74 -5.04 -2.38
C CYS A 77 -9.06 -4.00 -3.24
N ARG A 78 -9.61 -2.79 -3.25
CA ARG A 78 -9.06 -1.69 -4.03
C ARG A 78 -8.99 -0.41 -3.21
N VAL A 79 -7.78 0.11 -3.02
CA VAL A 79 -7.57 1.33 -2.25
C VAL A 79 -7.17 2.48 -3.15
N MET A 80 -7.58 3.70 -2.79
CA MET A 80 -7.25 4.89 -3.56
C MET A 80 -5.99 5.57 -3.02
N LEU A 81 -5.15 6.04 -3.93
CA LEU A 81 -3.91 6.71 -3.53
C LEU A 81 -3.74 8.02 -4.30
N ILE A 82 -3.50 9.11 -3.57
CA ILE A 82 -3.32 10.42 -4.18
C ILE A 82 -1.90 10.93 -3.97
N GLY A 83 -1.21 11.23 -5.07
CA GLY A 83 0.15 11.73 -4.98
C GLY A 83 0.68 12.18 -6.32
N LYS A 84 1.92 12.69 -6.33
CA LYS A 84 2.54 13.17 -7.56
C LYS A 84 3.96 12.61 -7.69
N LYS A 85 4.19 11.84 -8.74
CA LYS A 85 5.50 11.25 -8.99
C LYS A 85 6.55 12.33 -9.24
N ASN A 86 7.59 12.35 -8.42
CA ASN A 86 8.65 13.33 -8.55
C ASN A 86 9.62 12.94 -9.66
N SER A 87 9.07 12.63 -10.84
CA SER A 87 9.89 12.24 -11.98
C SER A 87 10.77 11.04 -11.63
N GLY A 88 10.32 10.24 -10.67
CA GLY A 88 11.07 9.07 -10.25
C GLY A 88 11.48 8.20 -11.43
N PRO A 89 10.49 7.64 -12.13
CA PRO A 89 10.73 6.77 -13.29
C PRO A 89 11.27 7.54 -14.49
N SER A 90 11.50 8.84 -14.30
CA SER A 90 12.02 9.69 -15.36
C SER A 90 11.03 9.78 -16.52
N SER A 91 9.79 10.13 -16.20
CA SER A 91 8.74 10.25 -17.20
C SER A 91 7.65 11.22 -16.75
N GLY A 92 7.16 12.03 -17.69
CA GLY A 92 6.12 12.99 -17.36
C GLY A 92 6.58 14.42 -17.54
N GLY A 1 13.09 -23.02 5.68
CA GLY A 1 13.05 -21.57 5.78
C GLY A 1 11.75 -21.06 6.36
N SER A 2 11.33 -19.88 5.90
CA SER A 2 10.10 -19.27 6.39
C SER A 2 8.88 -20.04 5.87
N SER A 3 8.05 -20.51 6.80
CA SER A 3 6.85 -21.26 6.45
C SER A 3 6.16 -20.63 5.25
N GLY A 4 5.82 -19.36 5.36
CA GLY A 4 5.16 -18.66 4.28
C GLY A 4 4.65 -17.29 4.70
N SER A 5 5.03 -16.27 3.94
CA SER A 5 4.61 -14.90 4.23
C SER A 5 3.10 -14.75 4.08
N SER A 6 2.52 -13.92 4.94
CA SER A 6 1.07 -13.69 4.91
C SER A 6 0.76 -12.31 4.34
N GLY A 7 0.83 -12.19 3.01
CA GLY A 7 0.56 -10.93 2.36
C GLY A 7 -0.81 -10.89 1.72
N LEU A 8 -1.22 -9.72 1.24
CA LEU A 8 -2.52 -9.56 0.60
C LEU A 8 -2.36 -8.85 -0.75
N THR A 9 -3.30 -9.12 -1.65
CA THR A 9 -3.29 -8.51 -2.97
C THR A 9 -4.31 -7.38 -3.07
N VAL A 10 -3.82 -6.15 -2.97
CA VAL A 10 -4.70 -4.97 -3.05
C VAL A 10 -4.20 -3.99 -4.10
N THR A 11 -5.13 -3.44 -4.87
CA THR A 11 -4.78 -2.49 -5.92
C THR A 11 -4.79 -1.06 -5.38
N VAL A 12 -3.83 -0.26 -5.83
CA VAL A 12 -3.71 1.13 -5.41
C VAL A 12 -3.99 2.09 -6.55
N THR A 13 -4.95 2.99 -6.35
CA THR A 13 -5.31 3.96 -7.36
C THR A 13 -4.49 5.25 -7.22
N HIS A 14 -3.50 5.40 -8.09
CA HIS A 14 -2.64 6.58 -8.05
C HIS A 14 -2.64 7.30 -9.41
N SER A 15 -2.77 8.62 -9.38
CA SER A 15 -2.80 9.41 -10.61
C SER A 15 -3.94 8.97 -11.51
N ASN A 16 -5.01 8.47 -10.90
CA ASN A 16 -6.18 8.01 -11.65
C ASN A 16 -5.85 6.76 -12.46
N GLU A 17 -4.92 5.96 -11.95
CA GLU A 17 -4.52 4.73 -12.61
C GLU A 17 -4.74 3.52 -11.72
N LYS A 18 -4.34 2.35 -12.20
CA LYS A 18 -4.49 1.12 -11.43
C LYS A 18 -3.17 0.36 -11.36
N HIS A 19 -2.71 0.10 -10.14
CA HIS A 19 -1.45 -0.62 -9.93
C HIS A 19 -1.61 -1.68 -8.85
N ASP A 20 -1.63 -2.94 -9.26
CA ASP A 20 -1.78 -4.06 -8.33
C ASP A 20 -0.52 -4.21 -7.48
N LEU A 21 -0.70 -4.23 -6.16
CA LEU A 21 0.42 -4.38 -5.23
C LEU A 21 0.17 -5.53 -4.26
N HIS A 22 1.25 -6.22 -3.89
CA HIS A 22 1.16 -7.34 -2.96
C HIS A 22 1.74 -6.97 -1.60
N VAL A 23 0.86 -6.63 -0.66
CA VAL A 23 1.29 -6.25 0.68
C VAL A 23 1.81 -7.46 1.45
N THR A 24 2.80 -7.24 2.30
CA THR A 24 3.38 -8.31 3.10
C THR A 24 3.51 -7.90 4.56
N SER A 25 3.56 -8.89 5.45
CA SER A 25 3.68 -8.63 6.88
C SER A 25 5.13 -8.38 7.27
N GLN A 26 5.35 -8.01 8.52
CA GLN A 26 6.70 -7.74 9.02
C GLN A 26 7.30 -8.98 9.66
N GLN A 27 7.11 -10.12 9.01
CA GLN A 27 7.64 -11.38 9.52
C GLN A 27 7.51 -11.45 11.04
N GLY A 28 6.54 -10.73 11.58
CA GLY A 28 6.33 -10.73 13.01
C GLY A 28 4.90 -11.05 13.39
N SER A 29 3.98 -10.15 13.05
CA SER A 29 2.56 -10.35 13.36
C SER A 29 1.93 -11.36 12.40
N SER A 30 0.93 -12.08 12.88
CA SER A 30 0.24 -13.08 12.07
C SER A 30 -0.37 -12.43 10.83
N GLU A 31 -0.47 -11.10 10.85
CA GLU A 31 -1.04 -10.37 9.72
C GLU A 31 -0.29 -9.06 9.49
N PRO A 32 -0.20 -8.64 8.22
CA PRO A 32 0.49 -7.41 7.84
C PRO A 32 -0.26 -6.16 8.30
N VAL A 33 0.39 -5.01 8.17
CA VAL A 33 -0.21 -3.74 8.57
C VAL A 33 -0.04 -2.68 7.49
N VAL A 34 -0.50 -1.46 7.78
CA VAL A 34 -0.39 -0.36 6.83
C VAL A 34 1.07 -0.03 6.53
N GLN A 35 1.86 0.09 7.59
CA GLN A 35 3.28 0.41 7.44
C GLN A 35 3.87 -0.27 6.20
N ASP A 36 3.44 -1.50 5.96
CA ASP A 36 3.92 -2.26 4.81
C ASP A 36 3.30 -1.74 3.52
N LEU A 37 2.00 -1.50 3.54
CA LEU A 37 1.29 -1.00 2.37
C LEU A 37 1.92 0.30 1.86
N ALA A 38 2.21 1.21 2.79
CA ALA A 38 2.81 2.48 2.43
C ALA A 38 4.17 2.29 1.78
N GLN A 39 4.92 1.30 2.26
CA GLN A 39 6.24 1.01 1.73
C GLN A 39 6.13 0.39 0.33
N VAL A 40 5.24 -0.57 0.18
CA VAL A 40 5.04 -1.24 -1.10
C VAL A 40 4.81 -0.23 -2.21
N VAL A 41 4.10 0.85 -1.90
CA VAL A 41 3.82 1.90 -2.88
C VAL A 41 5.08 2.66 -3.26
N GLU A 42 5.74 3.23 -2.25
CA GLU A 42 6.96 3.99 -2.47
C GLU A 42 8.04 3.12 -3.09
N GLU A 43 7.95 1.82 -2.84
CA GLU A 43 8.92 0.86 -3.38
C GLU A 43 8.53 0.41 -4.78
N VAL A 44 7.22 0.25 -4.99
CA VAL A 44 6.71 -0.18 -6.29
C VAL A 44 6.39 1.02 -7.17
N ILE A 45 5.44 1.85 -6.72
CA ILE A 45 5.04 3.02 -7.48
C ILE A 45 6.20 3.99 -7.65
N GLY A 46 6.79 4.41 -6.52
CA GLY A 46 7.91 5.32 -6.56
C GLY A 46 7.59 6.66 -5.90
N VAL A 47 6.44 6.73 -5.25
CA VAL A 47 6.02 7.95 -4.57
C VAL A 47 6.30 7.87 -3.07
N PRO A 48 6.88 8.94 -2.52
CA PRO A 48 7.21 9.02 -1.09
C PRO A 48 5.96 9.12 -0.21
N GLN A 49 6.04 8.58 0.98
CA GLN A 49 4.92 8.61 1.93
C GLN A 49 4.49 10.04 2.21
N SER A 50 5.33 11.00 1.80
CA SER A 50 5.04 12.41 2.01
C SER A 50 4.21 12.98 0.87
N PHE A 51 4.22 12.28 -0.26
CA PHE A 51 3.47 12.72 -1.44
C PHE A 51 2.26 11.83 -1.67
N GLN A 52 2.35 10.57 -1.23
CA GLN A 52 1.26 9.63 -1.39
C GLN A 52 0.33 9.66 -0.18
N LYS A 53 -0.97 9.50 -0.43
CA LYS A 53 -1.96 9.51 0.63
C LYS A 53 -2.95 8.37 0.45
N LEU A 54 -2.98 7.46 1.43
CA LEU A 54 -3.89 6.32 1.39
C LEU A 54 -5.30 6.72 1.78
N ILE A 55 -6.28 6.18 1.08
CA ILE A 55 -7.68 6.50 1.35
C ILE A 55 -8.58 5.29 1.09
N PHE A 56 -9.33 4.89 2.11
CA PHE A 56 -10.23 3.74 1.99
C PHE A 56 -11.55 4.02 2.70
N LYS A 57 -12.65 3.77 1.98
CA LYS A 57 -13.98 4.00 2.53
C LYS A 57 -14.17 5.46 2.93
N GLY A 58 -13.48 6.35 2.23
CA GLY A 58 -13.59 7.77 2.53
C GLY A 58 -12.80 8.15 3.76
N LYS A 59 -11.81 7.35 4.12
CA LYS A 59 -10.99 7.62 5.29
C LYS A 59 -9.51 7.57 4.93
N SER A 60 -8.82 8.68 5.15
CA SER A 60 -7.39 8.77 4.86
C SER A 60 -6.58 7.93 5.85
N LEU A 61 -5.85 6.95 5.32
CA LEU A 61 -5.03 6.08 6.16
C LEU A 61 -3.69 6.73 6.47
N LYS A 62 -3.53 7.18 7.71
CA LYS A 62 -2.29 7.81 8.14
C LYS A 62 -1.62 7.02 9.25
N GLU A 63 -2.25 5.92 9.65
CA GLU A 63 -1.72 5.06 10.71
C GLU A 63 -0.98 3.87 10.12
N MET A 64 0.34 3.85 10.30
CA MET A 64 1.17 2.76 9.78
C MET A 64 1.12 1.55 10.73
N GLU A 65 1.13 1.81 12.02
CA GLU A 65 1.08 0.75 13.02
C GLU A 65 -0.31 0.13 13.09
N THR A 66 -1.22 0.64 12.26
CA THR A 66 -2.59 0.14 12.24
C THR A 66 -2.73 -1.03 11.27
N PRO A 67 -3.34 -2.13 11.74
CA PRO A 67 -3.55 -3.33 10.94
C PRO A 67 -4.57 -3.12 9.83
N LEU A 68 -4.22 -3.52 8.61
CA LEU A 68 -5.11 -3.39 7.47
C LEU A 68 -6.49 -3.97 7.77
N SER A 69 -6.53 -4.91 8.72
CA SER A 69 -7.78 -5.55 9.10
C SER A 69 -8.73 -4.54 9.75
N ALA A 70 -8.19 -3.70 10.62
CA ALA A 70 -8.99 -2.70 11.31
C ALA A 70 -9.70 -1.78 10.32
N LEU A 71 -8.95 -1.30 9.32
CA LEU A 71 -9.50 -0.41 8.31
C LEU A 71 -10.51 -1.15 7.44
N GLY A 72 -10.44 -2.48 7.45
CA GLY A 72 -11.37 -3.27 6.66
C GLY A 72 -10.74 -3.77 5.36
N ILE A 73 -9.48 -3.41 5.15
CA ILE A 73 -8.77 -3.82 3.94
C ILE A 73 -8.38 -5.29 4.01
N GLN A 74 -8.51 -5.98 2.88
CA GLN A 74 -8.16 -7.40 2.81
C GLN A 74 -7.83 -7.80 1.37
N ASP A 75 -7.00 -8.83 1.24
CA ASP A 75 -6.60 -9.32 -0.08
C ASP A 75 -7.78 -9.36 -1.03
N GLY A 76 -7.73 -8.52 -2.07
CA GLY A 76 -8.82 -8.47 -3.03
C GLY A 76 -9.64 -7.20 -2.92
N CYS A 77 -9.03 -6.15 -2.39
CA CYS A 77 -9.72 -4.87 -2.23
C CYS A 77 -9.04 -3.78 -3.06
N ARG A 78 -9.74 -2.67 -3.26
CA ARG A 78 -9.21 -1.56 -4.04
C ARG A 78 -9.15 -0.29 -3.19
N VAL A 79 -7.94 0.22 -2.99
CA VAL A 79 -7.73 1.43 -2.20
C VAL A 79 -7.32 2.60 -3.09
N MET A 80 -7.61 3.81 -2.63
CA MET A 80 -7.26 5.01 -3.38
C MET A 80 -5.97 5.63 -2.85
N LEU A 81 -5.19 6.23 -3.75
CA LEU A 81 -3.94 6.86 -3.38
C LEU A 81 -3.74 8.18 -4.13
N ILE A 82 -3.53 9.25 -3.37
CA ILE A 82 -3.31 10.57 -3.96
C ILE A 82 -1.87 11.01 -3.82
N GLY A 83 -1.24 11.32 -4.96
CA GLY A 83 0.15 11.75 -4.94
C GLY A 83 0.70 11.97 -6.34
N LYS A 84 1.83 12.66 -6.43
CA LYS A 84 2.45 12.93 -7.72
C LYS A 84 3.82 12.27 -7.80
N LYS A 85 4.20 11.85 -9.00
CA LYS A 85 5.49 11.20 -9.23
C LYS A 85 6.52 12.20 -9.73
N ASN A 86 7.76 12.03 -9.28
CA ASN A 86 8.85 12.92 -9.68
C ASN A 86 9.64 12.33 -10.85
N SER A 87 10.06 11.08 -10.69
CA SER A 87 10.83 10.40 -11.72
C SER A 87 10.31 10.76 -13.11
N GLY A 88 8.99 10.74 -13.27
CA GLY A 88 8.39 11.07 -14.55
C GLY A 88 8.48 12.55 -14.87
N PRO A 89 8.22 12.91 -16.13
CA PRO A 89 8.26 14.30 -16.59
C PRO A 89 7.12 15.14 -16.01
N SER A 90 7.46 16.05 -15.12
CA SER A 90 6.48 16.92 -14.49
C SER A 90 6.75 18.39 -14.80
N SER A 91 5.73 19.08 -15.31
CA SER A 91 5.87 20.49 -15.66
C SER A 91 5.39 21.38 -14.51
N GLY A 92 6.18 22.41 -14.20
CA GLY A 92 5.82 23.32 -13.13
C GLY A 92 7.01 23.74 -12.30
N GLY A 1 7.91 -28.31 3.52
CA GLY A 1 7.61 -27.10 4.24
C GLY A 1 6.33 -26.44 3.75
N SER A 2 5.59 -25.83 4.67
CA SER A 2 4.34 -25.16 4.31
C SER A 2 4.59 -23.72 3.91
N SER A 3 4.66 -23.48 2.61
CA SER A 3 4.91 -22.14 2.08
C SER A 3 4.00 -21.12 2.76
N GLY A 4 4.44 -19.86 2.80
CA GLY A 4 3.65 -18.82 3.41
C GLY A 4 3.59 -17.56 2.57
N SER A 5 2.48 -16.84 2.67
CA SER A 5 2.30 -15.61 1.90
C SER A 5 2.45 -14.38 2.79
N SER A 6 1.91 -14.46 4.00
CA SER A 6 1.98 -13.36 4.94
C SER A 6 1.79 -12.02 4.23
N GLY A 7 0.93 -12.02 3.23
CA GLY A 7 0.66 -10.80 2.47
C GLY A 7 -0.73 -10.78 1.88
N LEU A 8 -1.03 -9.74 1.11
CA LEU A 8 -2.34 -9.61 0.49
C LEU A 8 -2.23 -8.89 -0.85
N THR A 9 -3.17 -9.17 -1.75
CA THR A 9 -3.18 -8.54 -3.07
C THR A 9 -4.19 -7.41 -3.13
N VAL A 10 -3.70 -6.18 -2.95
CA VAL A 10 -4.56 -5.01 -3.00
C VAL A 10 -4.10 -4.02 -4.05
N THR A 11 -5.06 -3.48 -4.82
CA THR A 11 -4.74 -2.52 -5.88
C THR A 11 -4.68 -1.10 -5.32
N VAL A 12 -3.86 -0.27 -5.95
CA VAL A 12 -3.71 1.12 -5.53
C VAL A 12 -4.02 2.08 -6.67
N THR A 13 -5.03 2.92 -6.47
CA THR A 13 -5.42 3.89 -7.48
C THR A 13 -4.53 5.12 -7.44
N HIS A 14 -3.55 5.18 -8.34
CA HIS A 14 -2.63 6.30 -8.41
C HIS A 14 -2.55 6.85 -9.83
N SER A 15 -2.30 8.16 -9.95
CA SER A 15 -2.20 8.81 -11.25
C SER A 15 -3.38 8.43 -12.14
N ASN A 16 -4.58 8.47 -11.57
CA ASN A 16 -5.80 8.14 -12.31
C ASN A 16 -5.65 6.78 -12.99
N GLU A 17 -4.87 5.89 -12.38
CA GLU A 17 -4.64 4.57 -12.94
C GLU A 17 -4.71 3.50 -11.85
N LYS A 18 -4.68 2.24 -12.26
CA LYS A 18 -4.73 1.13 -11.31
C LYS A 18 -3.42 0.35 -11.31
N HIS A 19 -2.86 0.16 -10.12
CA HIS A 19 -1.60 -0.57 -9.98
C HIS A 19 -1.72 -1.65 -8.90
N ASP A 20 -1.76 -2.90 -9.32
CA ASP A 20 -1.87 -4.02 -8.38
C ASP A 20 -0.60 -4.14 -7.54
N LEU A 21 -0.77 -4.17 -6.22
CA LEU A 21 0.36 -4.28 -5.30
C LEU A 21 0.16 -5.45 -4.34
N HIS A 22 1.24 -6.14 -4.03
CA HIS A 22 1.19 -7.28 -3.11
C HIS A 22 1.83 -6.92 -1.77
N VAL A 23 0.99 -6.62 -0.78
CA VAL A 23 1.48 -6.26 0.55
C VAL A 23 2.07 -7.48 1.25
N THR A 24 3.20 -7.26 1.93
CA THR A 24 3.87 -8.34 2.65
C THR A 24 4.45 -7.83 3.97
N SER A 25 4.34 -8.65 5.01
CA SER A 25 4.85 -8.29 6.32
C SER A 25 6.35 -8.01 6.27
N GLN A 26 6.90 -7.52 7.38
CA GLN A 26 8.33 -7.22 7.45
C GLN A 26 9.09 -8.36 8.11
N GLN A 27 8.83 -9.59 7.68
CA GLN A 27 9.50 -10.76 8.23
C GLN A 27 9.71 -10.60 9.73
N GLY A 28 8.72 -10.03 10.41
CA GLY A 28 8.82 -9.85 11.84
C GLY A 28 7.49 -9.46 12.46
N SER A 29 6.41 -9.89 11.85
CA SER A 29 5.06 -9.59 12.36
C SER A 29 4.06 -10.64 11.89
N SER A 30 3.24 -11.11 12.83
CA SER A 30 2.23 -12.11 12.53
C SER A 30 1.43 -11.73 11.29
N GLU A 31 1.12 -10.44 11.17
CA GLU A 31 0.35 -9.95 10.03
C GLU A 31 0.84 -8.56 9.61
N PRO A 32 0.70 -8.25 8.31
CA PRO A 32 1.12 -6.97 7.75
C PRO A 32 0.23 -5.82 8.23
N VAL A 33 0.83 -4.64 8.40
CA VAL A 33 0.09 -3.47 8.85
C VAL A 33 0.17 -2.35 7.81
N VAL A 34 -0.69 -1.34 7.98
CA VAL A 34 -0.71 -0.21 7.06
C VAL A 34 0.69 0.25 6.71
N GLN A 35 1.58 0.23 7.71
CA GLN A 35 2.96 0.65 7.51
C GLN A 35 3.58 -0.07 6.31
N ASP A 36 3.28 -1.36 6.18
CA ASP A 36 3.80 -2.15 5.08
C ASP A 36 3.20 -1.71 3.75
N LEU A 37 1.90 -1.44 3.75
CA LEU A 37 1.20 -1.00 2.54
C LEU A 37 1.84 0.26 1.97
N ALA A 38 2.10 1.23 2.85
CA ALA A 38 2.72 2.48 2.43
C ALA A 38 4.08 2.25 1.80
N GLN A 39 4.82 1.28 2.33
CA GLN A 39 6.15 0.96 1.82
C GLN A 39 6.05 0.32 0.43
N VAL A 40 5.21 -0.71 0.32
CA VAL A 40 5.02 -1.41 -0.94
C VAL A 40 4.82 -0.43 -2.09
N VAL A 41 4.21 0.71 -1.79
CA VAL A 41 3.95 1.74 -2.79
C VAL A 41 5.24 2.47 -3.17
N GLU A 42 5.88 3.08 -2.17
CA GLU A 42 7.12 3.82 -2.41
C GLU A 42 8.20 2.89 -2.94
N GLU A 43 8.01 1.59 -2.77
CA GLU A 43 8.96 0.60 -3.24
C GLU A 43 8.61 0.11 -4.64
N VAL A 44 7.31 -0.01 -4.91
CA VAL A 44 6.83 -0.47 -6.20
C VAL A 44 6.53 0.70 -7.12
N ILE A 45 5.60 1.54 -6.70
CA ILE A 45 5.21 2.72 -7.49
C ILE A 45 6.39 3.66 -7.68
N GLY A 46 6.93 4.14 -6.57
CA GLY A 46 8.07 5.04 -6.62
C GLY A 46 7.77 6.38 -5.98
N VAL A 47 6.64 6.47 -5.28
CA VAL A 47 6.24 7.69 -4.61
C VAL A 47 6.47 7.60 -3.11
N PRO A 48 7.12 8.63 -2.54
CA PRO A 48 7.41 8.69 -1.10
C PRO A 48 6.16 8.88 -0.27
N GLN A 49 6.21 8.45 0.98
CA GLN A 49 5.08 8.59 1.89
C GLN A 49 4.71 10.06 2.09
N SER A 50 5.58 10.95 1.62
CA SER A 50 5.34 12.38 1.74
C SER A 50 4.65 12.92 0.50
N PHE A 51 4.53 12.08 -0.51
CA PHE A 51 3.89 12.48 -1.77
C PHE A 51 2.66 11.61 -2.05
N GLN A 52 2.52 10.53 -1.29
CA GLN A 52 1.40 9.61 -1.45
C GLN A 52 0.44 9.72 -0.27
N LYS A 53 -0.86 9.58 -0.56
CA LYS A 53 -1.87 9.64 0.49
C LYS A 53 -2.88 8.50 0.33
N LEU A 54 -2.89 7.61 1.32
CA LEU A 54 -3.81 6.48 1.30
C LEU A 54 -5.22 6.90 1.71
N ILE A 55 -6.21 6.36 1.03
CA ILE A 55 -7.60 6.68 1.33
C ILE A 55 -8.51 5.47 1.10
N PHE A 56 -9.11 4.98 2.18
CA PHE A 56 -10.00 3.83 2.10
C PHE A 56 -11.40 4.19 2.56
N LYS A 57 -12.38 3.96 1.70
CA LYS A 57 -13.77 4.26 2.03
C LYS A 57 -13.95 5.74 2.32
N GLY A 58 -13.37 6.59 1.47
CA GLY A 58 -13.48 8.01 1.66
C GLY A 58 -12.85 8.48 2.96
N LYS A 59 -11.79 7.79 3.38
CA LYS A 59 -11.10 8.13 4.62
C LYS A 59 -9.60 7.95 4.46
N SER A 60 -8.84 9.00 4.78
CA SER A 60 -7.39 8.96 4.68
C SER A 60 -6.79 8.04 5.73
N LEU A 61 -5.85 7.20 5.32
CA LEU A 61 -5.20 6.26 6.22
C LEU A 61 -3.81 6.75 6.61
N LYS A 62 -3.72 7.45 7.73
CA LYS A 62 -2.44 7.97 8.21
C LYS A 62 -1.74 6.96 9.10
N GLU A 63 -2.50 6.32 10.00
CA GLU A 63 -1.95 5.33 10.89
C GLU A 63 -1.18 4.25 10.13
N MET A 64 -0.05 3.83 10.68
CA MET A 64 0.77 2.81 10.04
C MET A 64 0.90 1.58 10.94
N GLU A 65 0.97 1.81 12.25
CA GLU A 65 1.09 0.72 13.21
C GLU A 65 -0.20 -0.07 13.31
N THR A 66 -1.25 0.43 12.66
CA THR A 66 -2.55 -0.23 12.68
C THR A 66 -2.61 -1.36 11.66
N PRO A 67 -3.09 -2.53 12.10
CA PRO A 67 -3.21 -3.71 11.25
C PRO A 67 -4.28 -3.54 10.18
N LEU A 68 -3.93 -3.85 8.93
CA LEU A 68 -4.87 -3.74 7.82
C LEU A 68 -6.17 -4.47 8.13
N SER A 69 -6.11 -5.41 9.06
CA SER A 69 -7.28 -6.18 9.44
C SER A 69 -8.28 -5.32 10.21
N ALA A 70 -7.75 -4.39 11.00
CA ALA A 70 -8.59 -3.49 11.80
C ALA A 70 -9.38 -2.54 10.90
N LEU A 71 -8.70 -2.01 9.88
CA LEU A 71 -9.34 -1.09 8.94
C LEU A 71 -10.36 -1.81 8.06
N GLY A 72 -10.27 -3.14 8.05
CA GLY A 72 -11.20 -3.93 7.25
C GLY A 72 -10.62 -4.30 5.90
N ILE A 73 -9.38 -3.87 5.65
CA ILE A 73 -8.71 -4.17 4.38
C ILE A 73 -8.29 -5.63 4.32
N GLN A 74 -8.44 -6.23 3.14
CA GLN A 74 -8.07 -7.62 2.95
C GLN A 74 -7.76 -7.91 1.48
N ASP A 75 -6.90 -8.89 1.23
CA ASP A 75 -6.52 -9.26 -0.13
C ASP A 75 -7.75 -9.31 -1.04
N GLY A 76 -7.65 -8.65 -2.20
CA GLY A 76 -8.75 -8.64 -3.13
C GLY A 76 -9.56 -7.36 -3.06
N CYS A 77 -9.03 -6.38 -2.34
CA CYS A 77 -9.71 -5.09 -2.19
C CYS A 77 -9.07 -4.04 -3.09
N ARG A 78 -9.55 -2.80 -2.98
CA ARG A 78 -9.03 -1.70 -3.79
C ARG A 78 -8.87 -0.44 -2.94
N VAL A 79 -7.64 0.09 -2.93
CA VAL A 79 -7.34 1.29 -2.16
C VAL A 79 -6.97 2.45 -3.09
N MET A 80 -7.37 3.66 -2.69
CA MET A 80 -7.09 4.85 -3.48
C MET A 80 -5.80 5.52 -2.99
N LEU A 81 -5.07 6.12 -3.92
CA LEU A 81 -3.81 6.79 -3.59
C LEU A 81 -3.68 8.09 -4.38
N ILE A 82 -3.38 9.18 -3.68
CA ILE A 82 -3.22 10.48 -4.30
C ILE A 82 -1.79 10.99 -4.15
N GLY A 83 -1.17 11.36 -5.27
CA GLY A 83 0.18 11.87 -5.24
C GLY A 83 0.76 12.06 -6.63
N LYS A 84 2.05 12.37 -6.70
CA LYS A 84 2.72 12.60 -7.98
C LYS A 84 4.11 11.97 -7.98
N LYS A 85 4.68 11.82 -9.17
CA LYS A 85 6.01 11.23 -9.31
C LYS A 85 6.72 11.78 -10.54
N ASN A 86 7.96 11.37 -10.74
CA ASN A 86 8.75 11.82 -11.88
C ASN A 86 9.32 10.63 -12.65
N SER A 87 9.73 10.88 -13.89
CA SER A 87 10.29 9.84 -14.74
C SER A 87 11.68 9.43 -14.25
N GLY A 88 11.93 8.12 -14.23
CA GLY A 88 13.22 7.63 -13.78
C GLY A 88 13.89 6.75 -14.82
N PRO A 89 14.84 5.91 -14.38
CA PRO A 89 15.58 5.02 -15.26
C PRO A 89 14.71 3.89 -15.80
N SER A 90 14.95 3.51 -17.06
CA SER A 90 14.18 2.44 -17.70
C SER A 90 14.99 1.79 -18.81
N SER A 91 15.24 0.49 -18.67
CA SER A 91 16.00 -0.26 -19.65
C SER A 91 15.26 -0.33 -20.98
N GLY A 92 13.98 -0.67 -20.92
CA GLY A 92 13.17 -0.77 -22.12
C GLY A 92 11.71 -0.47 -21.87
N GLY A 1 12.24 -20.43 -3.82
CA GLY A 1 12.14 -18.99 -3.89
C GLY A 1 11.54 -18.38 -2.65
N SER A 2 10.43 -18.94 -2.19
CA SER A 2 9.75 -18.44 -1.00
C SER A 2 8.95 -19.55 -0.33
N SER A 3 8.79 -19.45 0.99
CA SER A 3 8.05 -20.44 1.75
C SER A 3 6.56 -20.33 1.46
N GLY A 4 6.02 -19.12 1.57
CA GLY A 4 4.61 -18.91 1.30
C GLY A 4 4.32 -17.53 0.75
N SER A 5 3.25 -16.91 1.23
CA SER A 5 2.86 -15.59 0.77
C SER A 5 2.75 -14.61 1.94
N SER A 6 1.99 -15.00 2.96
CA SER A 6 1.81 -14.17 4.14
C SER A 6 1.58 -12.71 3.74
N GLY A 7 0.68 -12.51 2.79
CA GLY A 7 0.37 -11.16 2.33
C GLY A 7 -1.00 -11.06 1.68
N LEU A 8 -1.35 -9.87 1.24
CA LEU A 8 -2.64 -9.64 0.60
C LEU A 8 -2.47 -8.93 -0.74
N THR A 9 -3.38 -9.17 -1.68
CA THR A 9 -3.33 -8.56 -2.99
C THR A 9 -4.35 -7.43 -3.11
N VAL A 10 -3.88 -6.21 -2.94
CA VAL A 10 -4.76 -5.04 -3.03
C VAL A 10 -4.24 -4.04 -4.07
N THR A 11 -5.15 -3.54 -4.90
CA THR A 11 -4.80 -2.58 -5.93
C THR A 11 -4.74 -1.17 -5.38
N VAL A 12 -3.87 -0.34 -5.95
CA VAL A 12 -3.72 1.04 -5.51
C VAL A 12 -4.01 2.01 -6.66
N THR A 13 -5.02 2.85 -6.48
CA THR A 13 -5.40 3.82 -7.49
C THR A 13 -4.55 5.08 -7.38
N HIS A 14 -3.77 5.37 -8.42
CA HIS A 14 -2.92 6.54 -8.44
C HIS A 14 -2.79 7.11 -9.86
N SER A 15 -2.50 8.40 -9.95
CA SER A 15 -2.36 9.06 -11.25
C SER A 15 -3.47 8.63 -12.20
N ASN A 16 -4.72 8.81 -11.76
CA ASN A 16 -5.87 8.45 -12.57
C ASN A 16 -5.74 7.03 -13.10
N GLU A 17 -5.02 6.19 -12.37
CA GLU A 17 -4.81 4.80 -12.77
C GLU A 17 -4.78 3.89 -11.56
N LYS A 18 -4.49 2.61 -11.79
CA LYS A 18 -4.43 1.63 -10.72
C LYS A 18 -3.20 0.73 -10.88
N HIS A 19 -2.61 0.34 -9.75
CA HIS A 19 -1.43 -0.52 -9.77
C HIS A 19 -1.55 -1.62 -8.72
N ASP A 20 -1.68 -2.86 -9.17
CA ASP A 20 -1.80 -3.99 -8.26
C ASP A 20 -0.53 -4.18 -7.44
N LEU A 21 -0.68 -4.27 -6.13
CA LEU A 21 0.46 -4.44 -5.24
C LEU A 21 0.21 -5.59 -4.26
N HIS A 22 1.28 -6.27 -3.87
CA HIS A 22 1.18 -7.38 -2.93
C HIS A 22 1.76 -7.01 -1.57
N VAL A 23 0.88 -6.75 -0.61
CA VAL A 23 1.31 -6.37 0.74
C VAL A 23 1.84 -7.59 1.50
N THR A 24 2.95 -7.39 2.21
CA THR A 24 3.57 -8.47 2.98
C THR A 24 3.82 -8.03 4.42
N SER A 25 3.95 -9.01 5.31
CA SER A 25 4.20 -8.72 6.72
C SER A 25 5.55 -8.06 6.92
N GLN A 26 5.80 -7.60 8.14
CA GLN A 26 7.06 -6.94 8.46
C GLN A 26 8.08 -7.94 8.98
N GLN A 27 8.10 -9.13 8.39
CA GLN A 27 9.03 -10.18 8.79
C GLN A 27 9.04 -10.33 10.31
N GLY A 28 7.87 -10.26 10.92
CA GLY A 28 7.78 -10.38 12.37
C GLY A 28 6.40 -10.04 12.89
N SER A 29 5.37 -10.34 12.10
CA SER A 29 4.00 -10.04 12.48
C SER A 29 3.02 -11.01 11.81
N SER A 30 2.12 -11.58 12.60
CA SER A 30 1.14 -12.52 12.08
C SER A 30 0.51 -12.01 10.79
N GLU A 31 0.24 -10.70 10.75
CA GLU A 31 -0.36 -10.08 9.59
C GLU A 31 0.26 -8.70 9.32
N PRO A 32 0.31 -8.31 8.04
CA PRO A 32 0.87 -7.02 7.64
C PRO A 32 -0.01 -5.85 8.05
N VAL A 33 0.62 -4.70 8.32
CA VAL A 33 -0.11 -3.51 8.72
C VAL A 33 0.06 -2.39 7.70
N VAL A 34 -0.64 -1.28 7.93
CA VAL A 34 -0.56 -0.13 7.03
C VAL A 34 0.89 0.23 6.74
N GLN A 35 1.74 0.14 7.76
CA GLN A 35 3.15 0.47 7.61
C GLN A 35 3.72 -0.14 6.33
N ASP A 36 3.44 -1.42 6.12
CA ASP A 36 3.92 -2.13 4.93
C ASP A 36 3.26 -1.58 3.67
N LEU A 37 1.95 -1.36 3.74
CA LEU A 37 1.20 -0.85 2.60
C LEU A 37 1.84 0.43 2.06
N ALA A 38 2.32 1.28 2.97
CA ALA A 38 2.96 2.53 2.60
C ALA A 38 4.29 2.28 1.91
N GLN A 39 5.00 1.24 2.35
CA GLN A 39 6.30 0.89 1.77
C GLN A 39 6.12 0.26 0.39
N VAL A 40 5.16 -0.65 0.29
CA VAL A 40 4.89 -1.34 -0.98
C VAL A 40 4.69 -0.34 -2.11
N VAL A 41 4.08 0.80 -1.78
CA VAL A 41 3.83 1.84 -2.78
C VAL A 41 5.12 2.53 -3.20
N GLU A 42 5.82 3.09 -2.23
CA GLU A 42 7.08 3.78 -2.50
C GLU A 42 8.13 2.81 -3.02
N GLU A 43 7.91 1.52 -2.77
CA GLU A 43 8.84 0.49 -3.22
C GLU A 43 8.45 -0.04 -4.59
N VAL A 44 7.15 -0.06 -4.87
CA VAL A 44 6.65 -0.55 -6.14
C VAL A 44 6.32 0.61 -7.08
N ILE A 45 5.39 1.46 -6.66
CA ILE A 45 4.98 2.60 -7.45
C ILE A 45 6.16 3.55 -7.69
N GLY A 46 6.72 4.07 -6.61
CA GLY A 46 7.84 4.98 -6.71
C GLY A 46 7.56 6.33 -6.10
N VAL A 47 6.52 6.39 -5.26
CA VAL A 47 6.14 7.64 -4.60
C VAL A 47 6.42 7.56 -3.10
N PRO A 48 7.07 8.62 -2.57
CA PRO A 48 7.41 8.70 -1.15
C PRO A 48 6.18 8.90 -0.27
N GLN A 49 6.28 8.45 0.98
CA GLN A 49 5.18 8.57 1.92
C GLN A 49 4.78 10.03 2.11
N SER A 50 5.60 10.94 1.60
CA SER A 50 5.34 12.37 1.72
C SER A 50 4.58 12.88 0.50
N PHE A 51 4.57 12.08 -0.56
CA PHE A 51 3.87 12.46 -1.79
C PHE A 51 2.60 11.62 -1.97
N GLN A 52 2.67 10.37 -1.53
CA GLN A 52 1.53 9.46 -1.64
C GLN A 52 0.55 9.67 -0.50
N LYS A 53 -0.74 9.46 -0.78
CA LYS A 53 -1.78 9.63 0.22
C LYS A 53 -2.82 8.51 0.13
N LEU A 54 -2.84 7.65 1.15
CA LEU A 54 -3.78 6.54 1.18
C LEU A 54 -5.17 7.01 1.60
N ILE A 55 -6.19 6.41 1.00
CA ILE A 55 -7.57 6.76 1.32
C ILE A 55 -8.49 5.56 1.18
N PHE A 56 -9.08 5.14 2.30
CA PHE A 56 -9.98 3.99 2.30
C PHE A 56 -11.29 4.34 3.00
N LYS A 57 -12.38 4.31 2.24
CA LYS A 57 -13.70 4.62 2.80
C LYS A 57 -13.81 6.10 3.12
N GLY A 58 -13.36 6.94 2.20
CA GLY A 58 -13.43 8.38 2.42
C GLY A 58 -12.62 8.83 3.62
N LYS A 59 -11.65 8.00 4.02
CA LYS A 59 -10.81 8.32 5.17
C LYS A 59 -9.34 8.16 4.82
N SER A 60 -8.59 9.25 4.93
CA SER A 60 -7.15 9.22 4.62
C SER A 60 -6.39 8.44 5.68
N LEU A 61 -5.76 7.34 5.26
CA LEU A 61 -4.99 6.50 6.17
C LEU A 61 -3.73 7.22 6.64
N LYS A 62 -3.59 7.35 7.95
CA LYS A 62 -2.42 8.01 8.53
C LYS A 62 -1.77 7.13 9.59
N GLU A 63 -2.38 5.98 9.85
CA GLU A 63 -1.85 5.05 10.85
C GLU A 63 -1.04 3.94 10.18
N MET A 64 0.18 3.73 10.66
CA MET A 64 1.05 2.70 10.10
C MET A 64 0.98 1.43 10.94
N GLU A 65 0.91 1.59 12.26
CA GLU A 65 0.84 0.45 13.17
C GLU A 65 -0.51 -0.25 13.06
N THR A 66 -1.50 0.46 12.51
CA THR A 66 -2.84 -0.09 12.35
C THR A 66 -2.86 -1.16 11.27
N PRO A 67 -3.39 -2.35 11.63
CA PRO A 67 -3.48 -3.48 10.71
C PRO A 67 -4.52 -3.25 9.62
N LEU A 68 -4.11 -3.44 8.37
CA LEU A 68 -5.00 -3.25 7.23
C LEU A 68 -6.33 -3.94 7.47
N SER A 69 -6.31 -5.01 8.25
CA SER A 69 -7.53 -5.76 8.56
C SER A 69 -8.50 -4.91 9.38
N ALA A 70 -7.95 -4.15 10.32
CA ALA A 70 -8.76 -3.30 11.18
C ALA A 70 -9.51 -2.25 10.35
N LEU A 71 -8.86 -1.73 9.32
CA LEU A 71 -9.46 -0.73 8.46
C LEU A 71 -10.51 -1.35 7.54
N GLY A 72 -10.42 -2.66 7.34
CA GLY A 72 -11.36 -3.36 6.49
C GLY A 72 -10.74 -3.87 5.21
N ILE A 73 -9.48 -3.50 4.98
CA ILE A 73 -8.77 -3.92 3.78
C ILE A 73 -8.41 -5.41 3.86
N GLN A 74 -8.53 -6.10 2.73
CA GLN A 74 -8.21 -7.52 2.68
C GLN A 74 -7.78 -7.93 1.26
N ASP A 75 -7.11 -9.07 1.16
CA ASP A 75 -6.64 -9.56 -0.13
C ASP A 75 -7.79 -9.60 -1.13
N GLY A 76 -7.86 -8.57 -1.97
CA GLY A 76 -8.91 -8.51 -2.97
C GLY A 76 -9.75 -7.25 -2.87
N CYS A 77 -9.09 -6.14 -2.52
CA CYS A 77 -9.78 -4.86 -2.38
C CYS A 77 -9.13 -3.80 -3.26
N ARG A 78 -9.68 -2.59 -3.23
CA ARG A 78 -9.15 -1.49 -4.02
C ARG A 78 -8.97 -0.24 -3.18
N VAL A 79 -7.72 0.15 -2.96
CA VAL A 79 -7.42 1.33 -2.16
C VAL A 79 -7.09 2.53 -3.06
N MET A 80 -7.50 3.72 -2.61
CA MET A 80 -7.25 4.94 -3.37
C MET A 80 -5.96 5.61 -2.91
N LEU A 81 -5.17 6.08 -3.86
CA LEU A 81 -3.90 6.74 -3.55
C LEU A 81 -3.81 8.08 -4.27
N ILE A 82 -3.43 9.12 -3.52
CA ILE A 82 -3.29 10.45 -4.10
C ILE A 82 -1.87 10.99 -3.90
N GLY A 83 -1.27 11.46 -4.98
CA GLY A 83 0.08 12.00 -4.90
C GLY A 83 0.69 12.21 -6.27
N LYS A 84 2.01 12.40 -6.30
CA LYS A 84 2.73 12.62 -7.55
C LYS A 84 4.01 11.79 -7.59
N LYS A 85 4.61 11.69 -8.78
CA LYS A 85 5.83 10.94 -8.96
C LYS A 85 7.06 11.85 -8.86
N ASN A 86 8.11 11.35 -8.20
CA ASN A 86 9.33 12.13 -8.03
C ASN A 86 10.06 12.28 -9.36
N SER A 87 10.57 13.49 -9.61
CA SER A 87 11.28 13.77 -10.85
C SER A 87 12.59 12.99 -10.92
N GLY A 88 13.04 12.71 -12.14
CA GLY A 88 14.27 11.97 -12.32
C GLY A 88 14.27 11.15 -13.60
N PRO A 89 15.42 10.55 -13.92
CA PRO A 89 15.58 9.73 -15.13
C PRO A 89 14.82 8.41 -15.03
N SER A 90 14.51 8.00 -13.81
CA SER A 90 13.79 6.75 -13.59
C SER A 90 12.32 6.91 -13.98
N SER A 91 11.65 7.89 -13.37
CA SER A 91 10.24 8.13 -13.65
C SER A 91 10.09 9.02 -14.88
N GLY A 92 8.94 8.90 -15.53
CA GLY A 92 8.67 9.70 -16.72
C GLY A 92 7.93 8.92 -17.78
N GLY A 1 1.63 -26.43 -0.04
CA GLY A 1 3.00 -26.79 -0.37
C GLY A 1 3.95 -26.57 0.79
N SER A 2 4.49 -25.36 0.90
CA SER A 2 5.42 -25.03 1.97
C SER A 2 5.09 -23.66 2.56
N SER A 3 5.55 -23.43 3.79
CA SER A 3 5.30 -22.17 4.47
C SER A 3 5.86 -21.00 3.68
N GLY A 4 5.56 -19.78 4.13
CA GLY A 4 6.05 -18.60 3.44
C GLY A 4 4.92 -17.77 2.86
N SER A 5 3.87 -18.44 2.39
CA SER A 5 2.72 -17.74 1.80
C SER A 5 2.13 -16.75 2.79
N SER A 6 2.31 -15.47 2.52
CA SER A 6 1.79 -14.41 3.38
C SER A 6 1.53 -13.14 2.58
N GLY A 7 0.89 -12.17 3.23
CA GLY A 7 0.59 -10.91 2.57
C GLY A 7 -0.79 -10.90 1.96
N LEU A 8 -1.10 -9.84 1.20
CA LEU A 8 -2.39 -9.70 0.55
C LEU A 8 -2.27 -8.96 -0.77
N THR A 9 -3.19 -9.24 -1.68
CA THR A 9 -3.19 -8.60 -3.00
C THR A 9 -4.21 -7.46 -3.05
N VAL A 10 -3.72 -6.23 -2.88
CA VAL A 10 -4.58 -5.06 -2.92
C VAL A 10 -4.10 -4.06 -3.97
N THR A 11 -5.05 -3.50 -4.72
CA THR A 11 -4.73 -2.53 -5.75
C THR A 11 -4.66 -1.12 -5.19
N VAL A 12 -3.87 -0.26 -5.83
CA VAL A 12 -3.72 1.11 -5.39
C VAL A 12 -4.01 2.10 -6.53
N THR A 13 -5.09 2.85 -6.38
CA THR A 13 -5.48 3.83 -7.40
C THR A 13 -4.67 5.12 -7.26
N HIS A 14 -3.71 5.31 -8.16
CA HIS A 14 -2.86 6.50 -8.13
C HIS A 14 -2.81 7.15 -9.51
N SER A 15 -2.69 8.48 -9.52
CA SER A 15 -2.63 9.22 -10.77
C SER A 15 -3.79 8.84 -11.69
N ASN A 16 -4.93 8.49 -11.09
CA ASN A 16 -6.10 8.10 -11.86
C ASN A 16 -5.83 6.82 -12.65
N GLU A 17 -5.04 5.93 -12.06
CA GLU A 17 -4.71 4.67 -12.72
C GLU A 17 -4.90 3.50 -11.76
N LYS A 18 -4.54 2.30 -12.22
CA LYS A 18 -4.67 1.10 -11.41
C LYS A 18 -3.35 0.35 -11.33
N HIS A 19 -2.97 -0.06 -10.12
CA HIS A 19 -1.72 -0.79 -9.92
C HIS A 19 -1.90 -1.86 -8.84
N ASP A 20 -1.68 -3.11 -9.20
CA ASP A 20 -1.80 -4.22 -8.27
C ASP A 20 -0.51 -4.41 -7.48
N LEU A 21 -0.62 -4.37 -6.15
CA LEU A 21 0.54 -4.53 -5.27
C LEU A 21 0.31 -5.67 -4.29
N HIS A 22 1.40 -6.35 -3.93
CA HIS A 22 1.33 -7.47 -2.99
C HIS A 22 1.88 -7.06 -1.62
N VAL A 23 0.99 -6.75 -0.69
CA VAL A 23 1.39 -6.35 0.65
C VAL A 23 1.92 -7.54 1.44
N THR A 24 3.13 -7.40 1.96
CA THR A 24 3.75 -8.47 2.74
C THR A 24 4.30 -7.94 4.06
N SER A 25 4.35 -8.80 5.07
CA SER A 25 4.86 -8.41 6.38
C SER A 25 6.37 -8.22 6.34
N GLN A 26 6.95 -7.95 7.50
CA GLN A 26 8.39 -7.73 7.60
C GLN A 26 9.08 -8.95 8.21
N GLN A 27 8.73 -10.13 7.73
CA GLN A 27 9.32 -11.37 8.23
C GLN A 27 9.49 -11.32 9.75
N GLY A 28 8.50 -10.75 10.43
CA GLY A 28 8.56 -10.65 11.87
C GLY A 28 7.19 -10.56 12.51
N SER A 29 6.28 -9.83 11.87
CA SER A 29 4.93 -9.66 12.38
C SER A 29 3.99 -10.72 11.80
N SER A 30 3.14 -11.29 12.64
CA SER A 30 2.21 -12.31 12.22
C SER A 30 1.50 -11.90 10.93
N GLU A 31 0.96 -10.68 10.92
CA GLU A 31 0.26 -10.16 9.75
C GLU A 31 0.76 -8.77 9.39
N PRO A 32 0.71 -8.45 8.08
CA PRO A 32 1.16 -7.14 7.57
C PRO A 32 0.23 -6.01 8.00
N VAL A 33 0.79 -4.81 8.11
CA VAL A 33 0.02 -3.64 8.51
C VAL A 33 0.19 -2.50 7.51
N VAL A 34 -0.43 -1.37 7.79
CA VAL A 34 -0.35 -0.20 6.92
C VAL A 34 1.10 0.12 6.57
N GLN A 35 1.97 0.07 7.58
CA GLN A 35 3.39 0.36 7.37
C GLN A 35 3.91 -0.35 6.13
N ASP A 36 3.46 -1.58 5.92
CA ASP A 36 3.88 -2.37 4.76
C ASP A 36 3.29 -1.79 3.47
N LEU A 37 2.01 -1.48 3.50
CA LEU A 37 1.33 -0.93 2.33
C LEU A 37 2.05 0.32 1.81
N ALA A 38 2.29 1.27 2.71
CA ALA A 38 2.98 2.49 2.35
C ALA A 38 4.32 2.20 1.68
N GLN A 39 5.06 1.26 2.26
CA GLN A 39 6.37 0.88 1.71
C GLN A 39 6.22 0.24 0.34
N VAL A 40 5.23 -0.64 0.20
CA VAL A 40 4.98 -1.31 -1.07
C VAL A 40 4.77 -0.31 -2.20
N VAL A 41 4.17 0.83 -1.86
CA VAL A 41 3.90 1.87 -2.85
C VAL A 41 5.18 2.56 -3.28
N GLU A 42 5.89 3.14 -2.32
CA GLU A 42 7.14 3.84 -2.60
C GLU A 42 8.18 2.87 -3.17
N GLU A 43 7.94 1.58 -2.99
CA GLU A 43 8.85 0.55 -3.49
C GLU A 43 8.40 0.03 -4.84
N VAL A 44 7.09 -0.07 -5.04
CA VAL A 44 6.53 -0.55 -6.29
C VAL A 44 6.19 0.60 -7.23
N ILE A 45 5.35 1.50 -6.77
CA ILE A 45 4.95 2.65 -7.57
C ILE A 45 6.13 3.59 -7.80
N GLY A 46 6.68 4.12 -6.71
CA GLY A 46 7.81 5.02 -6.83
C GLY A 46 7.55 6.37 -6.19
N VAL A 47 6.53 6.43 -5.33
CA VAL A 47 6.16 7.66 -4.66
C VAL A 47 6.45 7.57 -3.16
N PRO A 48 7.12 8.60 -2.63
CA PRO A 48 7.47 8.66 -1.20
C PRO A 48 6.25 8.87 -0.31
N GLN A 49 6.35 8.43 0.93
CA GLN A 49 5.25 8.57 1.88
C GLN A 49 4.90 10.04 2.09
N SER A 50 5.73 10.93 1.56
CA SER A 50 5.51 12.36 1.69
C SER A 50 4.79 12.92 0.46
N PHE A 51 4.63 12.07 -0.54
CA PHE A 51 3.96 12.47 -1.78
C PHE A 51 2.80 11.53 -2.10
N GLN A 52 2.32 10.83 -1.08
CA GLN A 52 1.21 9.89 -1.26
C GLN A 52 0.27 9.92 -0.06
N LYS A 53 -1.02 9.72 -0.31
CA LYS A 53 -2.02 9.73 0.75
C LYS A 53 -3.01 8.59 0.57
N LEU A 54 -3.01 7.66 1.52
CA LEU A 54 -3.92 6.52 1.47
C LEU A 54 -5.32 6.91 1.90
N ILE A 55 -6.32 6.31 1.27
CA ILE A 55 -7.71 6.59 1.58
C ILE A 55 -8.59 5.36 1.39
N PHE A 56 -9.30 4.97 2.44
CA PHE A 56 -10.18 3.81 2.38
C PHE A 56 -11.51 4.09 3.07
N LYS A 57 -12.61 3.77 2.38
CA LYS A 57 -13.94 3.99 2.93
C LYS A 57 -14.18 5.47 3.19
N GLY A 58 -13.56 6.32 2.37
CA GLY A 58 -13.73 7.75 2.52
C GLY A 58 -12.95 8.31 3.69
N LYS A 59 -11.97 7.54 4.17
CA LYS A 59 -11.14 7.96 5.29
C LYS A 59 -9.66 7.79 4.97
N SER A 60 -8.90 8.87 5.11
CA SER A 60 -7.47 8.84 4.85
C SER A 60 -6.74 8.01 5.89
N LEU A 61 -5.84 7.13 5.42
CA LEU A 61 -5.07 6.28 6.33
C LEU A 61 -3.76 6.94 6.71
N LYS A 62 -3.62 7.25 7.99
CA LYS A 62 -2.41 7.89 8.49
C LYS A 62 -1.60 6.92 9.36
N GLU A 63 -2.31 6.12 10.15
CA GLU A 63 -1.65 5.15 11.03
C GLU A 63 -0.88 4.12 10.22
N MET A 64 0.36 3.87 10.61
CA MET A 64 1.21 2.91 9.93
C MET A 64 1.29 1.60 10.70
N GLU A 65 1.26 1.71 12.03
CA GLU A 65 1.33 0.52 12.89
C GLU A 65 -0.03 -0.17 12.98
N THR A 66 -1.04 0.43 12.34
CA THR A 66 -2.38 -0.12 12.35
C THR A 66 -2.50 -1.27 11.35
N PRO A 67 -3.10 -2.38 11.80
CA PRO A 67 -3.30 -3.56 10.95
C PRO A 67 -4.33 -3.33 9.86
N LEU A 68 -3.98 -3.67 8.63
CA LEU A 68 -4.88 -3.51 7.50
C LEU A 68 -6.21 -4.20 7.74
N SER A 69 -6.21 -5.15 8.67
CA SER A 69 -7.42 -5.90 9.00
C SER A 69 -8.39 -5.03 9.78
N ALA A 70 -7.86 -4.17 10.64
CA ALA A 70 -8.68 -3.27 11.45
C ALA A 70 -9.40 -2.26 10.58
N LEU A 71 -8.70 -1.75 9.57
CA LEU A 71 -9.27 -0.76 8.65
C LEU A 71 -10.32 -1.40 7.75
N GLY A 72 -10.31 -2.73 7.69
CA GLY A 72 -11.26 -3.44 6.84
C GLY A 72 -10.66 -3.87 5.52
N ILE A 73 -9.36 -3.61 5.35
CA ILE A 73 -8.68 -3.98 4.12
C ILE A 73 -8.25 -5.44 4.14
N GLN A 74 -8.41 -6.12 2.99
CA GLN A 74 -8.05 -7.52 2.88
C GLN A 74 -7.60 -7.85 1.45
N ASP A 75 -7.08 -9.05 1.27
CA ASP A 75 -6.61 -9.50 -0.04
C ASP A 75 -7.76 -9.47 -1.05
N GLY A 76 -7.60 -8.66 -2.10
CA GLY A 76 -8.63 -8.56 -3.12
C GLY A 76 -9.42 -7.27 -3.01
N CYS A 77 -8.92 -6.32 -2.24
CA CYS A 77 -9.59 -5.04 -2.04
C CYS A 77 -9.01 -3.99 -2.99
N ARG A 78 -9.54 -2.78 -2.90
CA ARG A 78 -9.09 -1.68 -3.75
C ARG A 78 -9.02 -0.38 -2.95
N VAL A 79 -7.81 0.14 -2.77
CA VAL A 79 -7.61 1.38 -2.03
C VAL A 79 -7.33 2.54 -2.97
N MET A 80 -7.50 3.76 -2.47
CA MET A 80 -7.27 4.95 -3.26
C MET A 80 -6.03 5.71 -2.78
N LEU A 81 -5.10 5.96 -3.69
CA LEU A 81 -3.87 6.68 -3.34
C LEU A 81 -3.80 8.01 -4.07
N ILE A 82 -3.61 9.09 -3.31
CA ILE A 82 -3.52 10.43 -3.88
C ILE A 82 -2.10 10.98 -3.76
N GLY A 83 -1.49 11.30 -4.89
CA GLY A 83 -0.14 11.84 -4.88
C GLY A 83 0.37 12.13 -6.28
N LYS A 84 1.62 12.58 -6.35
CA LYS A 84 2.24 12.90 -7.64
C LYS A 84 3.31 11.87 -8.00
N LYS A 85 3.24 11.36 -9.22
CA LYS A 85 4.21 10.37 -9.68
C LYS A 85 5.41 11.05 -10.34
N ASN A 86 6.60 10.58 -9.98
CA ASN A 86 7.83 11.14 -10.54
C ASN A 86 8.07 10.64 -11.96
N SER A 87 8.89 11.36 -12.71
CA SER A 87 9.20 10.99 -14.09
C SER A 87 10.42 10.07 -14.14
N GLY A 88 10.18 8.82 -14.54
CA GLY A 88 11.26 7.86 -14.63
C GLY A 88 11.57 7.21 -13.30
N PRO A 89 12.38 6.14 -13.34
CA PRO A 89 12.77 5.40 -12.13
C PRO A 89 13.71 6.21 -11.23
N SER A 90 14.31 5.54 -10.26
CA SER A 90 15.23 6.19 -9.33
C SER A 90 16.52 6.60 -10.04
N SER A 91 16.59 7.88 -10.41
CA SER A 91 17.77 8.41 -11.10
C SER A 91 18.96 8.50 -10.15
N GLY A 92 18.80 9.29 -9.10
CA GLY A 92 19.86 9.48 -8.13
C GLY A 92 19.44 9.11 -6.72
N GLY A 1 -0.74 -21.39 -7.95
CA GLY A 1 -1.68 -20.44 -7.39
C GLY A 1 -1.21 -19.87 -6.07
N SER A 2 -2.14 -19.60 -5.16
CA SER A 2 -1.82 -19.05 -3.86
C SER A 2 -2.16 -20.05 -2.75
N SER A 3 -1.14 -20.47 -2.00
CA SER A 3 -1.33 -21.42 -0.91
C SER A 3 -1.11 -20.75 0.44
N GLY A 4 -2.17 -20.18 1.00
CA GLY A 4 -2.06 -19.52 2.29
C GLY A 4 -0.93 -18.52 2.33
N SER A 5 -1.16 -17.35 1.73
CA SER A 5 -0.15 -16.30 1.71
C SER A 5 -0.42 -15.24 2.77
N SER A 6 0.57 -14.99 3.62
CA SER A 6 0.44 -14.02 4.69
C SER A 6 0.06 -12.64 4.13
N GLY A 7 0.71 -12.28 3.02
CA GLY A 7 0.43 -10.99 2.40
C GLY A 7 -0.95 -10.93 1.78
N LEU A 8 -1.32 -9.75 1.28
CA LEU A 8 -2.63 -9.56 0.66
C LEU A 8 -2.49 -8.86 -0.68
N THR A 9 -3.44 -9.13 -1.59
CA THR A 9 -3.42 -8.52 -2.91
C THR A 9 -4.40 -7.35 -2.99
N VAL A 10 -3.87 -6.14 -2.85
CA VAL A 10 -4.69 -4.94 -2.92
C VAL A 10 -4.18 -3.98 -3.97
N THR A 11 -5.10 -3.42 -4.76
CA THR A 11 -4.74 -2.49 -5.81
C THR A 11 -4.78 -1.05 -5.31
N VAL A 12 -3.83 -0.23 -5.77
CA VAL A 12 -3.77 1.16 -5.36
C VAL A 12 -4.07 2.09 -6.54
N THR A 13 -5.09 2.92 -6.39
CA THR A 13 -5.49 3.85 -7.44
C THR A 13 -4.68 5.14 -7.35
N HIS A 14 -3.68 5.26 -8.21
CA HIS A 14 -2.82 6.44 -8.24
C HIS A 14 -2.87 7.12 -9.61
N SER A 15 -3.08 8.43 -9.60
CA SER A 15 -3.15 9.19 -10.85
C SER A 15 -4.25 8.66 -11.75
N ASN A 16 -5.41 8.38 -11.16
CA ASN A 16 -6.55 7.86 -11.91
C ASN A 16 -6.16 6.61 -12.70
N GLU A 17 -5.30 5.79 -12.10
CA GLU A 17 -4.85 4.56 -12.74
C GLU A 17 -5.04 3.36 -11.81
N LYS A 18 -4.60 2.19 -12.28
CA LYS A 18 -4.72 0.96 -11.50
C LYS A 18 -3.38 0.26 -11.39
N HIS A 19 -2.94 0.01 -10.16
CA HIS A 19 -1.67 -0.68 -9.93
C HIS A 19 -1.81 -1.73 -8.84
N ASP A 20 -1.81 -2.99 -9.23
CA ASP A 20 -1.93 -4.10 -8.29
C ASP A 20 -0.63 -4.30 -7.51
N LEU A 21 -0.75 -4.34 -6.18
CA LEU A 21 0.42 -4.53 -5.33
C LEU A 21 0.18 -5.64 -4.31
N HIS A 22 1.24 -6.33 -3.93
CA HIS A 22 1.14 -7.42 -2.96
C HIS A 22 1.75 -7.00 -1.62
N VAL A 23 0.88 -6.71 -0.66
CA VAL A 23 1.32 -6.30 0.66
C VAL A 23 1.78 -7.51 1.49
N THR A 24 2.87 -7.32 2.23
CA THR A 24 3.41 -8.40 3.06
C THR A 24 3.90 -7.85 4.40
N SER A 25 3.71 -8.64 5.46
CA SER A 25 4.14 -8.23 6.80
C SER A 25 5.63 -7.94 6.83
N GLN A 26 6.13 -7.61 8.01
CA GLN A 26 7.55 -7.30 8.18
C GLN A 26 8.33 -8.54 8.63
N GLN A 27 7.96 -9.69 8.06
CA GLN A 27 8.63 -10.94 8.41
C GLN A 27 8.68 -11.13 9.92
N GLY A 28 7.61 -10.76 10.60
CA GLY A 28 7.56 -10.89 12.04
C GLY A 28 6.14 -10.91 12.58
N SER A 29 5.35 -9.90 12.22
CA SER A 29 3.97 -9.80 12.67
C SER A 29 3.09 -10.80 11.93
N SER A 30 2.28 -11.53 12.67
CA SER A 30 1.38 -12.52 12.09
C SER A 30 0.63 -11.93 10.89
N GLU A 31 0.04 -10.76 11.09
CA GLU A 31 -0.70 -10.10 10.03
C GLU A 31 -0.05 -8.78 9.65
N PRO A 32 -0.11 -8.43 8.36
CA PRO A 32 0.47 -7.19 7.83
C PRO A 32 -0.29 -5.96 8.29
N VAL A 33 0.30 -4.78 8.08
CA VAL A 33 -0.32 -3.52 8.47
C VAL A 33 -0.08 -2.45 7.42
N VAL A 34 -0.64 -1.26 7.67
CA VAL A 34 -0.49 -0.15 6.74
C VAL A 34 0.97 0.10 6.39
N GLN A 35 1.81 0.21 7.42
CA GLN A 35 3.24 0.45 7.23
C GLN A 35 3.74 -0.26 5.97
N ASP A 36 3.52 -1.57 5.91
CA ASP A 36 3.95 -2.36 4.76
C ASP A 36 3.40 -1.78 3.46
N LEU A 37 2.09 -1.50 3.46
CA LEU A 37 1.44 -0.95 2.28
C LEU A 37 2.15 0.33 1.81
N ALA A 38 2.31 1.27 2.72
CA ALA A 38 2.97 2.54 2.41
C ALA A 38 4.32 2.29 1.74
N GLN A 39 5.04 1.28 2.22
CA GLN A 39 6.35 0.94 1.66
C GLN A 39 6.21 0.30 0.28
N VAL A 40 5.26 -0.63 0.16
CA VAL A 40 5.03 -1.32 -1.10
C VAL A 40 4.78 -0.33 -2.23
N VAL A 41 4.19 0.81 -1.90
CA VAL A 41 3.91 1.84 -2.89
C VAL A 41 5.18 2.59 -3.28
N GLU A 42 5.84 3.19 -2.28
CA GLU A 42 7.06 3.94 -2.53
C GLU A 42 8.15 3.03 -3.11
N GLU A 43 7.98 1.73 -2.93
CA GLU A 43 8.94 0.76 -3.44
C GLU A 43 8.55 0.28 -4.83
N VAL A 44 7.25 0.13 -5.06
CA VAL A 44 6.74 -0.33 -6.35
C VAL A 44 6.39 0.85 -7.24
N ILE A 45 5.49 1.71 -6.77
CA ILE A 45 5.07 2.88 -7.53
C ILE A 45 6.22 3.84 -7.72
N GLY A 46 6.78 4.33 -6.62
CA GLY A 46 7.89 5.26 -6.69
C GLY A 46 7.58 6.59 -6.03
N VAL A 47 6.46 6.65 -5.31
CA VAL A 47 6.05 7.86 -4.62
C VAL A 47 6.32 7.76 -3.13
N PRO A 48 6.96 8.79 -2.57
CA PRO A 48 7.30 8.85 -1.15
C PRO A 48 6.06 9.01 -0.27
N GLN A 49 6.15 8.52 0.97
CA GLN A 49 5.04 8.62 1.91
C GLN A 49 4.66 10.07 2.16
N SER A 50 5.50 10.98 1.68
CA SER A 50 5.25 12.41 1.86
C SER A 50 4.50 12.99 0.66
N PHE A 51 4.40 12.20 -0.40
CA PHE A 51 3.72 12.63 -1.62
C PHE A 51 2.50 11.75 -1.89
N GLN A 52 2.36 10.69 -1.12
CA GLN A 52 1.25 9.76 -1.28
C GLN A 52 0.33 9.79 -0.06
N LYS A 53 -0.97 9.62 -0.29
CA LYS A 53 -1.95 9.63 0.78
C LYS A 53 -2.97 8.51 0.59
N LEU A 54 -3.00 7.57 1.54
CA LEU A 54 -3.91 6.45 1.49
C LEU A 54 -5.32 6.87 1.91
N ILE A 55 -6.33 6.33 1.25
CA ILE A 55 -7.71 6.66 1.57
C ILE A 55 -8.62 5.45 1.35
N PHE A 56 -9.28 5.01 2.42
CA PHE A 56 -10.18 3.86 2.33
C PHE A 56 -11.52 4.18 3.00
N LYS A 57 -12.60 3.99 2.25
CA LYS A 57 -13.95 4.26 2.76
C LYS A 57 -14.06 5.69 3.25
N GLY A 58 -13.45 6.61 2.52
CA GLY A 58 -13.51 8.02 2.89
C GLY A 58 -12.70 8.32 4.14
N LYS A 59 -11.69 7.50 4.41
CA LYS A 59 -10.85 7.68 5.58
C LYS A 59 -9.37 7.69 5.19
N SER A 60 -8.68 8.78 5.51
CA SER A 60 -7.27 8.92 5.19
C SER A 60 -6.42 8.06 6.11
N LEU A 61 -5.77 7.05 5.54
CA LEU A 61 -4.92 6.15 6.32
C LEU A 61 -3.58 6.82 6.65
N LYS A 62 -3.51 7.40 7.84
CA LYS A 62 -2.30 8.07 8.29
C LYS A 62 -1.51 7.18 9.24
N GLU A 63 -2.21 6.32 9.96
CA GLU A 63 -1.57 5.41 10.91
C GLU A 63 -0.94 4.24 10.19
N MET A 64 0.32 3.95 10.53
CA MET A 64 1.04 2.85 9.90
C MET A 64 0.99 1.60 10.78
N GLU A 65 1.04 1.80 12.09
CA GLU A 65 0.99 0.68 13.03
C GLU A 65 -0.40 0.06 13.06
N THR A 66 -1.33 0.66 12.32
CA THR A 66 -2.70 0.15 12.26
C THR A 66 -2.81 -1.00 11.26
N PRO A 67 -3.41 -2.11 11.71
CA PRO A 67 -3.60 -3.29 10.86
C PRO A 67 -4.63 -3.06 9.76
N LEU A 68 -4.24 -3.33 8.52
CA LEU A 68 -5.14 -3.16 7.38
C LEU A 68 -6.49 -3.83 7.64
N SER A 69 -6.49 -4.81 8.53
CA SER A 69 -7.71 -5.54 8.86
C SER A 69 -8.72 -4.62 9.54
N ALA A 70 -8.23 -3.80 10.46
CA ALA A 70 -9.09 -2.87 11.18
C ALA A 70 -9.70 -1.83 10.25
N LEU A 71 -8.91 -1.40 9.27
CA LEU A 71 -9.37 -0.41 8.30
C LEU A 71 -10.42 -1.00 7.36
N GLY A 72 -10.45 -2.33 7.29
CA GLY A 72 -11.41 -3.00 6.44
C GLY A 72 -10.79 -3.50 5.14
N ILE A 73 -9.48 -3.30 5.00
CA ILE A 73 -8.77 -3.72 3.81
C ILE A 73 -8.31 -5.18 3.92
N GLN A 74 -8.43 -5.92 2.83
CA GLN A 74 -8.02 -7.33 2.81
C GLN A 74 -7.63 -7.76 1.40
N ASP A 75 -7.04 -8.94 1.30
CA ASP A 75 -6.61 -9.48 0.02
C ASP A 75 -7.78 -9.51 -0.97
N GLY A 76 -7.82 -8.52 -1.87
CA GLY A 76 -8.87 -8.45 -2.85
C GLY A 76 -9.69 -7.18 -2.73
N CYS A 77 -9.01 -6.06 -2.46
CA CYS A 77 -9.68 -4.77 -2.31
C CYS A 77 -8.98 -3.70 -3.14
N ARG A 78 -9.66 -2.59 -3.36
CA ARG A 78 -9.11 -1.49 -4.13
C ARG A 78 -9.04 -0.21 -3.29
N VAL A 79 -7.82 0.22 -2.98
CA VAL A 79 -7.61 1.42 -2.19
C VAL A 79 -7.19 2.60 -3.07
N MET A 80 -7.58 3.80 -2.65
CA MET A 80 -7.25 5.01 -3.40
C MET A 80 -5.96 5.63 -2.89
N LEU A 81 -5.20 6.23 -3.80
CA LEU A 81 -3.93 6.87 -3.43
C LEU A 81 -3.76 8.19 -4.18
N ILE A 82 -3.54 9.25 -3.43
CA ILE A 82 -3.35 10.58 -4.02
C ILE A 82 -1.90 11.02 -3.91
N GLY A 83 -1.32 11.43 -5.03
CA GLY A 83 0.06 11.88 -5.04
C GLY A 83 0.59 12.09 -6.44
N LYS A 84 1.81 12.62 -6.53
CA LYS A 84 2.43 12.88 -7.82
C LYS A 84 3.61 11.93 -8.06
N LYS A 85 3.62 11.28 -9.22
CA LYS A 85 4.69 10.35 -9.57
C LYS A 85 6.03 11.06 -9.62
N ASN A 86 6.87 10.83 -8.62
CA ASN A 86 8.19 11.44 -8.57
C ASN A 86 9.27 10.40 -8.35
N SER A 87 9.72 9.78 -9.44
CA SER A 87 10.75 8.76 -9.38
C SER A 87 11.95 9.23 -8.56
N GLY A 88 12.48 8.35 -7.72
CA GLY A 88 13.63 8.71 -6.90
C GLY A 88 14.76 7.70 -7.01
N PRO A 89 15.54 7.80 -8.08
CA PRO A 89 16.68 6.90 -8.32
C PRO A 89 17.81 7.12 -7.33
N SER A 90 18.57 6.06 -7.06
CA SER A 90 19.70 6.14 -6.13
C SER A 90 20.62 4.95 -6.29
N SER A 91 21.79 5.18 -6.88
CA SER A 91 22.77 4.12 -7.10
C SER A 91 24.19 4.67 -7.04
N GLY A 92 25.09 3.89 -6.46
CA GLY A 92 26.47 4.31 -6.35
C GLY A 92 27.36 3.73 -7.44
N GLY A 1 -1.39 -25.89 -8.68
CA GLY A 1 -2.18 -25.56 -7.51
C GLY A 1 -1.59 -24.39 -6.73
N SER A 2 -2.45 -23.43 -6.39
CA SER A 2 -2.00 -22.25 -5.65
C SER A 2 -3.20 -21.53 -5.01
N SER A 3 -3.08 -21.25 -3.71
CA SER A 3 -4.15 -20.58 -2.98
C SER A 3 -3.71 -20.26 -1.56
N GLY A 4 -4.00 -19.04 -1.11
CA GLY A 4 -3.63 -18.64 0.24
C GLY A 4 -2.21 -18.11 0.31
N SER A 5 -1.98 -17.18 1.24
CA SER A 5 -0.66 -16.58 1.40
C SER A 5 -0.64 -15.66 2.62
N SER A 6 0.57 -15.30 3.05
CA SER A 6 0.73 -14.41 4.21
C SER A 6 0.30 -12.99 3.87
N GLY A 7 0.86 -12.45 2.79
CA GLY A 7 0.52 -11.10 2.38
C GLY A 7 -0.86 -11.02 1.75
N LEU A 8 -1.21 -9.84 1.24
CA LEU A 8 -2.50 -9.62 0.61
C LEU A 8 -2.35 -8.90 -0.73
N THR A 9 -3.26 -9.19 -1.65
CA THR A 9 -3.21 -8.57 -2.98
C THR A 9 -4.21 -7.41 -3.06
N VAL A 10 -3.70 -6.20 -2.89
CA VAL A 10 -4.53 -5.00 -2.94
C VAL A 10 -4.02 -4.03 -4.00
N THR A 11 -4.94 -3.48 -4.79
CA THR A 11 -4.58 -2.54 -5.84
C THR A 11 -4.53 -1.11 -5.30
N VAL A 12 -3.66 -0.29 -5.88
CA VAL A 12 -3.51 1.09 -5.46
C VAL A 12 -3.83 2.06 -6.60
N THR A 13 -4.92 2.80 -6.45
CA THR A 13 -5.34 3.76 -7.46
C THR A 13 -4.52 5.04 -7.39
N HIS A 14 -3.52 5.14 -8.25
CA HIS A 14 -2.66 6.32 -8.29
C HIS A 14 -2.43 6.79 -9.72
N SER A 15 -2.07 8.05 -9.88
CA SER A 15 -1.82 8.62 -11.20
C SER A 15 -2.99 8.32 -12.15
N ASN A 16 -4.20 8.38 -11.61
CA ASN A 16 -5.40 8.12 -12.40
C ASN A 16 -5.32 6.76 -13.07
N GLU A 17 -4.53 5.86 -12.48
CA GLU A 17 -4.38 4.51 -13.02
C GLU A 17 -4.43 3.47 -11.90
N LYS A 18 -4.48 2.20 -12.29
CA LYS A 18 -4.52 1.11 -11.32
C LYS A 18 -3.23 0.31 -11.34
N HIS A 19 -2.74 -0.03 -10.15
CA HIS A 19 -1.50 -0.80 -10.03
C HIS A 19 -1.60 -1.82 -8.90
N ASP A 20 -1.75 -3.09 -9.27
CA ASP A 20 -1.86 -4.16 -8.28
C ASP A 20 -0.55 -4.34 -7.51
N LEU A 21 -0.64 -4.33 -6.20
CA LEU A 21 0.54 -4.48 -5.35
C LEU A 21 0.33 -5.60 -4.34
N HIS A 22 1.42 -6.29 -3.99
CA HIS A 22 1.36 -7.38 -3.02
C HIS A 22 1.96 -6.97 -1.69
N VAL A 23 1.11 -6.75 -0.70
CA VAL A 23 1.55 -6.34 0.62
C VAL A 23 2.13 -7.52 1.39
N THR A 24 3.10 -7.24 2.27
CA THR A 24 3.74 -8.28 3.06
C THR A 24 4.06 -7.77 4.47
N SER A 25 4.16 -8.70 5.41
CA SER A 25 4.47 -8.35 6.79
C SER A 25 5.94 -8.00 6.96
N GLN A 26 6.26 -7.32 8.05
CA GLN A 26 7.64 -6.92 8.32
C GLN A 26 8.40 -8.04 9.02
N GLN A 27 8.11 -9.28 8.63
CA GLN A 27 8.76 -10.44 9.22
C GLN A 27 8.92 -10.27 10.73
N GLY A 28 7.90 -9.69 11.36
CA GLY A 28 7.94 -9.48 12.79
C GLY A 28 6.59 -9.71 13.46
N SER A 29 5.54 -9.18 12.84
CA SER A 29 4.19 -9.32 13.37
C SER A 29 3.44 -10.44 12.66
N SER A 30 2.61 -11.16 13.40
CA SER A 30 1.84 -12.26 12.85
C SER A 30 1.20 -11.87 11.52
N GLU A 31 0.68 -10.64 11.46
CA GLU A 31 0.05 -10.14 10.25
C GLU A 31 0.61 -8.77 9.87
N PRO A 32 0.58 -8.47 8.56
CA PRO A 32 1.09 -7.19 8.03
C PRO A 32 0.21 -6.02 8.43
N VAL A 33 0.79 -4.82 8.43
CA VAL A 33 0.06 -3.61 8.78
C VAL A 33 0.24 -2.52 7.73
N VAL A 34 -0.52 -1.44 7.85
CA VAL A 34 -0.45 -0.34 6.91
C VAL A 34 1.01 0.01 6.61
N GLN A 35 1.84 0.05 7.64
CA GLN A 35 3.25 0.37 7.48
C GLN A 35 3.83 -0.33 6.25
N ASP A 36 3.46 -1.59 6.06
CA ASP A 36 3.93 -2.37 4.92
C ASP A 36 3.32 -1.87 3.62
N LEU A 37 2.02 -1.55 3.67
CA LEU A 37 1.31 -1.07 2.49
C LEU A 37 1.96 0.20 1.95
N ALA A 38 2.22 1.15 2.84
CA ALA A 38 2.84 2.41 2.45
C ALA A 38 4.18 2.18 1.77
N GLN A 39 4.97 1.26 2.31
CA GLN A 39 6.27 0.94 1.73
C GLN A 39 6.12 0.33 0.35
N VAL A 40 5.28 -0.69 0.25
CA VAL A 40 5.05 -1.37 -1.02
C VAL A 40 4.83 -0.36 -2.16
N VAL A 41 4.18 0.75 -1.83
CA VAL A 41 3.90 1.79 -2.81
C VAL A 41 5.18 2.53 -3.19
N GLU A 42 5.83 3.13 -2.20
CA GLU A 42 7.07 3.87 -2.43
C GLU A 42 8.14 2.96 -3.03
N GLU A 43 7.97 1.65 -2.85
CA GLU A 43 8.92 0.68 -3.36
C GLU A 43 8.53 0.21 -4.76
N VAL A 44 7.22 0.10 -5.00
CA VAL A 44 6.71 -0.33 -6.29
C VAL A 44 6.37 0.86 -7.17
N ILE A 45 5.45 1.69 -6.70
CA ILE A 45 5.02 2.87 -7.45
C ILE A 45 6.19 3.84 -7.65
N GLY A 46 6.75 4.32 -6.53
CA GLY A 46 7.86 5.24 -6.61
C GLY A 46 7.56 6.56 -5.94
N VAL A 47 6.45 6.62 -5.21
CA VAL A 47 6.04 7.84 -4.52
C VAL A 47 6.30 7.72 -3.02
N PRO A 48 6.91 8.77 -2.45
CA PRO A 48 7.22 8.82 -1.01
C PRO A 48 5.97 8.96 -0.15
N GLN A 49 6.02 8.42 1.06
CA GLN A 49 4.89 8.48 1.98
C GLN A 49 4.51 9.93 2.28
N SER A 50 5.39 10.85 1.89
CA SER A 50 5.13 12.28 2.12
C SER A 50 4.36 12.89 0.94
N PHE A 51 4.28 12.14 -0.16
CA PHE A 51 3.58 12.61 -1.34
C PHE A 51 2.35 11.76 -1.60
N GLN A 52 2.39 10.51 -1.16
CA GLN A 52 1.26 9.59 -1.35
C GLN A 52 0.31 9.65 -0.16
N LYS A 53 -0.99 9.60 -0.45
CA LYS A 53 -2.01 9.65 0.59
C LYS A 53 -2.99 8.49 0.43
N LEU A 54 -3.02 7.60 1.42
CA LEU A 54 -3.92 6.46 1.39
C LEU A 54 -5.32 6.86 1.82
N ILE A 55 -6.32 6.33 1.12
CA ILE A 55 -7.72 6.63 1.44
C ILE A 55 -8.60 5.41 1.22
N PHE A 56 -9.20 4.92 2.31
CA PHE A 56 -10.07 3.76 2.25
C PHE A 56 -11.45 4.08 2.80
N LYS A 57 -12.48 3.79 2.01
CA LYS A 57 -13.86 4.05 2.43
C LYS A 57 -14.05 5.52 2.79
N GLY A 58 -13.57 6.41 1.91
CA GLY A 58 -13.70 7.83 2.16
C GLY A 58 -13.01 8.27 3.44
N LYS A 59 -11.90 7.61 3.76
CA LYS A 59 -11.15 7.93 4.97
C LYS A 59 -9.65 7.85 4.71
N SER A 60 -8.94 8.95 4.97
CA SER A 60 -7.50 9.00 4.76
C SER A 60 -6.77 8.16 5.82
N LEU A 61 -6.02 7.17 5.36
CA LEU A 61 -5.28 6.30 6.26
C LEU A 61 -3.99 6.97 6.73
N LYS A 62 -3.96 7.38 7.99
CA LYS A 62 -2.78 8.02 8.56
C LYS A 62 -2.22 7.21 9.72
N GLU A 63 -2.40 5.89 9.65
CA GLU A 63 -1.91 5.00 10.69
C GLU A 63 -1.12 3.85 10.10
N MET A 64 0.13 3.69 10.54
CA MET A 64 0.99 2.62 10.05
C MET A 64 0.99 1.44 11.02
N GLU A 65 0.99 1.74 12.31
CA GLU A 65 0.99 0.70 13.33
C GLU A 65 -0.37 0.00 13.41
N THR A 66 -1.30 0.45 12.56
CA THR A 66 -2.64 -0.13 12.54
C THR A 66 -2.71 -1.30 11.57
N PRO A 67 -3.25 -2.43 12.04
CA PRO A 67 -3.40 -3.64 11.23
C PRO A 67 -4.45 -3.49 10.13
N LEU A 68 -4.07 -3.84 8.90
CA LEU A 68 -4.96 -3.73 7.76
C LEU A 68 -6.35 -4.25 8.11
N SER A 69 -6.42 -5.16 9.09
CA SER A 69 -7.67 -5.74 9.52
C SER A 69 -8.55 -4.68 10.19
N ALA A 70 -7.93 -3.83 11.00
CA ALA A 70 -8.66 -2.77 11.70
C ALA A 70 -9.43 -1.91 10.73
N LEU A 71 -8.76 -1.46 9.67
CA LEU A 71 -9.40 -0.61 8.66
C LEU A 71 -10.42 -1.40 7.86
N GLY A 72 -10.29 -2.73 7.87
CA GLY A 72 -11.22 -3.57 7.15
C GLY A 72 -10.67 -4.01 5.80
N ILE A 73 -9.44 -3.58 5.49
CA ILE A 73 -8.80 -3.94 4.24
C ILE A 73 -8.35 -5.40 4.25
N GLN A 74 -8.50 -6.07 3.11
CA GLN A 74 -8.10 -7.46 2.98
C GLN A 74 -7.62 -7.77 1.57
N ASP A 75 -7.11 -8.97 1.36
CA ASP A 75 -6.62 -9.39 0.06
C ASP A 75 -7.77 -9.49 -0.94
N GLY A 76 -7.75 -8.61 -1.95
CA GLY A 76 -8.79 -8.62 -2.95
C GLY A 76 -9.59 -7.32 -2.96
N CYS A 77 -9.04 -6.28 -2.36
CA CYS A 77 -9.70 -4.99 -2.29
C CYS A 77 -8.97 -3.95 -3.14
N ARG A 78 -9.55 -2.77 -3.24
CA ARG A 78 -8.96 -1.68 -4.02
C ARG A 78 -8.89 -0.40 -3.21
N VAL A 79 -7.67 0.07 -2.95
CA VAL A 79 -7.46 1.29 -2.19
C VAL A 79 -7.15 2.47 -3.10
N MET A 80 -7.54 3.66 -2.67
CA MET A 80 -7.29 4.87 -3.45
C MET A 80 -6.07 5.61 -2.93
N LEU A 81 -5.19 6.02 -3.85
CA LEU A 81 -3.98 6.74 -3.48
C LEU A 81 -3.89 8.07 -4.23
N ILE A 82 -3.48 9.11 -3.52
CA ILE A 82 -3.35 10.44 -4.12
C ILE A 82 -1.95 11.01 -3.89
N GLY A 83 -1.27 11.34 -4.97
CA GLY A 83 0.07 11.89 -4.87
C GLY A 83 0.60 12.39 -6.20
N LYS A 84 1.69 13.14 -6.15
CA LYS A 84 2.31 13.67 -7.36
C LYS A 84 3.51 12.84 -7.78
N LYS A 85 3.40 12.18 -8.92
CA LYS A 85 4.47 11.34 -9.44
C LYS A 85 5.58 12.19 -10.05
N ASN A 86 6.55 12.58 -9.24
CA ASN A 86 7.66 13.40 -9.70
C ASN A 86 8.39 12.72 -10.86
N SER A 87 8.82 11.48 -10.63
CA SER A 87 9.53 10.72 -11.65
C SER A 87 9.28 9.23 -11.48
N GLY A 88 8.95 8.57 -12.59
CA GLY A 88 8.70 7.14 -12.54
C GLY A 88 9.42 6.39 -13.64
N PRO A 89 9.82 5.13 -13.35
CA PRO A 89 10.53 4.28 -14.31
C PRO A 89 9.63 3.83 -15.46
N SER A 90 8.38 4.26 -15.42
CA SER A 90 7.42 3.90 -16.47
C SER A 90 7.64 4.73 -17.72
N SER A 91 7.57 6.04 -17.58
CA SER A 91 7.75 6.95 -18.70
C SER A 91 9.12 6.74 -19.35
N GLY A 92 10.18 6.97 -18.58
CA GLY A 92 11.52 6.80 -19.09
C GLY A 92 12.18 8.12 -19.43
N GLY A 1 1.62 -20.97 -4.15
CA GLY A 1 1.98 -20.09 -3.07
C GLY A 1 2.87 -20.76 -2.03
N SER A 2 4.17 -20.57 -2.17
CA SER A 2 5.13 -21.18 -1.25
C SER A 2 4.73 -20.91 0.20
N SER A 3 4.77 -21.95 1.02
CA SER A 3 4.41 -21.84 2.42
C SER A 3 5.44 -21.01 3.19
N GLY A 4 5.06 -19.79 3.55
CA GLY A 4 5.96 -18.93 4.28
C GLY A 4 5.55 -17.46 4.20
N SER A 5 6.32 -16.67 3.47
CA SER A 5 6.05 -15.24 3.32
C SER A 5 4.55 -15.01 3.11
N SER A 6 3.96 -14.22 4.00
CA SER A 6 2.53 -13.92 3.92
C SER A 6 2.30 -12.54 3.30
N GLY A 7 1.04 -12.23 3.00
CA GLY A 7 0.71 -10.95 2.41
C GLY A 7 -0.65 -10.95 1.74
N LEU A 8 -1.06 -9.80 1.24
CA LEU A 8 -2.36 -9.67 0.57
C LEU A 8 -2.22 -8.93 -0.75
N THR A 9 -3.12 -9.23 -1.69
CA THR A 9 -3.10 -8.59 -3.00
C THR A 9 -4.13 -7.47 -3.08
N VAL A 10 -3.66 -6.22 -2.95
CA VAL A 10 -4.55 -5.07 -3.00
C VAL A 10 -4.09 -4.08 -4.07
N THR A 11 -5.05 -3.53 -4.81
CA THR A 11 -4.73 -2.56 -5.86
C THR A 11 -4.75 -1.14 -5.32
N VAL A 12 -3.83 -0.31 -5.83
CA VAL A 12 -3.74 1.07 -5.39
C VAL A 12 -3.99 2.03 -6.55
N THR A 13 -5.07 2.80 -6.46
CA THR A 13 -5.42 3.75 -7.50
C THR A 13 -4.57 5.02 -7.39
N HIS A 14 -3.77 5.29 -8.42
CA HIS A 14 -2.92 6.46 -8.44
C HIS A 14 -2.74 6.98 -9.87
N SER A 15 -2.40 8.25 -10.00
CA SER A 15 -2.21 8.87 -11.30
C SER A 15 -3.32 8.48 -12.27
N ASN A 16 -4.56 8.69 -11.83
CA ASN A 16 -5.72 8.34 -12.65
C ASN A 16 -5.61 6.92 -13.19
N GLU A 17 -4.99 6.04 -12.40
CA GLU A 17 -4.81 4.65 -12.79
C GLU A 17 -4.80 3.74 -11.57
N LYS A 18 -4.59 2.45 -11.81
CA LYS A 18 -4.54 1.46 -10.73
C LYS A 18 -3.31 0.57 -10.85
N HIS A 19 -2.72 0.25 -9.70
CA HIS A 19 -1.52 -0.59 -9.67
C HIS A 19 -1.68 -1.70 -8.64
N ASP A 20 -1.58 -2.95 -9.10
CA ASP A 20 -1.71 -4.10 -8.22
C ASP A 20 -0.44 -4.29 -7.38
N LEU A 21 -0.60 -4.24 -6.06
CA LEU A 21 0.52 -4.40 -5.16
C LEU A 21 0.27 -5.53 -4.16
N HIS A 22 1.33 -6.25 -3.81
CA HIS A 22 1.23 -7.35 -2.86
C HIS A 22 1.83 -6.99 -1.51
N VAL A 23 0.97 -6.62 -0.57
CA VAL A 23 1.42 -6.24 0.77
C VAL A 23 1.91 -7.45 1.54
N THR A 24 3.04 -7.29 2.24
CA THR A 24 3.62 -8.37 3.02
C THR A 24 4.01 -7.89 4.41
N SER A 25 4.07 -8.82 5.36
CA SER A 25 4.44 -8.48 6.74
C SER A 25 5.93 -8.73 6.98
N GLN A 26 6.36 -8.56 8.22
CA GLN A 26 7.76 -8.76 8.59
C GLN A 26 8.01 -10.21 8.96
N GLN A 27 7.25 -11.12 8.36
CA GLN A 27 7.39 -12.55 8.63
C GLN A 27 7.42 -12.81 10.13
N GLY A 28 6.78 -11.93 10.89
CA GLY A 28 6.74 -12.08 12.34
C GLY A 28 5.37 -11.80 12.92
N SER A 29 4.64 -10.89 12.28
CA SER A 29 3.31 -10.52 12.74
C SER A 29 2.24 -11.36 12.04
N SER A 30 1.25 -11.80 12.79
CA SER A 30 0.17 -12.62 12.25
C SER A 30 -0.34 -12.03 10.94
N GLU A 31 -0.39 -10.71 10.87
CA GLU A 31 -0.85 -10.02 9.67
C GLU A 31 -0.15 -8.68 9.50
N PRO A 32 0.05 -8.27 8.24
CA PRO A 32 0.71 -7.01 7.90
C PRO A 32 -0.14 -5.79 8.28
N VAL A 33 0.52 -4.64 8.43
CA VAL A 33 -0.16 -3.41 8.78
C VAL A 33 0.07 -2.32 7.73
N VAL A 34 -0.70 -1.25 7.82
CA VAL A 34 -0.58 -0.15 6.87
C VAL A 34 0.89 0.19 6.61
N GLN A 35 1.66 0.32 7.68
CA GLN A 35 3.07 0.64 7.56
C GLN A 35 3.69 -0.05 6.36
N ASP A 36 3.42 -1.34 6.21
CA ASP A 36 3.95 -2.11 5.09
C ASP A 36 3.32 -1.67 3.77
N LEU A 37 2.01 -1.42 3.80
CA LEU A 37 1.30 -0.99 2.61
C LEU A 37 1.92 0.29 2.04
N ALA A 38 2.16 1.26 2.91
CA ALA A 38 2.75 2.53 2.49
C ALA A 38 4.11 2.30 1.83
N GLN A 39 4.89 1.39 2.39
CA GLN A 39 6.22 1.09 1.86
C GLN A 39 6.12 0.48 0.47
N VAL A 40 5.29 -0.55 0.34
CA VAL A 40 5.10 -1.23 -0.93
C VAL A 40 4.90 -0.22 -2.07
N VAL A 41 4.19 0.86 -1.76
CA VAL A 41 3.92 1.90 -2.75
C VAL A 41 5.19 2.65 -3.12
N GLU A 42 5.82 3.26 -2.12
CA GLU A 42 7.06 4.02 -2.34
C GLU A 42 8.13 3.12 -2.95
N GLU A 43 8.01 1.82 -2.73
CA GLU A 43 8.97 0.86 -3.25
C GLU A 43 8.58 0.41 -4.65
N VAL A 44 7.28 0.28 -4.89
CA VAL A 44 6.77 -0.15 -6.18
C VAL A 44 6.45 1.05 -7.07
N ILE A 45 5.48 1.85 -6.65
CA ILE A 45 5.07 3.03 -7.40
C ILE A 45 6.24 4.01 -7.55
N GLY A 46 6.87 4.33 -6.42
CA GLY A 46 7.99 5.25 -6.44
C GLY A 46 7.66 6.58 -5.80
N VAL A 47 6.51 6.65 -5.14
CA VAL A 47 6.08 7.87 -4.47
C VAL A 47 6.35 7.79 -2.97
N PRO A 48 6.93 8.87 -2.42
CA PRO A 48 7.25 8.95 -0.99
C PRO A 48 6.01 9.06 -0.13
N GLN A 49 6.10 8.54 1.10
CA GLN A 49 4.98 8.58 2.03
C GLN A 49 4.53 10.01 2.28
N SER A 50 5.33 10.96 1.84
CA SER A 50 5.02 12.38 2.01
C SER A 50 4.21 12.91 0.84
N PHE A 51 4.25 12.19 -0.27
CA PHE A 51 3.52 12.59 -1.47
C PHE A 51 2.30 11.69 -1.68
N GLN A 52 2.41 10.44 -1.25
CA GLN A 52 1.32 9.48 -1.40
C GLN A 52 0.36 9.56 -0.21
N LYS A 53 -0.93 9.41 -0.49
CA LYS A 53 -1.94 9.46 0.56
C LYS A 53 -2.95 8.33 0.40
N LEU A 54 -2.94 7.38 1.33
CA LEU A 54 -3.86 6.25 1.28
C LEU A 54 -5.25 6.66 1.76
N ILE A 55 -6.26 6.24 1.02
CA ILE A 55 -7.65 6.56 1.37
C ILE A 55 -8.57 5.37 1.11
N PHE A 56 -9.35 5.00 2.12
CA PHE A 56 -10.28 3.88 2.00
C PHE A 56 -11.55 4.14 2.79
N LYS A 57 -12.69 4.03 2.11
CA LYS A 57 -13.99 4.26 2.75
C LYS A 57 -14.10 5.70 3.25
N GLY A 58 -13.35 6.60 2.61
CA GLY A 58 -13.39 8.00 3.01
C GLY A 58 -12.56 8.27 4.25
N LYS A 59 -11.58 7.41 4.51
CA LYS A 59 -10.72 7.57 5.67
C LYS A 59 -9.25 7.50 5.26
N SER A 60 -8.51 8.56 5.55
CA SER A 60 -7.10 8.63 5.22
C SER A 60 -6.29 7.68 6.09
N LEU A 61 -5.74 6.64 5.47
CA LEU A 61 -4.95 5.65 6.18
C LEU A 61 -3.59 6.23 6.59
N LYS A 62 -3.53 6.76 7.81
CA LYS A 62 -2.29 7.34 8.32
C LYS A 62 -1.79 6.57 9.54
N GLU A 63 -2.46 5.46 9.84
CA GLU A 63 -2.08 4.64 10.98
C GLU A 63 -1.20 3.47 10.55
N MET A 64 0.11 3.61 10.73
CA MET A 64 1.06 2.57 10.35
C MET A 64 0.98 1.39 11.32
N GLU A 65 0.81 1.69 12.60
CA GLU A 65 0.71 0.65 13.62
C GLU A 65 -0.67 0.00 13.62
N THR A 66 -1.48 0.36 12.62
CA THR A 66 -2.83 -0.18 12.51
C THR A 66 -2.90 -1.23 11.40
N PRO A 67 -3.52 -2.38 11.72
CA PRO A 67 -3.66 -3.48 10.76
C PRO A 67 -4.65 -3.16 9.65
N LEU A 68 -4.32 -3.58 8.44
CA LEU A 68 -5.19 -3.34 7.29
C LEU A 68 -6.56 -4.00 7.48
N SER A 69 -6.60 -5.03 8.31
CA SER A 69 -7.83 -5.75 8.58
C SER A 69 -8.79 -4.89 9.40
N ALA A 70 -8.23 -4.05 10.26
CA ALA A 70 -9.03 -3.17 11.10
C ALA A 70 -9.67 -2.04 10.29
N LEU A 71 -8.90 -1.49 9.35
CA LEU A 71 -9.38 -0.40 8.50
C LEU A 71 -10.45 -0.91 7.54
N GLY A 72 -10.47 -2.21 7.30
CA GLY A 72 -11.44 -2.80 6.41
C GLY A 72 -10.81 -3.37 5.16
N ILE A 73 -9.52 -3.14 4.99
CA ILE A 73 -8.80 -3.64 3.83
C ILE A 73 -8.37 -5.08 4.01
N GLN A 74 -8.53 -5.88 2.97
CA GLN A 74 -8.15 -7.30 3.03
C GLN A 74 -7.66 -7.79 1.67
N ASP A 75 -7.29 -9.06 1.61
CA ASP A 75 -6.82 -9.65 0.37
C ASP A 75 -7.90 -9.63 -0.71
N GLY A 76 -7.79 -8.68 -1.63
CA GLY A 76 -8.77 -8.57 -2.70
C GLY A 76 -9.61 -7.30 -2.58
N CYS A 77 -8.95 -6.18 -2.27
CA CYS A 77 -9.64 -4.91 -2.13
C CYS A 77 -8.96 -3.84 -2.98
N ARG A 78 -9.69 -2.75 -3.23
CA ARG A 78 -9.16 -1.66 -4.04
C ARG A 78 -9.04 -0.38 -3.22
N VAL A 79 -7.80 0.06 -2.99
CA VAL A 79 -7.55 1.26 -2.21
C VAL A 79 -7.23 2.45 -3.11
N MET A 80 -7.55 3.65 -2.65
CA MET A 80 -7.30 4.86 -3.42
C MET A 80 -6.04 5.56 -2.93
N LEU A 81 -5.23 6.03 -3.87
CA LEU A 81 -3.99 6.72 -3.54
C LEU A 81 -3.89 8.05 -4.28
N ILE A 82 -3.44 9.09 -3.58
CA ILE A 82 -3.29 10.41 -4.17
C ILE A 82 -1.87 10.93 -4.01
N GLY A 83 -1.27 11.33 -5.12
CA GLY A 83 0.10 11.84 -5.08
C GLY A 83 0.65 12.12 -6.47
N LYS A 84 1.71 12.92 -6.53
CA LYS A 84 2.34 13.27 -7.79
C LYS A 84 3.79 12.79 -7.84
N LYS A 85 3.97 11.49 -8.04
CA LYS A 85 5.31 10.90 -8.10
C LYS A 85 6.30 11.87 -8.74
N ASN A 86 7.56 11.77 -8.33
CA ASN A 86 8.61 12.64 -8.85
C ASN A 86 9.79 11.82 -9.37
N SER A 87 10.34 12.25 -10.51
CA SER A 87 11.47 11.55 -11.11
C SER A 87 12.67 11.56 -10.17
N GLY A 88 13.22 12.75 -9.92
CA GLY A 88 14.37 12.87 -9.05
C GLY A 88 14.82 14.31 -8.89
N PRO A 89 16.11 14.49 -8.53
CA PRO A 89 16.69 15.82 -8.34
C PRO A 89 16.85 16.58 -9.65
N SER A 90 16.20 17.73 -9.75
CA SER A 90 16.26 18.55 -10.96
C SER A 90 17.71 18.82 -11.34
N SER A 91 17.93 19.11 -12.62
CA SER A 91 19.27 19.38 -13.13
C SER A 91 19.20 20.27 -14.38
N GLY A 92 20.07 21.28 -14.42
CA GLY A 92 20.10 22.18 -15.56
C GLY A 92 20.29 21.45 -16.88
N GLY A 1 10.45 -21.21 -6.15
CA GLY A 1 9.51 -20.81 -5.13
C GLY A 1 10.20 -20.30 -3.88
N SER A 2 9.43 -19.67 -3.00
CA SER A 2 9.97 -19.13 -1.76
C SER A 2 9.26 -19.73 -0.54
N SER A 3 10.05 -20.19 0.43
CA SER A 3 9.50 -20.79 1.64
C SER A 3 8.91 -19.72 2.56
N GLY A 4 7.63 -19.86 2.87
CA GLY A 4 6.97 -18.89 3.74
C GLY A 4 6.63 -17.61 3.02
N SER A 5 5.40 -17.51 2.53
CA SER A 5 4.95 -16.32 1.81
C SER A 5 3.61 -15.83 2.36
N SER A 6 3.61 -14.61 2.88
CA SER A 6 2.40 -14.01 3.44
C SER A 6 2.15 -12.63 2.85
N GLY A 7 0.94 -12.12 3.05
CA GLY A 7 0.59 -10.80 2.54
C GLY A 7 -0.78 -10.79 1.88
N LEU A 8 -1.20 -9.60 1.44
CA LEU A 8 -2.51 -9.45 0.80
C LEU A 8 -2.36 -8.73 -0.54
N THR A 9 -3.27 -9.03 -1.46
CA THR A 9 -3.26 -8.41 -2.78
C THR A 9 -4.32 -7.32 -2.90
N VAL A 10 -3.88 -6.06 -2.82
CA VAL A 10 -4.80 -4.93 -2.92
C VAL A 10 -4.33 -3.94 -3.98
N THR A 11 -5.28 -3.46 -4.78
CA THR A 11 -4.97 -2.50 -5.84
C THR A 11 -4.88 -1.08 -5.28
N VAL A 12 -4.04 -0.26 -5.92
CA VAL A 12 -3.86 1.12 -5.48
C VAL A 12 -4.15 2.09 -6.62
N THR A 13 -5.17 2.92 -6.45
CA THR A 13 -5.54 3.89 -7.47
C THR A 13 -4.69 5.15 -7.37
N HIS A 14 -3.72 5.27 -8.28
CA HIS A 14 -2.84 6.43 -8.30
C HIS A 14 -2.85 7.12 -9.67
N SER A 15 -2.80 8.44 -9.65
CA SER A 15 -2.82 9.21 -10.90
C SER A 15 -3.95 8.75 -11.81
N ASN A 16 -5.12 8.51 -11.22
CA ASN A 16 -6.28 8.07 -11.98
C ASN A 16 -5.97 6.78 -12.74
N GLU A 17 -5.04 6.00 -12.20
CA GLU A 17 -4.66 4.74 -12.84
C GLU A 17 -4.92 3.56 -11.90
N LYS A 18 -4.54 2.36 -12.34
CA LYS A 18 -4.74 1.16 -11.56
C LYS A 18 -3.46 0.35 -11.46
N HIS A 19 -2.99 0.11 -10.24
CA HIS A 19 -1.78 -0.66 -10.02
C HIS A 19 -1.97 -1.69 -8.91
N ASP A 20 -1.76 -2.96 -9.24
CA ASP A 20 -1.92 -4.04 -8.27
C ASP A 20 -0.62 -4.25 -7.49
N LEU A 21 -0.75 -4.28 -6.16
CA LEU A 21 0.41 -4.48 -5.29
C LEU A 21 0.13 -5.56 -4.24
N HIS A 22 1.17 -6.28 -3.86
CA HIS A 22 1.04 -7.34 -2.86
C HIS A 22 1.64 -6.91 -1.53
N VAL A 23 0.77 -6.54 -0.60
CA VAL A 23 1.20 -6.10 0.73
C VAL A 23 1.76 -7.26 1.53
N THR A 24 3.02 -7.14 1.96
CA THR A 24 3.66 -8.19 2.74
C THR A 24 4.01 -7.70 4.15
N SER A 25 4.05 -8.62 5.10
CA SER A 25 4.36 -8.28 6.48
C SER A 25 5.79 -7.77 6.60
N GLN A 26 6.18 -7.41 7.82
CA GLN A 26 7.54 -6.91 8.07
C GLN A 26 8.46 -8.04 8.50
N GLN A 27 8.29 -9.21 7.87
CA GLN A 27 9.11 -10.37 8.19
C GLN A 27 9.25 -10.54 9.70
N GLY A 28 8.18 -10.25 10.43
CA GLY A 28 8.20 -10.37 11.87
C GLY A 28 6.88 -10.02 12.51
N SER A 29 5.78 -10.41 11.86
CA SER A 29 4.44 -10.12 12.37
C SER A 29 3.42 -11.08 11.77
N SER A 30 2.53 -11.59 12.62
CA SER A 30 1.49 -12.53 12.17
C SER A 30 0.82 -12.02 10.90
N GLU A 31 0.44 -10.75 10.90
CA GLU A 31 -0.22 -10.15 9.74
C GLU A 31 0.37 -8.77 9.44
N PRO A 32 0.35 -8.40 8.15
CA PRO A 32 0.88 -7.10 7.70
C PRO A 32 0.01 -5.93 8.16
N VAL A 33 0.60 -4.74 8.15
CA VAL A 33 -0.11 -3.54 8.57
C VAL A 33 0.05 -2.42 7.55
N VAL A 34 -0.54 -1.26 7.85
CA VAL A 34 -0.45 -0.11 6.96
C VAL A 34 1.00 0.23 6.64
N GLN A 35 1.87 0.05 7.62
CA GLN A 35 3.29 0.34 7.44
C GLN A 35 3.82 -0.30 6.17
N ASP A 36 3.53 -1.58 6.00
CA ASP A 36 3.98 -2.31 4.81
C ASP A 36 3.32 -1.76 3.55
N LEU A 37 2.06 -1.37 3.67
CA LEU A 37 1.32 -0.84 2.53
C LEU A 37 1.98 0.44 2.00
N ALA A 38 2.34 1.34 2.92
CA ALA A 38 2.99 2.59 2.55
C ALA A 38 4.32 2.33 1.87
N GLN A 39 5.01 1.28 2.30
CA GLN A 39 6.31 0.94 1.74
C GLN A 39 6.15 0.33 0.34
N VAL A 40 5.21 -0.59 0.21
CA VAL A 40 4.95 -1.25 -1.07
C VAL A 40 4.72 -0.21 -2.18
N VAL A 41 4.16 0.92 -1.80
CA VAL A 41 3.88 1.99 -2.77
C VAL A 41 5.16 2.71 -3.15
N GLU A 42 5.88 3.22 -2.16
CA GLU A 42 7.13 3.93 -2.41
C GLU A 42 8.21 2.99 -2.93
N GLU A 43 7.99 1.70 -2.75
CA GLU A 43 8.94 0.69 -3.21
C GLU A 43 8.59 0.21 -4.61
N VAL A 44 7.29 0.10 -4.89
CA VAL A 44 6.82 -0.35 -6.20
C VAL A 44 6.51 0.83 -7.10
N ILE A 45 5.55 1.66 -6.69
CA ILE A 45 5.16 2.83 -7.46
C ILE A 45 6.32 3.81 -7.60
N GLY A 46 6.90 4.19 -6.47
CA GLY A 46 8.01 5.13 -6.49
C GLY A 46 7.66 6.46 -5.87
N VAL A 47 6.55 6.49 -5.14
CA VAL A 47 6.10 7.72 -4.48
C VAL A 47 6.40 7.68 -2.99
N PRO A 48 6.97 8.78 -2.48
CA PRO A 48 7.31 8.90 -1.05
C PRO A 48 6.08 9.01 -0.17
N GLN A 49 6.20 8.54 1.07
CA GLN A 49 5.09 8.59 2.01
C GLN A 49 4.64 10.03 2.25
N SER A 50 5.43 10.98 1.77
CA SER A 50 5.12 12.39 1.93
C SER A 50 4.29 12.90 0.75
N PHE A 51 4.26 12.12 -0.32
CA PHE A 51 3.51 12.50 -1.53
C PHE A 51 2.30 11.60 -1.71
N GLN A 52 2.43 10.34 -1.29
CA GLN A 52 1.35 9.38 -1.40
C GLN A 52 0.40 9.46 -0.22
N LYS A 53 -0.90 9.34 -0.48
CA LYS A 53 -1.90 9.41 0.57
C LYS A 53 -2.88 8.25 0.45
N LEU A 54 -2.86 7.35 1.43
CA LEU A 54 -3.75 6.19 1.44
C LEU A 54 -5.15 6.59 1.89
N ILE A 55 -6.15 6.14 1.15
CA ILE A 55 -7.55 6.44 1.47
C ILE A 55 -8.44 5.24 1.19
N PHE A 56 -9.21 4.83 2.20
CA PHE A 56 -10.11 3.70 2.07
C PHE A 56 -11.46 4.00 2.73
N LYS A 57 -12.53 3.85 1.97
CA LYS A 57 -13.87 4.09 2.47
C LYS A 57 -14.01 5.52 2.98
N GLY A 58 -13.41 6.46 2.25
CA GLY A 58 -13.48 7.86 2.65
C GLY A 58 -12.69 8.14 3.92
N LYS A 59 -11.60 7.41 4.10
CA LYS A 59 -10.76 7.58 5.29
C LYS A 59 -9.29 7.58 4.91
N SER A 60 -8.60 8.68 5.18
CA SER A 60 -7.18 8.79 4.87
C SER A 60 -6.34 7.99 5.85
N LEU A 61 -5.78 6.88 5.39
CA LEU A 61 -4.95 6.02 6.23
C LEU A 61 -3.60 6.67 6.51
N LYS A 62 -3.34 6.99 7.77
CA LYS A 62 -2.09 7.62 8.17
C LYS A 62 -1.40 6.81 9.27
N GLU A 63 -2.15 5.89 9.86
CA GLU A 63 -1.61 5.04 10.92
C GLU A 63 -0.89 3.82 10.34
N MET A 64 0.44 3.82 10.41
CA MET A 64 1.22 2.72 9.90
C MET A 64 1.12 1.50 10.81
N GLU A 65 1.21 1.73 12.11
CA GLU A 65 1.12 0.64 13.08
C GLU A 65 -0.26 0.00 13.06
N THR A 66 -1.21 0.67 12.41
CA THR A 66 -2.57 0.17 12.31
C THR A 66 -2.67 -0.98 11.31
N PRO A 67 -3.32 -2.06 11.73
CA PRO A 67 -3.50 -3.26 10.89
C PRO A 67 -4.47 -3.00 9.73
N LEU A 68 -4.00 -3.24 8.51
CA LEU A 68 -4.83 -3.04 7.32
C LEU A 68 -6.17 -3.75 7.46
N SER A 69 -6.22 -4.77 8.32
CA SER A 69 -7.44 -5.53 8.54
C SER A 69 -8.45 -4.70 9.32
N ALA A 70 -7.96 -3.88 10.25
CA ALA A 70 -8.82 -3.03 11.06
C ALA A 70 -9.55 -2.01 10.19
N LEU A 71 -8.86 -1.50 9.17
CA LEU A 71 -9.45 -0.51 8.27
C LEU A 71 -10.44 -1.18 7.31
N GLY A 72 -10.26 -2.48 7.10
CA GLY A 72 -11.14 -3.20 6.20
C GLY A 72 -10.44 -3.62 4.92
N ILE A 73 -9.21 -3.17 4.74
CA ILE A 73 -8.43 -3.51 3.55
C ILE A 73 -7.94 -4.95 3.61
N GLN A 74 -8.35 -5.75 2.64
CA GLN A 74 -7.95 -7.15 2.57
C GLN A 74 -7.70 -7.58 1.14
N ASP A 75 -6.99 -8.70 0.98
CA ASP A 75 -6.68 -9.22 -0.35
C ASP A 75 -7.93 -9.26 -1.22
N GLY A 76 -7.95 -8.41 -2.25
CA GLY A 76 -9.09 -8.36 -3.15
C GLY A 76 -9.87 -7.06 -3.02
N CYS A 77 -9.19 -6.01 -2.58
CA CYS A 77 -9.83 -4.71 -2.41
C CYS A 77 -9.08 -3.64 -3.20
N ARG A 78 -9.75 -2.52 -3.43
CA ARG A 78 -9.14 -1.41 -4.17
C ARG A 78 -9.03 -0.17 -3.29
N VAL A 79 -7.79 0.24 -3.01
CA VAL A 79 -7.55 1.42 -2.18
C VAL A 79 -7.14 2.62 -3.04
N MET A 80 -7.57 3.81 -2.61
CA MET A 80 -7.25 5.03 -3.34
C MET A 80 -5.94 5.64 -2.82
N LEU A 81 -5.10 6.10 -3.75
CA LEU A 81 -3.83 6.71 -3.38
C LEU A 81 -3.61 8.02 -4.14
N ILE A 82 -3.26 9.07 -3.40
CA ILE A 82 -3.02 10.38 -4.00
C ILE A 82 -1.57 10.80 -3.84
N GLY A 83 -0.95 11.21 -4.94
CA GLY A 83 0.43 11.63 -4.90
C GLY A 83 0.97 12.01 -6.27
N LYS A 84 2.29 12.17 -6.35
CA LYS A 84 2.93 12.54 -7.62
C LYS A 84 4.06 11.58 -7.95
N LYS A 85 3.96 10.92 -9.09
CA LYS A 85 4.98 9.97 -9.52
C LYS A 85 5.53 10.34 -10.89
N ASN A 86 6.63 9.72 -11.28
CA ASN A 86 7.26 9.99 -12.57
C ASN A 86 7.44 8.70 -13.38
N SER A 87 7.35 8.81 -14.69
CA SER A 87 7.50 7.65 -15.57
C SER A 87 7.97 8.09 -16.96
N GLY A 88 9.00 7.43 -17.46
CA GLY A 88 9.53 7.75 -18.77
C GLY A 88 10.99 8.16 -18.72
N PRO A 89 11.24 9.48 -18.70
CA PRO A 89 12.60 10.03 -18.64
C PRO A 89 13.28 9.77 -17.31
N SER A 90 14.61 9.75 -17.33
CA SER A 90 15.39 9.52 -16.11
C SER A 90 16.71 10.26 -16.16
N SER A 91 16.80 11.34 -15.39
CA SER A 91 18.01 12.15 -15.35
C SER A 91 18.17 12.96 -16.62
N GLY A 92 17.06 13.52 -17.11
CA GLY A 92 17.10 14.31 -18.33
C GLY A 92 17.86 13.62 -19.44
N GLY A 1 1.27 -25.98 -8.52
CA GLY A 1 2.46 -25.21 -8.75
C GLY A 1 3.37 -25.14 -7.54
N SER A 2 3.06 -24.23 -6.63
CA SER A 2 3.86 -24.06 -5.41
C SER A 2 2.97 -23.97 -4.18
N SER A 3 3.37 -24.63 -3.10
CA SER A 3 2.61 -24.62 -1.87
C SER A 3 3.14 -23.57 -0.90
N GLY A 4 2.27 -22.63 -0.54
CA GLY A 4 2.67 -21.57 0.38
C GLY A 4 2.27 -20.19 -0.12
N SER A 5 1.63 -19.42 0.75
CA SER A 5 1.19 -18.07 0.39
C SER A 5 1.25 -17.14 1.60
N SER A 6 1.35 -15.84 1.32
CA SER A 6 1.42 -14.84 2.38
C SER A 6 1.10 -13.45 1.85
N GLY A 7 0.78 -12.53 2.75
CA GLY A 7 0.46 -11.18 2.35
C GLY A 7 -0.92 -11.07 1.75
N LEU A 8 -1.21 -9.94 1.12
CA LEU A 8 -2.51 -9.71 0.50
C LEU A 8 -2.36 -9.00 -0.84
N THR A 9 -3.30 -9.22 -1.74
CA THR A 9 -3.28 -8.60 -3.06
C THR A 9 -4.28 -7.46 -3.15
N VAL A 10 -3.80 -6.24 -2.97
CA VAL A 10 -4.66 -5.06 -3.05
C VAL A 10 -4.17 -4.08 -4.11
N THR A 11 -5.12 -3.49 -4.83
CA THR A 11 -4.78 -2.53 -5.88
C THR A 11 -4.73 -1.12 -5.33
N VAL A 12 -3.75 -0.34 -5.78
CA VAL A 12 -3.59 1.04 -5.34
C VAL A 12 -3.87 2.02 -6.47
N THR A 13 -4.92 2.81 -6.31
CA THR A 13 -5.29 3.80 -7.32
C THR A 13 -4.45 5.06 -7.21
N HIS A 14 -3.67 5.34 -8.25
CA HIS A 14 -2.81 6.53 -8.26
C HIS A 14 -2.73 7.11 -9.67
N SER A 15 -2.48 8.41 -9.74
CA SER A 15 -2.37 9.10 -11.02
C SER A 15 -3.51 8.70 -11.95
N ASN A 16 -4.74 8.83 -11.45
CA ASN A 16 -5.92 8.49 -12.23
C ASN A 16 -5.80 7.08 -12.81
N GLU A 17 -5.02 6.24 -12.15
CA GLU A 17 -4.82 4.86 -12.60
C GLU A 17 -4.79 3.90 -11.43
N LYS A 18 -4.62 2.61 -11.72
CA LYS A 18 -4.57 1.59 -10.68
C LYS A 18 -3.34 0.70 -10.85
N HIS A 19 -2.79 0.24 -9.73
CA HIS A 19 -1.62 -0.63 -9.75
C HIS A 19 -1.74 -1.73 -8.72
N ASP A 20 -1.64 -2.98 -9.18
CA ASP A 20 -1.74 -4.13 -8.30
C ASP A 20 -0.45 -4.33 -7.51
N LEU A 21 -0.56 -4.35 -6.20
CA LEU A 21 0.60 -4.53 -5.33
C LEU A 21 0.35 -5.63 -4.30
N HIS A 22 1.40 -6.37 -3.97
CA HIS A 22 1.30 -7.45 -2.99
C HIS A 22 1.86 -7.03 -1.64
N VAL A 23 0.98 -6.79 -0.68
CA VAL A 23 1.39 -6.38 0.65
C VAL A 23 1.90 -7.56 1.46
N THR A 24 2.84 -7.29 2.36
CA THR A 24 3.42 -8.33 3.20
C THR A 24 3.92 -7.76 4.53
N SER A 25 3.86 -8.58 5.58
CA SER A 25 4.30 -8.15 6.90
C SER A 25 5.82 -7.96 6.92
N GLN A 26 6.35 -7.66 8.11
CA GLN A 26 7.78 -7.46 8.28
C GLN A 26 8.44 -8.70 8.85
N GLN A 27 8.04 -9.87 8.35
CA GLN A 27 8.59 -11.13 8.82
C GLN A 27 8.65 -11.17 10.34
N GLY A 28 7.65 -10.58 10.99
CA GLY A 28 7.60 -10.56 12.43
C GLY A 28 6.19 -10.68 12.97
N SER A 29 5.33 -9.76 12.56
CA SER A 29 3.93 -9.75 13.01
C SER A 29 3.13 -10.81 12.27
N SER A 30 2.21 -11.46 12.98
CA SER A 30 1.37 -12.50 12.39
C SER A 30 0.63 -11.96 11.16
N GLU A 31 0.16 -10.73 11.26
CA GLU A 31 -0.58 -10.10 10.17
C GLU A 31 0.05 -8.76 9.80
N PRO A 32 0.04 -8.44 8.50
CA PRO A 32 0.60 -7.19 7.98
C PRO A 32 -0.23 -5.97 8.38
N VAL A 33 0.39 -4.80 8.34
CA VAL A 33 -0.29 -3.56 8.70
C VAL A 33 -0.04 -2.47 7.66
N VAL A 34 -0.76 -1.36 7.79
CA VAL A 34 -0.60 -0.25 6.86
C VAL A 34 0.86 0.04 6.57
N GLN A 35 1.68 0.03 7.62
CA GLN A 35 3.10 0.31 7.49
C GLN A 35 3.65 -0.34 6.21
N ASP A 36 3.39 -1.63 6.05
CA ASP A 36 3.85 -2.37 4.88
C ASP A 36 3.19 -1.84 3.61
N LEU A 37 1.91 -1.49 3.72
CA LEU A 37 1.16 -0.97 2.58
C LEU A 37 1.78 0.32 2.06
N ALA A 38 2.07 1.24 2.97
CA ALA A 38 2.67 2.51 2.60
C ALA A 38 4.02 2.32 1.94
N GLN A 39 4.81 1.38 2.46
CA GLN A 39 6.13 1.10 1.92
C GLN A 39 6.02 0.50 0.52
N VAL A 40 5.19 -0.52 0.37
CA VAL A 40 5.01 -1.18 -0.91
C VAL A 40 4.80 -0.15 -2.03
N VAL A 41 4.12 0.95 -1.69
CA VAL A 41 3.85 1.99 -2.66
C VAL A 41 5.12 2.77 -2.99
N GLU A 42 5.81 3.25 -1.95
CA GLU A 42 7.04 4.01 -2.13
C GLU A 42 8.15 3.12 -2.67
N GLU A 43 7.93 1.82 -2.62
CA GLU A 43 8.92 0.86 -3.10
C GLU A 43 8.58 0.38 -4.51
N VAL A 44 7.28 0.21 -4.77
CA VAL A 44 6.81 -0.24 -6.07
C VAL A 44 6.47 0.95 -6.97
N ILE A 45 5.56 1.80 -6.49
CA ILE A 45 5.14 2.97 -7.25
C ILE A 45 6.28 3.97 -7.38
N GLY A 46 6.93 4.29 -6.27
CA GLY A 46 8.03 5.23 -6.29
C GLY A 46 7.65 6.56 -5.66
N VAL A 47 6.52 6.60 -4.97
CA VAL A 47 6.06 7.82 -4.32
C VAL A 47 6.30 7.77 -2.82
N PRO A 48 6.90 8.84 -2.28
CA PRO A 48 7.19 8.95 -0.85
C PRO A 48 5.94 9.10 0.00
N GLN A 49 5.99 8.61 1.24
CA GLN A 49 4.86 8.69 2.14
C GLN A 49 4.42 10.13 2.34
N SER A 50 5.26 11.06 1.90
CA SER A 50 4.96 12.49 2.03
C SER A 50 4.17 12.99 0.82
N PHE A 51 4.29 12.28 -0.29
CA PHE A 51 3.59 12.66 -1.51
C PHE A 51 2.35 11.78 -1.72
N GLN A 52 2.42 10.54 -1.25
CA GLN A 52 1.32 9.61 -1.38
C GLN A 52 0.35 9.74 -0.20
N LYS A 53 -0.93 9.51 -0.47
CA LYS A 53 -1.96 9.60 0.56
C LYS A 53 -2.97 8.48 0.41
N LEU A 54 -3.00 7.58 1.39
CA LEU A 54 -3.92 6.45 1.37
C LEU A 54 -5.32 6.89 1.79
N ILE A 55 -6.32 6.39 1.08
CA ILE A 55 -7.72 6.72 1.37
C ILE A 55 -8.63 5.54 1.13
N PHE A 56 -9.48 5.23 2.11
CA PHE A 56 -10.42 4.11 1.99
C PHE A 56 -11.76 4.47 2.63
N LYS A 57 -12.84 4.05 1.98
CA LYS A 57 -14.18 4.32 2.48
C LYS A 57 -14.37 5.80 2.78
N GLY A 58 -13.58 6.64 2.10
CA GLY A 58 -13.68 8.07 2.31
C GLY A 58 -12.93 8.53 3.54
N LYS A 59 -11.92 7.77 3.93
CA LYS A 59 -11.12 8.10 5.10
C LYS A 59 -9.63 8.03 4.80
N SER A 60 -8.88 9.04 5.24
CA SER A 60 -7.44 9.09 5.00
C SER A 60 -6.71 8.15 5.95
N LEU A 61 -6.01 7.17 5.39
CA LEU A 61 -5.26 6.21 6.18
C LEU A 61 -3.86 6.72 6.49
N LYS A 62 -3.71 7.31 7.67
CA LYS A 62 -2.42 7.84 8.10
C LYS A 62 -1.92 7.13 9.35
N GLU A 63 -2.22 5.84 9.46
CA GLU A 63 -1.81 5.05 10.62
C GLU A 63 -1.06 3.80 10.17
N MET A 64 0.25 3.78 10.39
CA MET A 64 1.08 2.65 10.02
C MET A 64 0.88 1.49 10.99
N GLU A 65 0.89 1.81 12.29
CA GLU A 65 0.71 0.79 13.32
C GLU A 65 -0.70 0.21 13.28
N THR A 66 -1.54 0.79 12.43
CA THR A 66 -2.92 0.34 12.30
C THR A 66 -3.02 -0.88 11.38
N PRO A 67 -3.65 -1.94 11.89
CA PRO A 67 -3.83 -3.19 11.13
C PRO A 67 -4.80 -3.03 9.97
N LEU A 68 -4.41 -3.52 8.80
CA LEU A 68 -5.24 -3.44 7.61
C LEU A 68 -6.62 -4.03 7.88
N SER A 69 -6.68 -5.03 8.75
CA SER A 69 -7.94 -5.67 9.09
C SER A 69 -8.90 -4.68 9.76
N ALA A 70 -8.35 -3.82 10.62
CA ALA A 70 -9.16 -2.83 11.32
C ALA A 70 -9.76 -1.83 10.33
N LEU A 71 -8.96 -1.40 9.36
CA LEU A 71 -9.42 -0.44 8.37
C LEU A 71 -10.47 -1.06 7.45
N GLY A 72 -10.50 -2.39 7.41
CA GLY A 72 -11.47 -3.09 6.58
C GLY A 72 -10.86 -3.59 5.29
N ILE A 73 -9.57 -3.37 5.11
CA ILE A 73 -8.86 -3.82 3.92
C ILE A 73 -8.53 -5.30 4.00
N GLN A 74 -8.36 -5.93 2.84
CA GLN A 74 -8.04 -7.35 2.77
C GLN A 74 -7.77 -7.78 1.34
N ASP A 75 -6.92 -8.78 1.18
CA ASP A 75 -6.57 -9.29 -0.13
C ASP A 75 -7.78 -9.29 -1.07
N GLY A 76 -7.70 -8.51 -2.14
CA GLY A 76 -8.79 -8.42 -3.08
C GLY A 76 -9.58 -7.13 -2.94
N CYS A 77 -8.98 -6.14 -2.27
CA CYS A 77 -9.63 -4.86 -2.07
C CYS A 77 -8.98 -3.78 -2.93
N ARG A 78 -9.67 -2.64 -3.05
CA ARG A 78 -9.16 -1.53 -3.85
C ARG A 78 -8.99 -0.28 -2.99
N VAL A 79 -7.75 0.16 -2.83
CA VAL A 79 -7.44 1.33 -2.04
C VAL A 79 -7.12 2.53 -2.93
N MET A 80 -7.53 3.72 -2.50
CA MET A 80 -7.28 4.94 -3.25
C MET A 80 -6.02 5.65 -2.74
N LEU A 81 -5.15 6.03 -3.67
CA LEU A 81 -3.92 6.72 -3.32
C LEU A 81 -3.80 8.04 -4.05
N ILE A 82 -3.36 9.07 -3.33
CA ILE A 82 -3.20 10.40 -3.92
C ILE A 82 -1.78 10.92 -3.73
N GLY A 83 -1.16 11.34 -4.82
CA GLY A 83 0.20 11.87 -4.76
C GLY A 83 0.73 12.27 -6.11
N LYS A 84 2.02 12.56 -6.18
CA LYS A 84 2.66 12.96 -7.43
C LYS A 84 3.90 12.13 -7.70
N LYS A 85 4.23 11.96 -8.97
CA LYS A 85 5.41 11.18 -9.37
C LYS A 85 6.44 12.08 -10.05
N ASN A 86 7.54 12.34 -9.35
CA ASN A 86 8.61 13.17 -9.89
C ASN A 86 9.90 12.37 -10.05
N SER A 87 10.36 12.25 -11.29
CA SER A 87 11.59 11.51 -11.58
C SER A 87 12.80 12.22 -10.98
N GLY A 88 13.36 11.65 -9.92
CA GLY A 88 14.52 12.24 -9.28
C GLY A 88 15.22 11.28 -8.34
N PRO A 89 16.01 11.83 -7.40
CA PRO A 89 16.74 11.02 -6.42
C PRO A 89 15.82 10.35 -5.41
N SER A 90 16.14 9.11 -5.06
CA SER A 90 15.34 8.36 -4.10
C SER A 90 15.78 8.67 -2.68
N SER A 91 14.84 9.12 -1.86
CA SER A 91 15.12 9.46 -0.46
C SER A 91 16.12 8.46 0.13
N GLY A 92 16.94 8.95 1.06
CA GLY A 92 17.93 8.11 1.70
C GLY A 92 18.57 7.13 0.73
N GLY A 1 7.51 -13.91 -2.05
CA GLY A 1 6.73 -13.00 -2.88
C GLY A 1 5.54 -13.68 -3.52
N SER A 2 4.77 -14.41 -2.71
CA SER A 2 3.59 -15.11 -3.22
C SER A 2 2.53 -15.24 -2.13
N SER A 3 1.38 -15.81 -2.50
CA SER A 3 0.29 -15.99 -1.55
C SER A 3 0.44 -17.29 -0.77
N GLY A 4 -0.43 -17.49 0.21
CA GLY A 4 -0.37 -18.70 1.02
C GLY A 4 0.25 -18.46 2.37
N SER A 5 1.50 -18.00 2.38
CA SER A 5 2.21 -17.73 3.63
C SER A 5 1.70 -16.46 4.28
N SER A 6 1.86 -15.34 3.60
CA SER A 6 1.42 -14.04 4.11
C SER A 6 1.27 -13.02 2.98
N GLY A 7 0.86 -11.81 3.33
CA GLY A 7 0.68 -10.77 2.34
C GLY A 7 -0.71 -10.78 1.74
N LEU A 8 -1.06 -9.70 1.04
CA LEU A 8 -2.37 -9.59 0.41
C LEU A 8 -2.26 -8.88 -0.94
N THR A 9 -3.18 -9.19 -1.84
CA THR A 9 -3.19 -8.60 -3.17
C THR A 9 -4.24 -7.50 -3.27
N VAL A 10 -3.80 -6.25 -3.13
CA VAL A 10 -4.70 -5.11 -3.21
C VAL A 10 -4.24 -4.11 -4.26
N THR A 11 -5.18 -3.57 -5.01
CA THR A 11 -4.87 -2.59 -6.06
C THR A 11 -4.75 -1.19 -5.48
N VAL A 12 -3.84 -0.41 -6.05
CA VAL A 12 -3.63 0.97 -5.59
C VAL A 12 -3.89 1.97 -6.71
N THR A 13 -4.97 2.74 -6.56
CA THR A 13 -5.34 3.74 -7.56
C THR A 13 -4.52 5.01 -7.38
N HIS A 14 -3.74 5.35 -8.41
CA HIS A 14 -2.90 6.54 -8.38
C HIS A 14 -2.75 7.14 -9.77
N SER A 15 -2.54 8.45 -9.83
CA SER A 15 -2.39 9.14 -11.10
C SER A 15 -3.48 8.73 -12.08
N ASN A 16 -4.73 8.86 -11.66
CA ASN A 16 -5.86 8.50 -12.50
C ASN A 16 -5.69 7.09 -13.07
N GLU A 17 -4.94 6.26 -12.36
CA GLU A 17 -4.70 4.89 -12.79
C GLU A 17 -4.66 3.93 -11.61
N LYS A 18 -4.35 2.66 -11.88
CA LYS A 18 -4.29 1.65 -10.84
C LYS A 18 -3.04 0.79 -11.00
N HIS A 19 -2.57 0.22 -9.89
CA HIS A 19 -1.38 -0.63 -9.91
C HIS A 19 -1.51 -1.74 -8.88
N ASP A 20 -1.56 -2.98 -9.36
CA ASP A 20 -1.68 -4.14 -8.47
C ASP A 20 -0.39 -4.34 -7.68
N LEU A 21 -0.53 -4.37 -6.35
CA LEU A 21 0.62 -4.55 -5.47
C LEU A 21 0.37 -5.68 -4.49
N HIS A 22 1.44 -6.41 -4.16
CA HIS A 22 1.33 -7.53 -3.22
C HIS A 22 1.92 -7.16 -1.86
N VAL A 23 1.04 -6.81 -0.93
CA VAL A 23 1.47 -6.43 0.42
C VAL A 23 2.13 -7.60 1.14
N THR A 24 3.20 -7.31 1.87
CA THR A 24 3.92 -8.33 2.60
C THR A 24 4.56 -7.76 3.86
N SER A 25 4.51 -8.53 4.94
CA SER A 25 5.09 -8.09 6.22
C SER A 25 6.59 -7.87 6.08
N GLN A 26 7.19 -7.38 7.16
CA GLN A 26 8.63 -7.12 7.17
C GLN A 26 9.38 -8.26 7.85
N GLN A 27 8.98 -9.49 7.56
CA GLN A 27 9.62 -10.67 8.14
C GLN A 27 9.83 -10.48 9.64
N GLY A 28 8.81 -9.93 10.31
CA GLY A 28 8.91 -9.71 11.74
C GLY A 28 7.59 -9.29 12.35
N SER A 29 6.51 -9.94 11.93
CA SER A 29 5.17 -9.62 12.43
C SER A 29 4.16 -10.67 11.98
N SER A 30 3.47 -11.28 12.94
CA SER A 30 2.48 -12.30 12.64
C SER A 30 1.70 -11.95 11.38
N GLU A 31 1.28 -10.69 11.28
CA GLU A 31 0.52 -10.23 10.13
C GLU A 31 0.96 -8.84 9.72
N PRO A 32 0.82 -8.53 8.42
CA PRO A 32 1.19 -7.22 7.86
C PRO A 32 0.27 -6.10 8.33
N VAL A 33 0.77 -4.87 8.30
CA VAL A 33 -0.02 -3.72 8.71
C VAL A 33 0.08 -2.59 7.69
N VAL A 34 -0.63 -1.50 7.96
CA VAL A 34 -0.63 -0.35 7.05
C VAL A 34 0.79 0.07 6.70
N GLN A 35 1.69 -0.04 7.67
CA GLN A 35 3.08 0.33 7.47
C GLN A 35 3.63 -0.31 6.19
N ASP A 36 3.41 -1.61 6.04
CA ASP A 36 3.87 -2.33 4.87
C ASP A 36 3.24 -1.79 3.60
N LEU A 37 1.96 -1.46 3.68
CA LEU A 37 1.22 -0.93 2.54
C LEU A 37 1.89 0.34 2.00
N ALA A 38 2.14 1.30 2.89
CA ALA A 38 2.78 2.54 2.51
C ALA A 38 4.11 2.28 1.81
N GLN A 39 4.86 1.31 2.31
CA GLN A 39 6.16 0.96 1.73
C GLN A 39 5.98 0.34 0.35
N VAL A 40 5.06 -0.60 0.23
CA VAL A 40 4.79 -1.26 -1.04
C VAL A 40 4.55 -0.25 -2.15
N VAL A 41 3.89 0.85 -1.81
CA VAL A 41 3.60 1.90 -2.79
C VAL A 41 4.86 2.64 -3.18
N GLU A 42 5.55 3.21 -2.19
CA GLU A 42 6.78 3.95 -2.45
C GLU A 42 7.87 3.03 -2.99
N GLU A 43 7.72 1.73 -2.75
CA GLU A 43 8.69 0.74 -3.21
C GLU A 43 8.37 0.28 -4.63
N VAL A 44 7.07 0.04 -4.88
CA VAL A 44 6.63 -0.39 -6.20
C VAL A 44 6.33 0.79 -7.11
N ILE A 45 5.37 1.60 -6.71
CA ILE A 45 4.99 2.78 -7.50
C ILE A 45 6.16 3.75 -7.62
N GLY A 46 6.69 4.18 -6.48
CA GLY A 46 7.80 5.10 -6.48
C GLY A 46 7.44 6.45 -5.89
N VAL A 47 6.37 6.48 -5.09
CA VAL A 47 5.91 7.71 -4.47
C VAL A 47 6.14 7.69 -2.96
N PRO A 48 6.77 8.75 -2.44
CA PRO A 48 7.06 8.86 -1.00
C PRO A 48 5.81 9.07 -0.17
N GLN A 49 5.82 8.55 1.06
CA GLN A 49 4.67 8.68 1.96
C GLN A 49 4.32 10.15 2.17
N SER A 50 5.21 11.04 1.75
CA SER A 50 4.99 12.48 1.90
C SER A 50 4.22 13.04 0.70
N PHE A 51 4.24 12.29 -0.40
CA PHE A 51 3.56 12.72 -1.62
C PHE A 51 2.30 11.89 -1.85
N GLN A 52 2.35 10.63 -1.41
CA GLN A 52 1.22 9.72 -1.57
C GLN A 52 0.28 9.79 -0.37
N LYS A 53 -1.02 9.69 -0.64
CA LYS A 53 -2.02 9.75 0.42
C LYS A 53 -3.01 8.59 0.30
N LEU A 54 -3.03 7.73 1.31
CA LEU A 54 -3.92 6.58 1.31
C LEU A 54 -5.33 6.99 1.73
N ILE A 55 -6.34 6.43 1.08
CA ILE A 55 -7.73 6.73 1.38
C ILE A 55 -8.61 5.50 1.22
N PHE A 56 -9.10 4.98 2.33
CA PHE A 56 -9.96 3.79 2.31
C PHE A 56 -11.27 4.06 3.04
N LYS A 57 -12.38 3.88 2.34
CA LYS A 57 -13.70 4.10 2.92
C LYS A 57 -13.89 5.56 3.30
N GLY A 58 -13.41 6.46 2.45
CA GLY A 58 -13.54 7.88 2.71
C GLY A 58 -12.79 8.30 3.96
N LYS A 59 -11.64 7.67 4.20
CA LYS A 59 -10.82 7.99 5.36
C LYS A 59 -9.34 7.94 5.02
N SER A 60 -8.65 9.06 5.21
CA SER A 60 -7.22 9.15 4.91
C SER A 60 -6.42 8.30 5.89
N LEU A 61 -5.97 7.13 5.41
CA LEU A 61 -5.20 6.22 6.25
C LEU A 61 -3.82 6.81 6.56
N LYS A 62 -3.55 7.01 7.84
CA LYS A 62 -2.27 7.57 8.27
C LYS A 62 -1.57 6.61 9.23
N GLU A 63 -2.35 5.87 10.01
CA GLU A 63 -1.80 4.93 10.97
C GLU A 63 -1.09 3.78 10.26
N MET A 64 0.21 3.63 10.52
CA MET A 64 1.00 2.57 9.91
C MET A 64 1.02 1.33 10.80
N GLU A 65 1.19 1.54 12.10
CA GLU A 65 1.24 0.43 13.05
C GLU A 65 -0.09 -0.33 13.05
N THR A 66 -1.15 0.33 12.60
CA THR A 66 -2.47 -0.29 12.56
C THR A 66 -2.52 -1.39 11.51
N PRO A 67 -3.05 -2.55 11.91
CA PRO A 67 -3.17 -3.72 11.02
C PRO A 67 -4.22 -3.50 9.93
N LEU A 68 -3.84 -3.78 8.68
CA LEU A 68 -4.73 -3.62 7.55
C LEU A 68 -6.11 -4.20 7.86
N SER A 69 -6.14 -5.20 8.73
CA SER A 69 -7.39 -5.85 9.11
C SER A 69 -8.23 -4.93 9.99
N ALA A 70 -7.57 -4.19 10.87
CA ALA A 70 -8.25 -3.27 11.78
C ALA A 70 -9.13 -2.30 10.99
N LEU A 71 -8.65 -1.87 9.84
CA LEU A 71 -9.39 -0.93 9.00
C LEU A 71 -10.44 -1.67 8.17
N GLY A 72 -10.18 -2.93 7.88
CA GLY A 72 -11.12 -3.72 7.10
C GLY A 72 -10.53 -4.20 5.78
N ILE A 73 -9.38 -3.63 5.42
CA ILE A 73 -8.71 -3.99 4.17
C ILE A 73 -8.33 -5.47 4.17
N GLN A 74 -8.41 -6.09 3.00
CA GLN A 74 -8.07 -7.50 2.85
C GLN A 74 -7.68 -7.83 1.43
N ASP A 75 -6.97 -8.95 1.24
CA ASP A 75 -6.54 -9.38 -0.08
C ASP A 75 -7.72 -9.44 -1.05
N GLY A 76 -7.72 -8.56 -2.03
CA GLY A 76 -8.79 -8.52 -3.01
C GLY A 76 -9.64 -7.27 -2.91
N CYS A 77 -9.03 -6.20 -2.43
CA CYS A 77 -9.73 -4.92 -2.29
C CYS A 77 -9.10 -3.85 -3.17
N ARG A 78 -9.74 -2.69 -3.22
CA ARG A 78 -9.24 -1.58 -4.03
C ARG A 78 -9.08 -0.32 -3.19
N VAL A 79 -7.83 0.10 -2.99
CA VAL A 79 -7.54 1.29 -2.20
C VAL A 79 -7.17 2.47 -3.10
N MET A 80 -7.58 3.67 -2.68
CA MET A 80 -7.30 4.88 -3.44
C MET A 80 -6.04 5.57 -2.91
N LEU A 81 -5.22 6.06 -3.83
CA LEU A 81 -3.98 6.75 -3.46
C LEU A 81 -3.82 8.05 -4.24
N ILE A 82 -3.56 9.14 -3.53
CA ILE A 82 -3.37 10.44 -4.16
C ILE A 82 -1.98 10.99 -3.89
N GLY A 83 -1.27 11.35 -4.96
CA GLY A 83 0.06 11.89 -4.82
C GLY A 83 0.68 12.26 -6.15
N LYS A 84 1.97 12.58 -6.13
CA LYS A 84 2.69 12.95 -7.35
C LYS A 84 3.91 12.07 -7.55
N LYS A 85 4.09 11.60 -8.78
CA LYS A 85 5.23 10.75 -9.11
C LYS A 85 5.97 11.27 -10.34
N ASN A 86 6.11 12.59 -10.43
CA ASN A 86 6.80 13.21 -11.55
C ASN A 86 8.29 13.31 -11.29
N SER A 87 8.65 13.84 -10.11
CA SER A 87 10.04 14.00 -9.74
C SER A 87 10.79 12.66 -9.84
N GLY A 88 10.21 11.63 -9.23
CA GLY A 88 10.83 10.32 -9.26
C GLY A 88 11.18 9.87 -10.67
N PRO A 89 11.88 8.74 -10.77
CA PRO A 89 12.28 8.17 -12.07
C PRO A 89 11.11 7.63 -12.86
N SER A 90 10.60 8.44 -13.80
CA SER A 90 9.48 8.05 -14.62
C SER A 90 9.80 6.78 -15.42
N SER A 91 10.94 6.78 -16.10
CA SER A 91 11.36 5.65 -16.90
C SER A 91 11.54 4.40 -16.02
N GLY A 92 10.91 3.31 -16.43
CA GLY A 92 11.00 2.08 -15.67
C GLY A 92 11.00 2.31 -14.18
N GLY A 1 0.31 -24.40 -7.49
CA GLY A 1 -0.14 -24.91 -6.21
C GLY A 1 -0.79 -23.84 -5.35
N SER A 2 -0.29 -23.69 -4.13
CA SER A 2 -0.83 -22.70 -3.20
C SER A 2 0.24 -22.24 -2.21
N SER A 3 0.30 -20.93 -1.99
CA SER A 3 1.28 -20.36 -1.08
C SER A 3 0.59 -19.73 0.14
N GLY A 4 1.11 -20.01 1.33
CA GLY A 4 0.53 -19.47 2.54
C GLY A 4 1.35 -18.32 3.10
N SER A 5 1.50 -17.27 2.32
CA SER A 5 2.28 -16.10 2.74
C SER A 5 1.42 -15.18 3.61
N SER A 6 2.09 -14.28 4.33
CA SER A 6 1.40 -13.34 5.21
C SER A 6 1.17 -12.01 4.50
N GLY A 7 0.85 -12.07 3.21
CA GLY A 7 0.61 -10.87 2.44
C GLY A 7 -0.80 -10.82 1.86
N LEU A 8 -1.14 -9.70 1.23
CA LEU A 8 -2.45 -9.52 0.63
C LEU A 8 -2.36 -8.82 -0.72
N THR A 9 -3.26 -9.14 -1.63
CA THR A 9 -3.28 -8.54 -2.94
C THR A 9 -4.33 -7.43 -3.03
N VAL A 10 -3.88 -6.19 -2.83
CA VAL A 10 -4.77 -5.04 -2.89
C VAL A 10 -4.32 -4.04 -3.94
N THR A 11 -5.27 -3.55 -4.73
CA THR A 11 -4.97 -2.59 -5.79
C THR A 11 -4.85 -1.17 -5.22
N VAL A 12 -3.99 -0.37 -5.83
CA VAL A 12 -3.78 1.01 -5.38
C VAL A 12 -4.01 1.98 -6.54
N THR A 13 -5.10 2.74 -6.46
CA THR A 13 -5.42 3.72 -7.50
C THR A 13 -4.61 4.99 -7.32
N HIS A 14 -3.60 5.16 -8.17
CA HIS A 14 -2.74 6.34 -8.10
C HIS A 14 -2.50 6.92 -9.49
N SER A 15 -2.22 8.21 -9.55
CA SER A 15 -1.97 8.88 -10.82
C SER A 15 -3.06 8.55 -11.84
N ASN A 16 -4.30 8.61 -11.38
CA ASN A 16 -5.44 8.31 -12.25
C ASN A 16 -5.26 6.98 -12.97
N GLU A 17 -4.48 6.09 -12.36
CA GLU A 17 -4.22 4.79 -12.95
C GLU A 17 -4.42 3.67 -11.93
N LYS A 18 -4.45 2.44 -12.41
CA LYS A 18 -4.64 1.29 -11.53
C LYS A 18 -3.38 0.43 -11.48
N HIS A 19 -2.97 0.06 -10.26
CA HIS A 19 -1.78 -0.76 -10.07
C HIS A 19 -2.01 -1.80 -8.98
N ASP A 20 -1.60 -3.03 -9.24
CA ASP A 20 -1.76 -4.12 -8.29
C ASP A 20 -0.50 -4.28 -7.43
N LEU A 21 -0.68 -4.36 -6.12
CA LEU A 21 0.44 -4.51 -5.21
C LEU A 21 0.17 -5.63 -4.20
N HIS A 22 1.21 -6.39 -3.88
CA HIS A 22 1.09 -7.50 -2.94
C HIS A 22 1.74 -7.15 -1.61
N VAL A 23 0.93 -6.73 -0.64
CA VAL A 23 1.44 -6.35 0.68
C VAL A 23 2.06 -7.56 1.38
N THR A 24 3.24 -7.36 1.94
CA THR A 24 3.95 -8.42 2.65
C THR A 24 4.43 -7.96 4.01
N SER A 25 4.37 -8.85 5.00
CA SER A 25 4.80 -8.53 6.35
C SER A 25 6.24 -8.00 6.36
N GLN A 26 6.65 -7.43 7.49
CA GLN A 26 7.99 -6.89 7.62
C GLN A 26 8.93 -7.91 8.26
N GLN A 27 8.80 -9.17 7.85
CA GLN A 27 9.62 -10.23 8.38
C GLN A 27 9.88 -10.03 9.87
N GLY A 28 8.86 -9.55 10.59
CA GLY A 28 8.99 -9.33 12.00
C GLY A 28 7.66 -9.03 12.67
N SER A 29 6.60 -9.64 12.16
CA SER A 29 5.26 -9.43 12.70
C SER A 29 4.31 -10.55 12.24
N SER A 30 3.50 -11.03 13.17
CA SER A 30 2.55 -12.09 12.87
C SER A 30 1.74 -11.77 11.61
N GLU A 31 1.44 -10.49 11.44
CA GLU A 31 0.67 -10.03 10.27
C GLU A 31 1.11 -8.64 9.85
N PRO A 32 0.97 -8.35 8.54
CA PRO A 32 1.34 -7.05 7.97
C PRO A 32 0.41 -5.93 8.42
N VAL A 33 0.88 -4.70 8.32
CA VAL A 33 0.10 -3.54 8.71
C VAL A 33 0.16 -2.44 7.66
N VAL A 34 -0.55 -1.34 7.90
CA VAL A 34 -0.57 -0.22 6.98
C VAL A 34 0.85 0.20 6.59
N GLN A 35 1.77 0.15 7.55
CA GLN A 35 3.15 0.51 7.32
C GLN A 35 3.68 -0.14 6.04
N ASP A 36 3.48 -1.45 5.94
CA ASP A 36 3.94 -2.21 4.77
C ASP A 36 3.29 -1.67 3.50
N LEU A 37 2.00 -1.39 3.56
CA LEU A 37 1.27 -0.87 2.41
C LEU A 37 1.93 0.39 1.86
N ALA A 38 2.16 1.36 2.75
CA ALA A 38 2.80 2.61 2.35
C ALA A 38 4.16 2.36 1.71
N GLN A 39 4.87 1.36 2.22
CA GLN A 39 6.19 1.01 1.69
C GLN A 39 6.07 0.41 0.29
N VAL A 40 5.21 -0.60 0.16
CA VAL A 40 5.01 -1.26 -1.12
C VAL A 40 4.79 -0.24 -2.25
N VAL A 41 4.06 0.83 -1.92
CA VAL A 41 3.78 1.87 -2.90
C VAL A 41 5.06 2.60 -3.31
N GLU A 42 5.75 3.18 -2.34
CA GLU A 42 7.00 3.90 -2.60
C GLU A 42 8.07 2.96 -3.13
N GLU A 43 7.85 1.67 -2.95
CA GLU A 43 8.80 0.66 -3.40
C GLU A 43 8.45 0.16 -4.79
N VAL A 44 7.14 0.13 -5.09
CA VAL A 44 6.67 -0.33 -6.38
C VAL A 44 6.32 0.84 -7.29
N ILE A 45 5.41 1.69 -6.83
CA ILE A 45 4.98 2.85 -7.59
C ILE A 45 6.15 3.82 -7.80
N GLY A 46 6.68 4.34 -6.70
CA GLY A 46 7.79 5.27 -6.79
C GLY A 46 7.48 6.60 -6.12
N VAL A 47 6.42 6.63 -5.32
CA VAL A 47 6.02 7.84 -4.63
C VAL A 47 6.35 7.78 -3.14
N PRO A 48 6.96 8.85 -2.62
CA PRO A 48 7.35 8.93 -1.21
C PRO A 48 6.15 9.04 -0.28
N GLN A 49 6.29 8.52 0.93
CA GLN A 49 5.21 8.56 1.91
C GLN A 49 4.82 10.00 2.23
N SER A 50 5.62 10.95 1.75
CA SER A 50 5.36 12.36 1.99
C SER A 50 4.54 12.96 0.86
N PHE A 51 4.36 12.20 -0.21
CA PHE A 51 3.59 12.65 -1.36
C PHE A 51 2.37 11.76 -1.59
N GLN A 52 2.48 10.50 -1.19
CA GLN A 52 1.39 9.54 -1.35
C GLN A 52 0.44 9.59 -0.16
N LYS A 53 -0.85 9.48 -0.44
CA LYS A 53 -1.86 9.51 0.61
C LYS A 53 -2.83 8.35 0.46
N LEU A 54 -2.84 7.47 1.45
CA LEU A 54 -3.73 6.31 1.44
C LEU A 54 -5.16 6.71 1.82
N ILE A 55 -6.13 6.19 1.08
CA ILE A 55 -7.53 6.48 1.34
C ILE A 55 -8.41 5.26 1.10
N PHE A 56 -9.12 4.84 2.15
CA PHE A 56 -9.99 3.68 2.05
C PHE A 56 -11.37 4.00 2.62
N LYS A 57 -12.41 3.75 1.83
CA LYS A 57 -13.78 4.00 2.26
C LYS A 57 -13.97 5.47 2.62
N GLY A 58 -13.45 6.36 1.78
CA GLY A 58 -13.57 7.78 2.04
C GLY A 58 -12.88 8.21 3.31
N LYS A 59 -11.81 7.50 3.67
CA LYS A 59 -11.06 7.81 4.89
C LYS A 59 -9.56 7.71 4.64
N SER A 60 -8.86 8.81 4.86
CA SER A 60 -7.41 8.84 4.65
C SER A 60 -6.69 8.03 5.74
N LEU A 61 -6.00 6.99 5.32
CA LEU A 61 -5.26 6.13 6.24
C LEU A 61 -3.88 6.70 6.54
N LYS A 62 -3.64 7.06 7.80
CA LYS A 62 -2.35 7.61 8.21
C LYS A 62 -1.79 6.85 9.40
N GLU A 63 -2.38 5.69 9.70
CA GLU A 63 -1.94 4.88 10.82
C GLU A 63 -1.15 3.67 10.33
N MET A 64 0.17 3.83 10.25
CA MET A 64 1.04 2.75 9.79
C MET A 64 1.01 1.58 10.77
N GLU A 65 1.09 1.89 12.06
CA GLU A 65 1.07 0.86 13.09
C GLU A 65 -0.24 0.09 13.08
N THR A 66 -1.27 0.71 12.52
CA THR A 66 -2.59 0.09 12.44
C THR A 66 -2.62 -1.00 11.37
N PRO A 67 -3.12 -2.18 11.75
CA PRO A 67 -3.22 -3.34 10.83
C PRO A 67 -4.25 -3.12 9.74
N LEU A 68 -3.89 -3.46 8.51
CA LEU A 68 -4.80 -3.31 7.37
C LEU A 68 -6.14 -3.96 7.66
N SER A 69 -6.13 -5.01 8.48
CA SER A 69 -7.36 -5.72 8.83
C SER A 69 -8.27 -4.83 9.68
N ALA A 70 -7.67 -4.06 10.59
CA ALA A 70 -8.42 -3.18 11.46
C ALA A 70 -9.27 -2.19 10.66
N LEU A 71 -8.68 -1.65 9.59
CA LEU A 71 -9.37 -0.70 8.74
C LEU A 71 -10.43 -1.40 7.89
N GLY A 72 -10.33 -2.72 7.80
CA GLY A 72 -11.27 -3.49 7.02
C GLY A 72 -10.68 -3.99 5.71
N ILE A 73 -9.46 -3.57 5.43
CA ILE A 73 -8.78 -3.97 4.20
C ILE A 73 -8.36 -5.43 4.25
N GLN A 74 -8.43 -6.12 3.11
CA GLN A 74 -8.06 -7.52 3.04
C GLN A 74 -7.70 -7.91 1.61
N ASP A 75 -6.97 -9.01 1.47
CA ASP A 75 -6.56 -9.49 0.15
C ASP A 75 -7.75 -9.56 -0.81
N GLY A 76 -7.85 -8.57 -1.69
CA GLY A 76 -8.95 -8.54 -2.64
C GLY A 76 -9.77 -7.27 -2.54
N CYS A 77 -9.10 -6.17 -2.19
CA CYS A 77 -9.78 -4.88 -2.05
C CYS A 77 -9.10 -3.81 -2.90
N ARG A 78 -9.78 -2.69 -3.08
CA ARG A 78 -9.24 -1.58 -3.88
C ARG A 78 -9.04 -0.34 -3.01
N VAL A 79 -7.78 0.05 -2.83
CA VAL A 79 -7.45 1.22 -2.02
C VAL A 79 -7.10 2.41 -2.91
N MET A 80 -7.56 3.60 -2.52
CA MET A 80 -7.28 4.81 -3.27
C MET A 80 -6.05 5.52 -2.73
N LEU A 81 -5.15 5.88 -3.65
CA LEU A 81 -3.92 6.58 -3.27
C LEU A 81 -3.73 7.85 -4.09
N ILE A 82 -3.53 8.97 -3.39
CA ILE A 82 -3.34 10.25 -4.05
C ILE A 82 -1.89 10.72 -3.91
N GLY A 83 -1.34 11.21 -5.01
CA GLY A 83 0.04 11.69 -4.99
C GLY A 83 0.56 12.01 -6.38
N LYS A 84 1.58 12.86 -6.45
CA LYS A 84 2.18 13.24 -7.73
C LYS A 84 3.55 12.58 -7.91
N LYS A 85 3.70 11.84 -9.00
CA LYS A 85 4.95 11.17 -9.30
C LYS A 85 5.66 11.81 -10.49
N ASN A 86 6.78 12.47 -10.22
CA ASN A 86 7.55 13.13 -11.26
C ASN A 86 9.03 12.78 -11.16
N SER A 87 9.83 13.33 -12.06
CA SER A 87 11.27 13.09 -12.07
C SER A 87 12.05 14.39 -12.14
N GLY A 88 12.93 14.60 -11.16
CA GLY A 88 13.73 15.81 -11.11
C GLY A 88 14.92 15.75 -12.04
N PRO A 89 15.98 15.04 -11.62
CA PRO A 89 17.20 14.88 -12.40
C PRO A 89 17.00 14.00 -13.64
N SER A 90 15.76 13.57 -13.84
CA SER A 90 15.43 12.73 -14.99
C SER A 90 15.97 11.31 -14.79
N SER A 91 15.66 10.73 -13.63
CA SER A 91 16.10 9.38 -13.31
C SER A 91 14.97 8.38 -13.48
N GLY A 92 15.22 7.32 -14.25
CA GLY A 92 14.22 6.30 -14.48
C GLY A 92 14.07 5.95 -15.95
N GLY A 1 1.70 -22.70 -10.62
CA GLY A 1 0.86 -22.84 -9.44
C GLY A 1 1.05 -21.71 -8.46
N SER A 2 0.51 -20.53 -8.80
CA SER A 2 0.62 -19.37 -7.93
C SER A 2 0.14 -19.68 -6.52
N SER A 3 0.69 -18.97 -5.55
CA SER A 3 0.31 -19.17 -4.15
C SER A 3 0.75 -17.99 -3.29
N GLY A 4 0.20 -17.90 -2.08
CA GLY A 4 0.54 -16.81 -1.18
C GLY A 4 0.02 -17.04 0.22
N SER A 5 0.89 -17.50 1.10
CA SER A 5 0.50 -17.76 2.49
C SER A 5 0.35 -16.46 3.26
N SER A 6 1.41 -15.65 3.26
CA SER A 6 1.39 -14.37 3.96
C SER A 6 1.28 -13.21 2.97
N GLY A 7 0.65 -12.13 3.42
CA GLY A 7 0.50 -10.96 2.57
C GLY A 7 -0.88 -10.89 1.92
N LEU A 8 -1.20 -9.74 1.34
CA LEU A 8 -2.49 -9.54 0.69
C LEU A 8 -2.31 -8.83 -0.65
N THR A 9 -3.22 -9.13 -1.58
CA THR A 9 -3.17 -8.52 -2.91
C THR A 9 -4.16 -7.37 -3.02
N VAL A 10 -3.67 -6.14 -2.86
CA VAL A 10 -4.51 -4.96 -2.95
C VAL A 10 -3.99 -3.99 -4.01
N THR A 11 -4.91 -3.44 -4.80
CA THR A 11 -4.54 -2.51 -5.85
C THR A 11 -4.66 -1.06 -5.37
N VAL A 12 -3.71 -0.22 -5.79
CA VAL A 12 -3.71 1.19 -5.40
C VAL A 12 -3.98 2.09 -6.60
N THR A 13 -5.06 2.85 -6.53
CA THR A 13 -5.43 3.75 -7.61
C THR A 13 -4.71 5.09 -7.47
N HIS A 14 -3.65 5.27 -8.25
CA HIS A 14 -2.88 6.50 -8.21
C HIS A 14 -2.77 7.12 -9.60
N SER A 15 -2.60 8.44 -9.66
CA SER A 15 -2.49 9.15 -10.92
C SER A 15 -3.56 8.68 -11.90
N ASN A 16 -4.77 8.45 -11.39
CA ASN A 16 -5.88 8.00 -12.22
C ASN A 16 -5.51 6.72 -12.96
N GLU A 17 -4.74 5.85 -12.31
CA GLU A 17 -4.32 4.59 -12.91
C GLU A 17 -4.56 3.43 -11.96
N LYS A 18 -4.19 2.23 -12.39
CA LYS A 18 -4.37 1.03 -11.58
C LYS A 18 -3.05 0.29 -11.41
N HIS A 19 -2.65 0.06 -10.16
CA HIS A 19 -1.41 -0.64 -9.86
C HIS A 19 -1.63 -1.69 -8.78
N ASP A 20 -1.44 -2.96 -9.15
CA ASP A 20 -1.62 -4.06 -8.21
C ASP A 20 -0.38 -4.22 -7.33
N LEU A 21 -0.59 -4.24 -6.02
CA LEU A 21 0.49 -4.39 -5.06
C LEU A 21 0.24 -5.56 -4.12
N HIS A 22 1.31 -6.24 -3.73
CA HIS A 22 1.21 -7.37 -2.82
C HIS A 22 1.82 -7.05 -1.46
N VAL A 23 0.97 -6.77 -0.49
CA VAL A 23 1.43 -6.43 0.86
C VAL A 23 1.89 -7.68 1.60
N THR A 24 2.93 -7.53 2.41
CA THR A 24 3.48 -8.64 3.18
C THR A 24 3.80 -8.22 4.60
N SER A 25 3.98 -9.21 5.49
CA SER A 25 4.29 -8.94 6.89
C SER A 25 5.62 -8.21 7.02
N GLN A 26 5.91 -7.73 8.22
CA GLN A 26 7.15 -7.01 8.48
C GLN A 26 8.19 -7.93 9.12
N GLN A 27 8.30 -9.15 8.58
CA GLN A 27 9.25 -10.13 9.11
C GLN A 27 9.23 -10.16 10.63
N GLY A 28 8.03 -10.02 11.19
CA GLY A 28 7.89 -10.03 12.63
C GLY A 28 6.45 -10.22 13.08
N SER A 29 5.61 -9.24 12.79
CA SER A 29 4.19 -9.31 13.16
C SER A 29 3.50 -10.48 12.46
N SER A 30 2.68 -11.21 13.21
CA SER A 30 1.96 -12.35 12.67
C SER A 30 1.23 -11.97 11.37
N GLU A 31 0.68 -10.76 11.35
CA GLU A 31 -0.05 -10.27 10.19
C GLU A 31 0.47 -8.90 9.75
N PRO A 32 0.42 -8.64 8.44
CA PRO A 32 0.88 -7.38 7.86
C PRO A 32 -0.02 -6.20 8.24
N VAL A 33 0.57 -5.03 8.44
CA VAL A 33 -0.17 -3.84 8.80
C VAL A 33 -0.03 -2.76 7.73
N VAL A 34 -0.65 -1.61 7.97
CA VAL A 34 -0.59 -0.50 7.03
C VAL A 34 0.86 -0.10 6.74
N GLN A 35 1.64 0.06 7.80
CA GLN A 35 3.05 0.45 7.65
C GLN A 35 3.67 -0.23 6.42
N ASP A 36 3.44 -1.52 6.28
CA ASP A 36 3.97 -2.28 5.16
C ASP A 36 3.37 -1.79 3.85
N LEU A 37 2.06 -1.59 3.83
CA LEU A 37 1.36 -1.12 2.65
C LEU A 37 1.96 0.18 2.14
N ALA A 38 2.16 1.13 3.04
CA ALA A 38 2.73 2.43 2.69
C ALA A 38 4.09 2.26 2.02
N GLN A 39 4.89 1.33 2.53
CA GLN A 39 6.21 1.07 1.98
C GLN A 39 6.11 0.45 0.59
N VAL A 40 5.29 -0.58 0.46
CA VAL A 40 5.10 -1.26 -0.81
C VAL A 40 4.87 -0.25 -1.94
N VAL A 41 4.15 0.82 -1.63
CA VAL A 41 3.85 1.86 -2.61
C VAL A 41 5.11 2.65 -2.96
N GLU A 42 5.77 3.17 -1.93
CA GLU A 42 6.98 3.97 -2.12
C GLU A 42 8.09 3.11 -2.73
N GLU A 43 7.94 1.79 -2.62
CA GLU A 43 8.94 0.87 -3.15
C GLU A 43 8.55 0.39 -4.55
N VAL A 44 7.25 0.23 -4.77
CA VAL A 44 6.74 -0.21 -6.07
C VAL A 44 6.42 0.97 -6.97
N ILE A 45 5.51 1.82 -6.51
CA ILE A 45 5.12 2.99 -7.29
C ILE A 45 6.26 4.00 -7.37
N GLY A 46 6.81 4.38 -6.23
CA GLY A 46 7.90 5.33 -6.20
C GLY A 46 7.53 6.62 -5.49
N VAL A 47 6.40 6.62 -4.81
CA VAL A 47 5.93 7.81 -4.09
C VAL A 47 6.15 7.65 -2.59
N PRO A 48 6.79 8.65 -1.98
CA PRO A 48 7.07 8.65 -0.54
C PRO A 48 5.81 8.82 0.30
N GLN A 49 5.85 8.31 1.53
CA GLN A 49 4.71 8.41 2.43
C GLN A 49 4.34 9.86 2.70
N SER A 50 5.19 10.77 2.25
CA SER A 50 4.95 12.20 2.45
C SER A 50 4.27 12.80 1.22
N PHE A 51 4.20 12.02 0.15
CA PHE A 51 3.56 12.48 -1.09
C PHE A 51 2.32 11.67 -1.39
N GLN A 52 2.34 10.39 -1.01
CA GLN A 52 1.20 9.51 -1.24
C GLN A 52 0.13 9.71 -0.17
N LYS A 53 -1.13 9.52 -0.57
CA LYS A 53 -2.24 9.68 0.36
C LYS A 53 -3.26 8.55 0.19
N LEU A 54 -3.30 7.64 1.16
CA LEU A 54 -4.22 6.52 1.12
C LEU A 54 -5.63 6.95 1.51
N ILE A 55 -6.63 6.38 0.85
CA ILE A 55 -8.02 6.70 1.12
C ILE A 55 -8.93 5.53 0.79
N PHE A 56 -9.62 5.03 1.82
CA PHE A 56 -10.52 3.89 1.65
C PHE A 56 -11.88 4.18 2.30
N LYS A 57 -12.93 4.20 1.49
CA LYS A 57 -14.27 4.46 1.99
C LYS A 57 -14.39 5.89 2.50
N GLY A 58 -13.63 6.81 1.90
CA GLY A 58 -13.68 8.19 2.29
C GLY A 58 -12.88 8.46 3.56
N LYS A 59 -12.00 7.52 3.91
CA LYS A 59 -11.17 7.65 5.10
C LYS A 59 -9.70 7.66 4.74
N SER A 60 -9.02 8.74 5.10
CA SER A 60 -7.59 8.88 4.82
C SER A 60 -6.76 8.02 5.76
N LEU A 61 -6.37 6.83 5.29
CA LEU A 61 -5.57 5.91 6.09
C LEU A 61 -4.29 6.58 6.56
N LYS A 62 -4.28 7.02 7.82
CA LYS A 62 -3.12 7.68 8.40
C LYS A 62 -2.32 6.70 9.25
N GLU A 63 -2.93 6.23 10.33
CA GLU A 63 -2.26 5.29 11.23
C GLU A 63 -1.61 4.16 10.45
N MET A 64 -0.34 3.89 10.74
CA MET A 64 0.39 2.82 10.06
C MET A 64 0.48 1.59 10.94
N GLU A 65 0.65 1.78 12.24
CA GLU A 65 0.75 0.67 13.18
C GLU A 65 -0.56 -0.11 13.23
N THR A 66 -1.59 0.43 12.60
CA THR A 66 -2.89 -0.23 12.57
C THR A 66 -2.93 -1.32 11.52
N PRO A 67 -3.52 -2.47 11.88
CA PRO A 67 -3.65 -3.62 10.98
C PRO A 67 -4.62 -3.37 9.83
N LEU A 68 -4.21 -3.71 8.62
CA LEU A 68 -5.05 -3.51 7.45
C LEU A 68 -6.41 -4.18 7.62
N SER A 69 -6.45 -5.20 8.48
CA SER A 69 -7.68 -5.93 8.74
C SER A 69 -8.68 -5.04 9.50
N ALA A 70 -8.17 -4.25 10.42
CA ALA A 70 -9.00 -3.35 11.22
C ALA A 70 -9.69 -2.31 10.33
N LEU A 71 -8.92 -1.73 9.41
CA LEU A 71 -9.45 -0.72 8.50
C LEU A 71 -10.47 -1.33 7.54
N GLY A 72 -10.46 -2.65 7.43
CA GLY A 72 -11.39 -3.33 6.56
C GLY A 72 -10.73 -3.81 5.28
N ILE A 73 -9.45 -3.50 5.12
CA ILE A 73 -8.72 -3.90 3.93
C ILE A 73 -8.34 -5.38 3.99
N GLN A 74 -8.42 -6.05 2.85
CA GLN A 74 -8.09 -7.46 2.77
C GLN A 74 -7.69 -7.86 1.35
N ASP A 75 -6.90 -8.93 1.24
CA ASP A 75 -6.45 -9.40 -0.06
C ASP A 75 -7.59 -9.43 -1.07
N GLY A 76 -7.49 -8.57 -2.08
CA GLY A 76 -8.53 -8.51 -3.10
C GLY A 76 -9.36 -7.25 -3.00
N CYS A 77 -8.75 -6.17 -2.53
CA CYS A 77 -9.44 -4.89 -2.38
C CYS A 77 -8.79 -3.83 -3.26
N ARG A 78 -9.49 -2.69 -3.41
CA ARG A 78 -8.98 -1.60 -4.22
C ARG A 78 -8.97 -0.29 -3.43
N VAL A 79 -7.78 0.21 -3.14
CA VAL A 79 -7.63 1.45 -2.39
C VAL A 79 -7.32 2.63 -3.31
N MET A 80 -7.53 3.84 -2.81
CA MET A 80 -7.28 5.04 -3.60
C MET A 80 -6.07 5.79 -3.05
N LEU A 81 -5.18 6.21 -3.94
CA LEU A 81 -3.98 6.95 -3.55
C LEU A 81 -3.93 8.31 -4.22
N ILE A 82 -3.77 9.35 -3.41
CA ILE A 82 -3.70 10.71 -3.92
C ILE A 82 -2.34 11.34 -3.63
N GLY A 83 -1.61 11.68 -4.70
CA GLY A 83 -0.31 12.29 -4.54
C GLY A 83 0.33 12.64 -5.87
N LYS A 84 1.51 13.26 -5.80
CA LYS A 84 2.22 13.67 -7.01
C LYS A 84 3.53 12.88 -7.15
N LYS A 85 3.93 12.64 -8.39
CA LYS A 85 5.16 11.91 -8.67
C LYS A 85 5.81 12.39 -9.96
N ASN A 86 7.14 12.44 -9.97
CA ASN A 86 7.87 12.89 -11.15
C ASN A 86 7.10 13.97 -11.90
N SER A 87 6.52 14.90 -11.15
CA SER A 87 5.74 15.98 -11.75
C SER A 87 6.66 17.05 -12.31
N GLY A 88 7.49 17.62 -11.45
CA GLY A 88 8.41 18.66 -11.87
C GLY A 88 9.70 18.10 -12.45
N PRO A 89 10.74 18.95 -12.55
CA PRO A 89 12.04 18.55 -13.09
C PRO A 89 12.78 17.61 -12.15
N SER A 90 13.14 16.43 -12.67
CA SER A 90 13.86 15.45 -11.87
C SER A 90 14.91 14.74 -12.72
N SER A 91 16.06 14.45 -12.10
CA SER A 91 17.15 13.78 -12.79
C SER A 91 16.65 12.58 -13.57
N GLY A 92 16.54 12.73 -14.89
CA GLY A 92 16.07 11.65 -15.73
C GLY A 92 17.18 11.00 -16.53
N GLY A 1 3.17 -17.61 10.31
CA GLY A 1 3.00 -19.05 10.21
C GLY A 1 4.06 -19.69 9.33
N SER A 2 3.83 -20.95 8.96
CA SER A 2 4.77 -21.67 8.11
C SER A 2 4.15 -22.00 6.76
N SER A 3 2.94 -22.53 6.78
CA SER A 3 2.24 -22.88 5.55
C SER A 3 1.53 -21.67 4.95
N GLY A 4 0.75 -20.99 5.78
CA GLY A 4 0.03 -19.81 5.32
C GLY A 4 0.95 -18.76 4.73
N SER A 5 0.38 -17.84 3.96
CA SER A 5 1.16 -16.78 3.33
C SER A 5 0.83 -15.42 3.96
N SER A 6 1.84 -14.78 4.53
CA SER A 6 1.66 -13.48 5.16
C SER A 6 1.70 -12.36 4.13
N GLY A 7 0.52 -11.87 3.76
CA GLY A 7 0.44 -10.80 2.78
C GLY A 7 -0.91 -10.75 2.08
N LEU A 8 -1.19 -9.64 1.42
CA LEU A 8 -2.45 -9.47 0.70
C LEU A 8 -2.24 -8.77 -0.63
N THR A 9 -3.10 -9.06 -1.60
CA THR A 9 -3.00 -8.46 -2.92
C THR A 9 -4.06 -7.38 -3.11
N VAL A 10 -3.67 -6.12 -2.90
CA VAL A 10 -4.58 -4.99 -3.04
C VAL A 10 -4.06 -3.99 -4.06
N THR A 11 -4.95 -3.49 -4.91
CA THR A 11 -4.59 -2.52 -5.93
C THR A 11 -4.65 -1.10 -5.39
N VAL A 12 -3.72 -0.26 -5.84
CA VAL A 12 -3.67 1.13 -5.41
C VAL A 12 -4.00 2.08 -6.55
N THR A 13 -5.08 2.84 -6.39
CA THR A 13 -5.51 3.79 -7.41
C THR A 13 -4.67 5.06 -7.35
N HIS A 14 -3.65 5.13 -8.20
CA HIS A 14 -2.77 6.30 -8.25
C HIS A 14 -2.75 6.91 -9.65
N SER A 15 -3.03 8.21 -9.72
CA SER A 15 -3.05 8.91 -11.00
C SER A 15 -4.14 8.34 -11.91
N ASN A 16 -5.31 8.08 -11.34
CA ASN A 16 -6.43 7.55 -12.10
C ASN A 16 -6.03 6.27 -12.81
N GLU A 17 -5.27 5.42 -12.13
CA GLU A 17 -4.81 4.15 -12.70
C GLU A 17 -4.96 3.02 -11.70
N LYS A 18 -4.57 1.81 -12.12
CA LYS A 18 -4.66 0.65 -11.26
C LYS A 18 -3.32 -0.08 -11.17
N HIS A 19 -2.79 -0.19 -9.95
CA HIS A 19 -1.51 -0.84 -9.74
C HIS A 19 -1.63 -1.93 -8.66
N ASP A 20 -1.68 -3.18 -9.09
CA ASP A 20 -1.79 -4.30 -8.17
C ASP A 20 -0.50 -4.49 -7.37
N LEU A 21 -0.62 -4.43 -6.06
CA LEU A 21 0.54 -4.59 -5.19
C LEU A 21 0.29 -5.66 -4.13
N HIS A 22 1.34 -6.37 -3.75
CA HIS A 22 1.23 -7.42 -2.75
C HIS A 22 1.78 -6.96 -1.40
N VAL A 23 0.89 -6.60 -0.49
CA VAL A 23 1.30 -6.13 0.84
C VAL A 23 1.84 -7.28 1.67
N THR A 24 3.02 -7.07 2.26
CA THR A 24 3.64 -8.10 3.10
C THR A 24 4.06 -7.52 4.44
N SER A 25 3.92 -8.32 5.49
CA SER A 25 4.27 -7.90 6.83
C SER A 25 5.76 -7.53 6.91
N GLN A 26 6.19 -7.06 8.08
CA GLN A 26 7.58 -6.68 8.29
C GLN A 26 8.40 -7.86 8.78
N GLN A 27 8.06 -9.05 8.31
CA GLN A 27 8.76 -10.27 8.70
C GLN A 27 8.80 -10.40 10.23
N GLY A 28 7.69 -10.10 10.87
CA GLY A 28 7.61 -10.20 12.32
C GLY A 28 6.19 -10.20 12.84
N SER A 29 5.35 -9.35 12.24
CA SER A 29 3.96 -9.25 12.65
C SER A 29 3.11 -10.30 11.94
N SER A 30 2.41 -11.12 12.73
CA SER A 30 1.57 -12.17 12.17
C SER A 30 0.89 -11.70 10.90
N GLU A 31 0.39 -10.47 10.92
CA GLU A 31 -0.29 -9.90 9.75
C GLU A 31 0.31 -8.55 9.38
N PRO A 32 0.24 -8.20 8.09
CA PRO A 32 0.78 -6.94 7.57
C PRO A 32 -0.03 -5.74 8.04
N VAL A 33 0.64 -4.60 8.19
CA VAL A 33 -0.03 -3.38 8.64
C VAL A 33 0.21 -2.24 7.64
N VAL A 34 -0.55 -1.16 7.80
CA VAL A 34 -0.43 -0.01 6.92
C VAL A 34 1.03 0.27 6.58
N GLN A 35 1.88 0.28 7.61
CA GLN A 35 3.30 0.52 7.42
C GLN A 35 3.82 -0.15 6.15
N ASP A 36 3.58 -1.44 6.03
CA ASP A 36 4.01 -2.20 4.87
C ASP A 36 3.36 -1.67 3.60
N LEU A 37 2.05 -1.43 3.67
CA LEU A 37 1.30 -0.92 2.52
C LEU A 37 1.96 0.34 1.97
N ALA A 38 2.25 1.29 2.84
CA ALA A 38 2.87 2.54 2.44
C ALA A 38 4.22 2.28 1.77
N GLN A 39 4.96 1.32 2.30
CA GLN A 39 6.28 0.99 1.75
C GLN A 39 6.13 0.37 0.36
N VAL A 40 5.30 -0.66 0.25
CA VAL A 40 5.08 -1.34 -1.01
C VAL A 40 4.86 -0.32 -2.15
N VAL A 41 4.15 0.75 -1.84
CA VAL A 41 3.87 1.79 -2.82
C VAL A 41 5.14 2.52 -3.22
N GLU A 42 5.79 3.13 -2.23
CA GLU A 42 7.03 3.88 -2.47
C GLU A 42 8.12 2.96 -3.03
N GLU A 43 7.93 1.66 -2.84
CA GLU A 43 8.89 0.67 -3.31
C GLU A 43 8.54 0.19 -4.72
N VAL A 44 7.24 0.08 -4.99
CA VAL A 44 6.76 -0.38 -6.29
C VAL A 44 6.43 0.81 -7.19
N ILE A 45 5.48 1.62 -6.76
CA ILE A 45 5.06 2.79 -7.53
C ILE A 45 6.23 3.76 -7.72
N GLY A 46 6.77 4.24 -6.60
CA GLY A 46 7.88 5.18 -6.65
C GLY A 46 7.55 6.51 -6.01
N VAL A 47 6.45 6.54 -5.27
CA VAL A 47 6.02 7.77 -4.60
C VAL A 47 6.30 7.70 -3.09
N PRO A 48 6.90 8.78 -2.56
CA PRO A 48 7.23 8.87 -1.13
C PRO A 48 5.99 8.99 -0.25
N GLN A 49 6.08 8.47 0.98
CA GLN A 49 4.97 8.51 1.91
C GLN A 49 4.56 9.95 2.20
N SER A 50 5.38 10.89 1.77
CA SER A 50 5.10 12.31 1.98
C SER A 50 4.29 12.88 0.82
N PHE A 51 4.20 12.12 -0.26
CA PHE A 51 3.46 12.56 -1.43
C PHE A 51 2.23 11.68 -1.65
N GLN A 52 2.31 10.43 -1.22
CA GLN A 52 1.20 9.49 -1.36
C GLN A 52 0.26 9.57 -0.16
N LYS A 53 -1.03 9.43 -0.43
CA LYS A 53 -2.04 9.48 0.63
C LYS A 53 -3.04 8.34 0.48
N LEU A 54 -3.01 7.42 1.45
CA LEU A 54 -3.92 6.28 1.43
C LEU A 54 -5.31 6.68 1.90
N ILE A 55 -6.33 6.17 1.21
CA ILE A 55 -7.71 6.47 1.56
C ILE A 55 -8.62 5.25 1.33
N PHE A 56 -9.13 4.69 2.42
CA PHE A 56 -10.01 3.53 2.33
C PHE A 56 -11.34 3.81 3.03
N LYS A 57 -12.44 3.55 2.31
CA LYS A 57 -13.78 3.77 2.85
C LYS A 57 -13.98 5.23 3.23
N GLY A 58 -13.48 6.13 2.39
CA GLY A 58 -13.61 7.55 2.66
C GLY A 58 -12.80 8.00 3.86
N LYS A 59 -11.86 7.16 4.28
CA LYS A 59 -11.01 7.47 5.42
C LYS A 59 -9.54 7.48 5.03
N SER A 60 -8.86 8.57 5.37
CA SER A 60 -7.44 8.71 5.04
C SER A 60 -6.58 7.90 6.00
N LEU A 61 -5.85 6.93 5.45
CA LEU A 61 -4.99 6.07 6.25
C LEU A 61 -3.70 6.81 6.64
N LYS A 62 -3.50 6.96 7.94
CA LYS A 62 -2.31 7.64 8.46
C LYS A 62 -1.55 6.75 9.43
N GLU A 63 -2.28 6.03 10.27
CA GLU A 63 -1.66 5.13 11.24
C GLU A 63 -0.94 3.98 10.55
N MET A 64 0.35 3.85 10.83
CA MET A 64 1.15 2.79 10.23
C MET A 64 1.05 1.51 11.04
N GLU A 65 1.00 1.65 12.36
CA GLU A 65 0.91 0.51 13.26
C GLU A 65 -0.46 -0.15 13.17
N THR A 66 -1.38 0.52 12.49
CA THR A 66 -2.74 0.00 12.33
C THR A 66 -2.78 -1.10 11.29
N PRO A 67 -3.39 -2.25 11.65
CA PRO A 67 -3.51 -3.41 10.76
C PRO A 67 -4.46 -3.15 9.61
N LEU A 68 -3.99 -3.37 8.40
CA LEU A 68 -4.80 -3.17 7.20
C LEU A 68 -6.14 -3.88 7.32
N SER A 69 -6.16 -4.96 8.11
CA SER A 69 -7.38 -5.73 8.31
C SER A 69 -8.41 -4.93 9.09
N ALA A 70 -7.95 -4.17 10.08
CA ALA A 70 -8.83 -3.35 10.89
C ALA A 70 -9.58 -2.33 10.04
N LEU A 71 -8.92 -1.85 8.99
CA LEU A 71 -9.52 -0.87 8.10
C LEU A 71 -10.50 -1.53 7.13
N GLY A 72 -10.29 -2.82 6.90
CA GLY A 72 -11.16 -3.57 5.99
C GLY A 72 -10.44 -3.99 4.73
N ILE A 73 -9.23 -3.49 4.54
CA ILE A 73 -8.44 -3.83 3.35
C ILE A 73 -7.88 -5.24 3.45
N GLN A 74 -8.31 -6.11 2.55
CA GLN A 74 -7.83 -7.49 2.54
C GLN A 74 -7.54 -7.95 1.11
N ASP A 75 -6.81 -9.05 0.99
CA ASP A 75 -6.45 -9.60 -0.31
C ASP A 75 -7.67 -9.62 -1.24
N GLY A 76 -7.70 -8.69 -2.18
CA GLY A 76 -8.80 -8.62 -3.12
C GLY A 76 -9.59 -7.33 -2.98
N CYS A 77 -8.93 -6.28 -2.54
CA CYS A 77 -9.58 -4.98 -2.36
C CYS A 77 -8.87 -3.90 -3.16
N ARG A 78 -9.55 -2.77 -3.36
CA ARG A 78 -8.98 -1.67 -4.12
C ARG A 78 -8.95 -0.40 -3.27
N VAL A 79 -7.73 0.08 -2.98
CA VAL A 79 -7.57 1.28 -2.17
C VAL A 79 -7.20 2.47 -3.04
N MET A 80 -7.58 3.67 -2.61
CA MET A 80 -7.28 4.89 -3.35
C MET A 80 -6.01 5.55 -2.82
N LEU A 81 -5.17 6.02 -3.74
CA LEU A 81 -3.92 6.67 -3.38
C LEU A 81 -3.76 7.98 -4.12
N ILE A 82 -3.46 9.05 -3.38
CA ILE A 82 -3.27 10.37 -3.97
C ILE A 82 -1.84 10.85 -3.79
N GLY A 83 -1.21 11.25 -4.90
CA GLY A 83 0.16 11.73 -4.84
C GLY A 83 0.66 12.22 -6.18
N LYS A 84 1.87 12.77 -6.19
CA LYS A 84 2.46 13.29 -7.43
C LYS A 84 3.73 12.52 -7.78
N LYS A 85 3.56 11.43 -8.53
CA LYS A 85 4.69 10.61 -8.95
C LYS A 85 5.52 11.32 -10.02
N ASN A 86 6.80 10.97 -10.09
CA ASN A 86 7.69 11.58 -11.08
C ASN A 86 7.80 13.08 -10.87
N SER A 87 7.90 13.49 -9.61
CA SER A 87 8.01 14.91 -9.27
C SER A 87 9.28 15.51 -9.84
N GLY A 88 10.43 15.00 -9.38
CA GLY A 88 11.70 15.50 -9.85
C GLY A 88 12.48 14.45 -10.64
N PRO A 89 13.65 14.84 -11.16
CA PRO A 89 14.52 13.95 -11.93
C PRO A 89 15.15 12.86 -11.08
N SER A 90 14.47 11.72 -10.97
CA SER A 90 14.97 10.61 -10.18
C SER A 90 15.14 11.02 -8.71
N SER A 91 14.16 11.75 -8.20
CA SER A 91 14.20 12.21 -6.81
C SER A 91 13.25 11.39 -5.94
N GLY A 92 13.36 11.58 -4.63
CA GLY A 92 12.50 10.85 -3.70
C GLY A 92 12.26 11.61 -2.42
N GLY A 1 12.60 -20.16 -7.14
CA GLY A 1 12.64 -21.34 -6.30
C GLY A 1 11.37 -21.51 -5.48
N SER A 2 11.53 -21.87 -4.21
CA SER A 2 10.40 -22.08 -3.32
C SER A 2 10.25 -20.90 -2.34
N SER A 3 9.54 -19.87 -2.79
CA SER A 3 9.33 -18.68 -1.96
C SER A 3 7.85 -18.51 -1.62
N GLY A 4 7.55 -18.35 -0.34
CA GLY A 4 6.19 -18.18 0.09
C GLY A 4 6.03 -17.12 1.15
N SER A 5 6.45 -15.90 0.83
CA SER A 5 6.36 -14.79 1.77
C SER A 5 4.91 -14.40 2.04
N SER A 6 4.60 -14.14 3.30
CA SER A 6 3.25 -13.76 3.69
C SER A 6 2.91 -12.37 3.19
N GLY A 7 1.65 -12.17 2.81
CA GLY A 7 1.21 -10.88 2.32
C GLY A 7 -0.18 -10.93 1.70
N LEU A 8 -0.68 -9.77 1.29
CA LEU A 8 -2.01 -9.68 0.70
C LEU A 8 -1.94 -8.96 -0.65
N THR A 9 -2.92 -9.25 -1.51
CA THR A 9 -2.98 -8.64 -2.83
C THR A 9 -4.02 -7.54 -2.88
N VAL A 10 -3.56 -6.28 -2.83
CA VAL A 10 -4.46 -5.13 -2.86
C VAL A 10 -4.08 -4.18 -3.98
N THR A 11 -5.08 -3.63 -4.66
CA THR A 11 -4.85 -2.70 -5.75
C THR A 11 -4.81 -1.26 -5.25
N VAL A 12 -3.82 -0.50 -5.68
CA VAL A 12 -3.68 0.89 -5.27
C VAL A 12 -3.98 1.84 -6.43
N THR A 13 -4.98 2.70 -6.24
CA THR A 13 -5.37 3.66 -7.26
C THR A 13 -4.48 4.89 -7.22
N HIS A 14 -3.54 4.97 -8.15
CA HIS A 14 -2.62 6.11 -8.22
C HIS A 14 -2.50 6.61 -9.66
N SER A 15 -2.65 7.92 -9.84
CA SER A 15 -2.55 8.53 -11.15
C SER A 15 -3.71 8.07 -12.05
N ASN A 16 -4.88 7.93 -11.46
CA ASN A 16 -6.07 7.51 -12.19
C ASN A 16 -5.86 6.12 -12.80
N GLU A 17 -5.00 5.33 -12.17
CA GLU A 17 -4.70 3.98 -12.64
C GLU A 17 -4.63 3.00 -11.47
N LYS A 18 -4.64 1.71 -11.79
CA LYS A 18 -4.58 0.67 -10.77
C LYS A 18 -3.24 -0.07 -10.83
N HIS A 19 -2.62 -0.24 -9.67
CA HIS A 19 -1.34 -0.94 -9.59
C HIS A 19 -1.39 -2.08 -8.58
N ASP A 20 -1.43 -3.31 -9.09
CA ASP A 20 -1.49 -4.49 -8.22
C ASP A 20 -0.20 -4.65 -7.43
N LEU A 21 -0.30 -4.55 -6.11
CA LEU A 21 0.86 -4.68 -5.24
C LEU A 21 0.64 -5.77 -4.20
N HIS A 22 1.72 -6.45 -3.81
CA HIS A 22 1.64 -7.52 -2.81
C HIS A 22 2.17 -7.03 -1.47
N VAL A 23 1.26 -6.65 -0.58
CA VAL A 23 1.63 -6.18 0.74
C VAL A 23 2.16 -7.32 1.61
N THR A 24 3.35 -7.13 2.17
CA THR A 24 3.96 -8.15 3.02
C THR A 24 4.36 -7.56 4.37
N SER A 25 4.20 -8.36 5.43
CA SER A 25 4.54 -7.92 6.77
C SER A 25 5.96 -7.35 6.82
N GLN A 26 6.38 -6.91 8.00
CA GLN A 26 7.71 -6.34 8.18
C GLN A 26 8.67 -7.38 8.74
N GLN A 27 8.52 -8.63 8.30
CA GLN A 27 9.38 -9.71 8.75
C GLN A 27 9.44 -9.74 10.28
N GLY A 28 8.28 -9.62 10.92
CA GLY A 28 8.22 -9.63 12.37
C GLY A 28 6.81 -9.83 12.89
N SER A 29 5.88 -9.05 12.35
CA SER A 29 4.48 -9.13 12.78
C SER A 29 3.78 -10.32 12.13
N SER A 30 3.00 -11.04 12.92
CA SER A 30 2.27 -12.20 12.43
C SER A 30 1.34 -11.82 11.28
N GLU A 31 1.06 -10.53 11.16
CA GLU A 31 0.19 -10.03 10.11
C GLU A 31 0.66 -8.66 9.61
N PRO A 32 0.48 -8.43 8.30
CA PRO A 32 0.87 -7.16 7.67
C PRO A 32 -0.01 -5.99 8.10
N VAL A 33 0.58 -4.80 8.17
CA VAL A 33 -0.15 -3.61 8.57
C VAL A 33 -0.14 -2.56 7.45
N VAL A 34 -0.69 -1.39 7.75
CA VAL A 34 -0.74 -0.31 6.78
C VAL A 34 0.65 0.13 6.37
N GLN A 35 1.55 0.24 7.34
CA GLN A 35 2.92 0.65 7.08
C GLN A 35 3.51 -0.11 5.89
N ASP A 36 3.60 -1.43 6.05
CA ASP A 36 4.14 -2.28 4.99
C ASP A 36 3.53 -1.93 3.65
N LEU A 37 2.22 -1.68 3.64
CA LEU A 37 1.52 -1.34 2.41
C LEU A 37 2.03 -0.01 1.85
N ALA A 38 2.26 0.96 2.73
CA ALA A 38 2.76 2.26 2.32
C ALA A 38 4.13 2.15 1.66
N GLN A 39 4.97 1.28 2.22
CA GLN A 39 6.31 1.08 1.69
C GLN A 39 6.27 0.42 0.32
N VAL A 40 5.45 -0.61 0.18
CA VAL A 40 5.30 -1.32 -1.08
C VAL A 40 5.03 -0.36 -2.23
N VAL A 41 4.30 0.72 -1.92
CA VAL A 41 3.97 1.71 -2.93
C VAL A 41 5.20 2.51 -3.36
N GLU A 42 5.83 3.17 -2.40
CA GLU A 42 7.02 3.98 -2.67
C GLU A 42 8.12 3.11 -3.30
N GLU A 43 8.05 1.81 -3.03
CA GLU A 43 9.05 0.87 -3.56
C GLU A 43 8.66 0.41 -4.96
N VAL A 44 7.37 0.15 -5.15
CA VAL A 44 6.87 -0.31 -6.44
C VAL A 44 6.47 0.87 -7.33
N ILE A 45 5.52 1.67 -6.85
CA ILE A 45 5.05 2.83 -7.59
C ILE A 45 6.16 3.85 -7.77
N GLY A 46 6.82 4.21 -6.67
CA GLY A 46 7.90 5.17 -6.72
C GLY A 46 7.54 6.49 -6.06
N VAL A 47 6.37 6.53 -5.44
CA VAL A 47 5.90 7.74 -4.76
C VAL A 47 6.21 7.69 -3.27
N PRO A 48 6.79 8.77 -2.75
CA PRO A 48 7.14 8.88 -1.33
C PRO A 48 5.91 8.99 -0.43
N GLN A 49 6.03 8.48 0.79
CA GLN A 49 4.93 8.52 1.74
C GLN A 49 4.49 9.96 2.00
N SER A 50 5.29 10.92 1.54
CA SER A 50 5.00 12.33 1.72
C SER A 50 4.16 12.86 0.57
N PHE A 51 4.15 12.13 -0.55
CA PHE A 51 3.40 12.53 -1.73
C PHE A 51 2.17 11.65 -1.91
N GLN A 52 2.28 10.39 -1.48
CA GLN A 52 1.18 9.44 -1.60
C GLN A 52 0.24 9.55 -0.41
N LYS A 53 -1.06 9.45 -0.68
CA LYS A 53 -2.07 9.54 0.37
C LYS A 53 -3.10 8.42 0.23
N LEU A 54 -3.13 7.53 1.23
CA LEU A 54 -4.07 6.41 1.21
C LEU A 54 -5.47 6.87 1.64
N ILE A 55 -6.49 6.33 0.99
CA ILE A 55 -7.86 6.68 1.31
C ILE A 55 -8.80 5.49 1.08
N PHE A 56 -9.44 5.04 2.14
CA PHE A 56 -10.36 3.91 2.06
C PHE A 56 -11.64 4.20 2.85
N LYS A 57 -12.78 4.08 2.17
CA LYS A 57 -14.07 4.31 2.82
C LYS A 57 -14.27 5.79 3.12
N GLY A 58 -13.63 6.64 2.31
CA GLY A 58 -13.75 8.07 2.51
C GLY A 58 -13.01 8.56 3.73
N LYS A 59 -11.97 7.82 4.12
CA LYS A 59 -11.17 8.18 5.29
C LYS A 59 -9.68 8.04 4.99
N SER A 60 -8.92 9.08 5.28
CA SER A 60 -7.48 9.08 5.05
C SER A 60 -6.79 8.08 5.95
N LEU A 61 -6.03 7.16 5.35
CA LEU A 61 -5.31 6.14 6.10
C LEU A 61 -3.89 6.58 6.39
N LYS A 62 -3.68 7.19 7.55
CA LYS A 62 -2.35 7.66 7.94
C LYS A 62 -1.71 6.69 8.92
N GLU A 63 -2.49 6.22 9.89
CA GLU A 63 -2.00 5.28 10.88
C GLU A 63 -1.37 4.06 10.22
N MET A 64 -0.04 3.96 10.32
CA MET A 64 0.68 2.84 9.72
C MET A 64 0.72 1.66 10.68
N GLU A 65 0.96 1.95 11.97
CA GLU A 65 1.03 0.90 12.98
C GLU A 65 -0.29 0.15 13.09
N THR A 66 -1.31 0.67 12.40
CA THR A 66 -2.64 0.05 12.41
C THR A 66 -2.70 -1.12 11.43
N PRO A 67 -3.25 -2.25 11.90
CA PRO A 67 -3.39 -3.46 11.08
C PRO A 67 -4.43 -3.30 9.99
N LEU A 68 -4.01 -3.52 8.74
CA LEU A 68 -4.91 -3.39 7.60
C LEU A 68 -6.24 -4.07 7.88
N SER A 69 -6.20 -5.16 8.65
CA SER A 69 -7.41 -5.89 9.00
C SER A 69 -8.39 -5.01 9.75
N ALA A 70 -7.87 -4.19 10.66
CA ALA A 70 -8.71 -3.29 11.44
C ALA A 70 -9.48 -2.33 10.54
N LEU A 71 -8.80 -1.82 9.52
CA LEU A 71 -9.41 -0.89 8.58
C LEU A 71 -10.42 -1.60 7.68
N GLY A 72 -10.28 -2.92 7.58
CA GLY A 72 -11.18 -3.70 6.75
C GLY A 72 -10.53 -4.15 5.47
N ILE A 73 -9.29 -3.73 5.24
CA ILE A 73 -8.56 -4.10 4.04
C ILE A 73 -8.01 -5.53 4.14
N GLN A 74 -8.16 -6.29 3.07
CA GLN A 74 -7.69 -7.67 3.04
C GLN A 74 -7.35 -8.10 1.62
N ASP A 75 -6.64 -9.22 1.50
CA ASP A 75 -6.26 -9.75 0.19
C ASP A 75 -7.45 -9.74 -0.77
N GLY A 76 -7.47 -8.78 -1.68
CA GLY A 76 -8.54 -8.68 -2.64
C GLY A 76 -9.38 -7.43 -2.45
N CYS A 77 -8.74 -6.33 -2.10
CA CYS A 77 -9.42 -5.07 -1.89
C CYS A 77 -8.86 -3.98 -2.80
N ARG A 78 -9.62 -2.90 -2.95
CA ARG A 78 -9.19 -1.78 -3.79
C ARG A 78 -9.12 -0.49 -3.00
N VAL A 79 -7.91 0.02 -2.82
CA VAL A 79 -7.70 1.25 -2.07
C VAL A 79 -7.35 2.41 -3.01
N MET A 80 -7.55 3.63 -2.52
CA MET A 80 -7.26 4.82 -3.32
C MET A 80 -5.96 5.48 -2.85
N LEU A 81 -5.22 6.05 -3.79
CA LEU A 81 -3.95 6.71 -3.48
C LEU A 81 -3.81 8.01 -4.28
N ILE A 82 -3.57 9.11 -3.57
CA ILE A 82 -3.41 10.40 -4.20
C ILE A 82 -1.96 10.87 -4.14
N GLY A 83 -1.37 11.09 -5.31
CA GLY A 83 0.03 11.54 -5.37
C GLY A 83 0.56 11.56 -6.79
N LYS A 84 1.81 12.00 -6.93
CA LYS A 84 2.44 12.08 -8.25
C LYS A 84 3.67 11.17 -8.30
N LYS A 85 3.88 10.54 -9.45
CA LYS A 85 5.01 9.64 -9.64
C LYS A 85 5.83 10.04 -10.87
N ASN A 86 7.08 9.61 -10.91
CA ASN A 86 7.96 9.92 -12.03
C ASN A 86 8.76 8.69 -12.45
N SER A 87 9.02 8.58 -13.75
CA SER A 87 9.77 7.45 -14.28
C SER A 87 11.20 7.45 -13.77
N GLY A 88 11.38 6.90 -12.58
CA GLY A 88 12.71 6.84 -11.98
C GLY A 88 13.16 8.19 -11.46
N PRO A 89 13.94 8.18 -10.36
CA PRO A 89 14.45 9.40 -9.75
C PRO A 89 15.52 10.08 -10.61
N SER A 90 15.58 11.40 -10.54
CA SER A 90 16.54 12.17 -11.32
C SER A 90 17.69 12.65 -10.43
N SER A 91 17.89 11.95 -9.31
CA SER A 91 18.94 12.31 -8.37
C SER A 91 19.36 11.11 -7.53
N GLY A 92 20.57 11.16 -6.99
CA GLY A 92 21.06 10.06 -6.17
C GLY A 92 22.56 10.12 -5.96
N GLY A 1 15.49 -22.26 -0.83
CA GLY A 1 15.82 -20.98 -0.23
C GLY A 1 14.60 -20.22 0.19
N SER A 2 13.77 -19.85 -0.78
CA SER A 2 12.55 -19.09 -0.50
C SER A 2 11.40 -20.03 -0.12
N SER A 3 11.17 -20.16 1.18
CA SER A 3 10.11 -21.04 1.68
C SER A 3 9.24 -20.30 2.69
N GLY A 4 8.05 -19.89 2.26
CA GLY A 4 7.14 -19.18 3.13
C GLY A 4 6.49 -18.00 2.45
N SER A 5 5.16 -17.96 2.49
CA SER A 5 4.40 -16.88 1.86
C SER A 5 3.35 -16.32 2.81
N SER A 6 3.16 -15.01 2.77
CA SER A 6 2.17 -14.36 3.63
C SER A 6 1.95 -12.91 3.21
N GLY A 7 0.71 -12.56 2.94
CA GLY A 7 0.39 -11.20 2.52
C GLY A 7 -0.98 -11.10 1.87
N LEU A 8 -1.21 -10.01 1.15
CA LEU A 8 -2.48 -9.79 0.47
C LEU A 8 -2.28 -9.03 -0.83
N THR A 9 -3.17 -9.25 -1.79
CA THR A 9 -3.10 -8.58 -3.08
C THR A 9 -4.10 -7.43 -3.17
N VAL A 10 -3.61 -6.22 -2.92
CA VAL A 10 -4.47 -5.03 -2.97
C VAL A 10 -3.95 -4.04 -4.00
N THR A 11 -4.87 -3.50 -4.81
CA THR A 11 -4.52 -2.54 -5.84
C THR A 11 -4.60 -1.12 -5.31
N VAL A 12 -3.66 -0.27 -5.72
CA VAL A 12 -3.63 1.12 -5.28
C VAL A 12 -3.91 2.06 -6.45
N THR A 13 -5.00 2.82 -6.35
CA THR A 13 -5.37 3.76 -7.39
C THR A 13 -4.55 5.04 -7.31
N HIS A 14 -3.49 5.11 -8.11
CA HIS A 14 -2.61 6.27 -8.13
C HIS A 14 -2.44 6.80 -9.55
N SER A 15 -2.15 8.09 -9.67
CA SER A 15 -1.96 8.72 -10.97
C SER A 15 -3.11 8.37 -11.91
N ASN A 16 -4.32 8.33 -11.37
CA ASN A 16 -5.50 8.01 -12.16
C ASN A 16 -5.34 6.66 -12.87
N GLU A 17 -4.69 5.72 -12.20
CA GLU A 17 -4.47 4.40 -12.75
C GLU A 17 -4.55 3.32 -11.67
N LYS A 18 -4.58 2.06 -12.10
CA LYS A 18 -4.66 0.94 -11.17
C LYS A 18 -3.33 0.20 -11.09
N HIS A 19 -2.77 0.13 -9.89
CA HIS A 19 -1.49 -0.56 -9.68
C HIS A 19 -1.63 -1.66 -8.64
N ASP A 20 -1.62 -2.91 -9.09
CA ASP A 20 -1.74 -4.05 -8.20
C ASP A 20 -0.47 -4.23 -7.37
N LEU A 21 -0.63 -4.21 -6.05
CA LEU A 21 0.51 -4.36 -5.15
C LEU A 21 0.25 -5.50 -4.15
N HIS A 22 1.31 -6.21 -3.80
CA HIS A 22 1.21 -7.32 -2.85
C HIS A 22 1.82 -6.95 -1.51
N VAL A 23 0.97 -6.76 -0.50
CA VAL A 23 1.43 -6.40 0.83
C VAL A 23 1.83 -7.63 1.63
N THR A 24 2.86 -7.49 2.45
CA THR A 24 3.34 -8.60 3.27
C THR A 24 3.70 -8.13 4.68
N SER A 25 3.63 -9.04 5.64
CA SER A 25 3.94 -8.72 7.03
C SER A 25 5.28 -8.00 7.13
N GLN A 26 5.51 -7.38 8.28
CA GLN A 26 6.75 -6.65 8.52
C GLN A 26 7.79 -7.53 9.19
N GLN A 27 7.81 -8.80 8.82
CA GLN A 27 8.76 -9.75 9.39
C GLN A 27 8.71 -9.71 10.92
N GLY A 28 7.56 -9.35 11.47
CA GLY A 28 7.41 -9.28 12.90
C GLY A 28 5.99 -9.54 13.35
N SER A 29 5.09 -8.59 13.07
CA SER A 29 3.69 -8.73 13.46
C SER A 29 3.05 -9.92 12.75
N SER A 30 2.14 -10.59 13.46
CA SER A 30 1.45 -11.75 12.90
C SER A 30 0.82 -11.41 11.54
N GLU A 31 0.14 -10.28 11.49
CA GLU A 31 -0.51 -9.84 10.25
C GLU A 31 0.04 -8.49 9.80
N PRO A 32 0.00 -8.25 8.48
CA PRO A 32 0.48 -7.00 7.88
C PRO A 32 -0.41 -5.81 8.23
N VAL A 33 0.19 -4.63 8.33
CA VAL A 33 -0.54 -3.42 8.65
C VAL A 33 -0.32 -2.34 7.60
N VAL A 34 -0.96 -1.19 7.78
CA VAL A 34 -0.83 -0.08 6.85
C VAL A 34 0.64 0.27 6.62
N GLN A 35 1.40 0.32 7.70
CA GLN A 35 2.82 0.64 7.63
C GLN A 35 3.47 -0.06 6.44
N ASP A 36 3.05 -1.29 6.18
CA ASP A 36 3.60 -2.08 5.08
C ASP A 36 3.08 -1.56 3.74
N LEU A 37 1.77 -1.34 3.67
CA LEU A 37 1.15 -0.85 2.44
C LEU A 37 1.81 0.45 1.98
N ALA A 38 1.98 1.37 2.90
CA ALA A 38 2.60 2.66 2.59
C ALA A 38 4.00 2.47 2.02
N GLN A 39 4.74 1.51 2.59
CA GLN A 39 6.10 1.23 2.14
C GLN A 39 6.09 0.56 0.77
N VAL A 40 5.19 -0.40 0.59
CA VAL A 40 5.08 -1.11 -0.67
C VAL A 40 4.87 -0.15 -1.83
N VAL A 41 4.16 0.94 -1.57
CA VAL A 41 3.89 1.95 -2.59
C VAL A 41 5.17 2.66 -3.01
N GLU A 42 5.81 3.33 -2.05
CA GLU A 42 7.03 4.06 -2.32
C GLU A 42 8.10 3.15 -2.92
N GLU A 43 7.93 1.84 -2.70
CA GLU A 43 8.87 0.86 -3.21
C GLU A 43 8.49 0.44 -4.63
N VAL A 44 7.21 0.16 -4.84
CA VAL A 44 6.72 -0.26 -6.15
C VAL A 44 6.40 0.96 -7.03
N ILE A 45 5.51 1.81 -6.55
CA ILE A 45 5.12 3.00 -7.29
C ILE A 45 6.30 3.97 -7.43
N GLY A 46 6.87 4.35 -6.30
CA GLY A 46 8.00 5.27 -6.32
C GLY A 46 7.67 6.60 -5.69
N VAL A 47 6.55 6.66 -4.98
CA VAL A 47 6.13 7.90 -4.33
C VAL A 47 6.37 7.82 -2.82
N PRO A 48 6.97 8.89 -2.28
CA PRO A 48 7.27 8.98 -0.84
C PRO A 48 6.01 9.14 0.00
N GLN A 49 6.04 8.59 1.22
CA GLN A 49 4.90 8.67 2.12
C GLN A 49 4.51 10.12 2.37
N SER A 50 5.38 11.04 1.97
CA SER A 50 5.13 12.47 2.16
C SER A 50 4.33 13.04 0.99
N PHE A 51 4.39 12.34 -0.15
CA PHE A 51 3.68 12.78 -1.34
C PHE A 51 2.45 11.92 -1.59
N GLN A 52 2.54 10.64 -1.22
CA GLN A 52 1.43 9.72 -1.40
C GLN A 52 0.45 9.79 -0.23
N LYS A 53 -0.83 9.64 -0.54
CA LYS A 53 -1.87 9.69 0.48
C LYS A 53 -2.85 8.53 0.33
N LEU A 54 -2.88 7.65 1.33
CA LEU A 54 -3.77 6.50 1.30
C LEU A 54 -5.20 6.91 1.66
N ILE A 55 -6.17 6.33 0.96
CA ILE A 55 -7.57 6.63 1.21
C ILE A 55 -8.46 5.42 0.91
N PHE A 56 -9.15 4.94 1.94
CA PHE A 56 -10.03 3.79 1.78
C PHE A 56 -11.42 4.09 2.32
N LYS A 57 -12.43 3.80 1.51
CA LYS A 57 -13.82 4.04 1.91
C LYS A 57 -14.03 5.50 2.31
N GLY A 58 -13.20 6.39 1.75
CA GLY A 58 -13.31 7.80 2.06
C GLY A 58 -12.56 8.17 3.33
N LYS A 59 -11.74 7.25 3.82
CA LYS A 59 -10.96 7.49 5.03
C LYS A 59 -9.47 7.55 4.71
N SER A 60 -8.81 8.61 5.15
CA SER A 60 -7.39 8.78 4.92
C SER A 60 -6.57 7.90 5.86
N LEU A 61 -6.12 6.76 5.36
CA LEU A 61 -5.33 5.84 6.15
C LEU A 61 -4.07 6.51 6.69
N LYS A 62 -4.16 7.05 7.89
CA LYS A 62 -3.03 7.72 8.52
C LYS A 62 -2.24 6.77 9.41
N GLU A 63 -2.90 6.26 10.45
CA GLU A 63 -2.26 5.32 11.38
C GLU A 63 -1.60 4.18 10.62
N MET A 64 -0.34 3.90 10.95
CA MET A 64 0.40 2.83 10.30
C MET A 64 0.36 1.56 11.13
N GLU A 65 0.43 1.71 12.45
CA GLU A 65 0.40 0.58 13.37
C GLU A 65 -0.97 -0.10 13.34
N THR A 66 -1.90 0.49 12.59
CA THR A 66 -3.26 -0.05 12.49
C THR A 66 -3.30 -1.20 11.50
N PRO A 67 -3.91 -2.32 11.91
CA PRO A 67 -4.04 -3.51 11.07
C PRO A 67 -5.02 -3.31 9.92
N LEU A 68 -4.59 -3.67 8.71
CA LEU A 68 -5.43 -3.53 7.53
C LEU A 68 -6.79 -4.18 7.73
N SER A 69 -6.83 -5.16 8.64
CA SER A 69 -8.08 -5.87 8.92
C SER A 69 -9.08 -4.96 9.62
N ALA A 70 -8.56 -4.06 10.47
CA ALA A 70 -9.41 -3.14 11.20
C ALA A 70 -10.06 -2.12 10.26
N LEU A 71 -9.30 -1.67 9.27
CA LEU A 71 -9.79 -0.70 8.30
C LEU A 71 -10.80 -1.35 7.34
N GLY A 72 -10.69 -2.67 7.18
CA GLY A 72 -11.59 -3.37 6.30
C GLY A 72 -10.90 -3.90 5.05
N ILE A 73 -9.63 -3.55 4.90
CA ILE A 73 -8.85 -3.99 3.74
C ILE A 73 -8.41 -5.44 3.90
N GLN A 74 -8.61 -6.23 2.84
CA GLN A 74 -8.22 -7.63 2.86
C GLN A 74 -7.75 -8.08 1.48
N ASP A 75 -7.27 -9.32 1.40
CA ASP A 75 -6.77 -9.87 0.14
C ASP A 75 -7.85 -9.78 -0.94
N GLY A 76 -7.67 -8.84 -1.87
CA GLY A 76 -8.63 -8.67 -2.94
C GLY A 76 -9.44 -7.40 -2.81
N CYS A 77 -8.77 -6.32 -2.44
CA CYS A 77 -9.43 -5.03 -2.27
C CYS A 77 -8.73 -3.94 -3.07
N ARG A 78 -9.41 -2.82 -3.28
CA ARG A 78 -8.85 -1.70 -4.02
C ARG A 78 -8.83 -0.44 -3.17
N VAL A 79 -7.63 0.10 -2.95
CA VAL A 79 -7.46 1.31 -2.16
C VAL A 79 -7.15 2.50 -3.03
N MET A 80 -7.50 3.70 -2.56
CA MET A 80 -7.24 4.92 -3.31
C MET A 80 -5.99 5.63 -2.79
N LEU A 81 -5.15 6.08 -3.71
CA LEU A 81 -3.91 6.78 -3.35
C LEU A 81 -3.79 8.09 -4.10
N ILE A 82 -3.42 9.15 -3.38
CA ILE A 82 -3.26 10.46 -3.97
C ILE A 82 -1.83 10.97 -3.82
N GLY A 83 -1.22 11.37 -4.94
CA GLY A 83 0.14 11.86 -4.91
C GLY A 83 0.72 12.05 -6.30
N LYS A 84 1.98 12.47 -6.36
CA LYS A 84 2.65 12.68 -7.63
C LYS A 84 4.02 12.01 -7.64
N LYS A 85 4.53 11.71 -8.84
CA LYS A 85 5.82 11.07 -8.98
C LYS A 85 6.58 11.65 -10.17
N ASN A 86 7.91 11.64 -10.08
CA ASN A 86 8.75 12.17 -11.14
C ASN A 86 9.19 11.06 -12.09
N SER A 87 8.95 11.26 -13.39
CA SER A 87 9.32 10.27 -14.39
C SER A 87 10.81 9.96 -14.33
N GLY A 88 11.62 11.02 -14.32
CA GLY A 88 13.06 10.84 -14.28
C GLY A 88 13.57 10.70 -12.86
N PRO A 89 14.91 10.66 -12.71
CA PRO A 89 15.55 10.53 -11.40
C PRO A 89 15.40 11.77 -10.54
N SER A 90 14.72 11.63 -9.41
CA SER A 90 14.50 12.75 -8.50
C SER A 90 15.81 13.21 -7.87
N SER A 91 16.04 14.52 -7.85
CA SER A 91 17.26 15.08 -7.29
C SER A 91 17.01 16.52 -6.83
N GLY A 92 17.29 16.78 -5.56
CA GLY A 92 17.11 18.12 -5.02
C GLY A 92 18.25 19.05 -5.37
N GLY A 1 -4.27 -27.61 0.40
CA GLY A 1 -3.57 -28.42 1.38
C GLY A 1 -2.11 -28.04 1.51
N SER A 2 -1.87 -26.81 1.96
CA SER A 2 -0.50 -26.31 2.12
C SER A 2 -0.48 -25.07 3.02
N SER A 3 0.72 -24.68 3.44
CA SER A 3 0.88 -23.52 4.31
C SER A 3 1.30 -22.29 3.50
N GLY A 4 0.91 -21.11 3.97
CA GLY A 4 1.26 -19.88 3.28
C GLY A 4 0.22 -18.80 3.48
N SER A 5 -0.37 -18.35 2.38
CA SER A 5 -1.39 -17.31 2.43
C SER A 5 -0.83 -16.04 3.09
N SER A 6 0.40 -15.70 2.73
CA SER A 6 1.05 -14.52 3.28
C SER A 6 0.77 -13.29 2.42
N GLY A 7 0.87 -12.10 3.03
CA GLY A 7 0.62 -10.88 2.31
C GLY A 7 -0.75 -10.84 1.69
N LEU A 8 -1.15 -9.67 1.20
CA LEU A 8 -2.46 -9.50 0.57
C LEU A 8 -2.33 -8.78 -0.76
N THR A 9 -3.27 -9.06 -1.66
CA THR A 9 -3.26 -8.44 -2.99
C THR A 9 -4.24 -7.28 -3.05
N VAL A 10 -3.73 -6.06 -2.85
CA VAL A 10 -4.56 -4.87 -2.89
C VAL A 10 -4.06 -3.89 -3.95
N THR A 11 -4.99 -3.40 -4.77
CA THR A 11 -4.65 -2.46 -5.83
C THR A 11 -4.66 -1.02 -5.31
N VAL A 12 -3.79 -0.19 -5.88
CA VAL A 12 -3.70 1.22 -5.47
C VAL A 12 -3.99 2.14 -6.63
N THR A 13 -5.01 2.99 -6.46
CA THR A 13 -5.39 3.94 -7.50
C THR A 13 -4.58 5.22 -7.41
N HIS A 14 -3.55 5.33 -8.25
CA HIS A 14 -2.70 6.51 -8.26
C HIS A 14 -2.78 7.22 -9.61
N SER A 15 -2.76 8.55 -9.57
CA SER A 15 -2.83 9.35 -10.80
C SER A 15 -3.93 8.83 -11.71
N ASN A 16 -5.09 8.52 -11.14
CA ASN A 16 -6.22 8.02 -11.90
C ASN A 16 -5.83 6.76 -12.69
N GLU A 17 -4.99 5.93 -12.09
CA GLU A 17 -4.56 4.71 -12.72
C GLU A 17 -4.76 3.50 -11.81
N LYS A 18 -4.49 2.31 -12.33
CA LYS A 18 -4.65 1.08 -11.57
C LYS A 18 -3.33 0.32 -11.48
N HIS A 19 -2.85 0.11 -10.25
CA HIS A 19 -1.61 -0.61 -10.04
C HIS A 19 -1.76 -1.63 -8.90
N ASP A 20 -1.72 -2.91 -9.26
CA ASP A 20 -1.85 -3.97 -8.28
C ASP A 20 -0.55 -4.16 -7.50
N LEU A 21 -0.66 -4.21 -6.18
CA LEU A 21 0.51 -4.38 -5.32
C LEU A 21 0.26 -5.48 -4.29
N HIS A 22 1.32 -6.21 -3.96
CA HIS A 22 1.22 -7.30 -2.99
C HIS A 22 1.83 -6.88 -1.65
N VAL A 23 0.98 -6.65 -0.66
CA VAL A 23 1.44 -6.25 0.67
C VAL A 23 1.94 -7.45 1.46
N THR A 24 3.10 -7.28 2.09
CA THR A 24 3.70 -8.35 2.88
C THR A 24 4.32 -7.80 4.16
N SER A 25 4.21 -8.57 5.23
CA SER A 25 4.75 -8.16 6.53
C SER A 25 6.26 -7.94 6.44
N GLN A 26 6.86 -7.52 7.54
CA GLN A 26 8.29 -7.26 7.59
C GLN A 26 9.04 -8.48 8.13
N GLN A 27 8.65 -9.67 7.65
CA GLN A 27 9.28 -10.91 8.09
C GLN A 27 9.46 -10.92 9.61
N GLY A 28 8.42 -10.54 10.32
CA GLY A 28 8.48 -10.51 11.77
C GLY A 28 7.10 -10.40 12.40
N SER A 29 6.27 -9.53 11.86
CA SER A 29 4.92 -9.33 12.38
C SER A 29 3.97 -10.41 11.87
N SER A 30 3.23 -11.01 12.80
CA SER A 30 2.29 -12.07 12.45
C SER A 30 1.49 -11.69 11.20
N GLU A 31 0.92 -10.50 11.22
CA GLU A 31 0.12 -10.01 10.10
C GLU A 31 0.61 -8.64 9.64
N PRO A 32 0.47 -8.37 8.33
CA PRO A 32 0.90 -7.11 7.73
C PRO A 32 0.01 -5.94 8.15
N VAL A 33 0.61 -4.78 8.33
CA VAL A 33 -0.12 -3.59 8.73
C VAL A 33 0.00 -2.48 7.69
N VAL A 34 -0.70 -1.37 7.92
CA VAL A 34 -0.67 -0.24 7.00
C VAL A 34 0.77 0.15 6.66
N GLN A 35 1.64 0.08 7.66
CA GLN A 35 3.05 0.42 7.47
C GLN A 35 3.61 -0.27 6.23
N ASP A 36 3.27 -1.54 6.05
CA ASP A 36 3.75 -2.31 4.90
C ASP A 36 3.17 -1.75 3.61
N LEU A 37 1.89 -1.44 3.63
CA LEU A 37 1.21 -0.91 2.44
C LEU A 37 1.91 0.36 1.94
N ALA A 38 2.18 1.28 2.85
CA ALA A 38 2.86 2.52 2.50
C ALA A 38 4.22 2.25 1.87
N GLN A 39 4.93 1.27 2.41
CA GLN A 39 6.25 0.90 1.89
C GLN A 39 6.15 0.32 0.49
N VAL A 40 5.32 -0.70 0.34
CA VAL A 40 5.12 -1.35 -0.96
C VAL A 40 4.88 -0.32 -2.05
N VAL A 41 4.22 0.77 -1.70
CA VAL A 41 3.92 1.82 -2.66
C VAL A 41 5.19 2.56 -3.07
N GLU A 42 5.85 3.18 -2.10
CA GLU A 42 7.09 3.92 -2.36
C GLU A 42 8.17 2.99 -2.90
N GLU A 43 8.01 1.69 -2.66
CA GLU A 43 8.97 0.70 -3.12
C GLU A 43 8.65 0.24 -4.54
N VAL A 44 7.35 0.04 -4.81
CA VAL A 44 6.91 -0.40 -6.13
C VAL A 44 6.58 0.78 -7.03
N ILE A 45 5.60 1.58 -6.61
CA ILE A 45 5.19 2.75 -7.38
C ILE A 45 6.33 3.75 -7.50
N GLY A 46 6.86 4.18 -6.35
CA GLY A 46 7.95 5.13 -6.36
C GLY A 46 7.55 6.47 -5.76
N VAL A 47 6.49 6.47 -4.98
CA VAL A 47 6.00 7.69 -4.34
C VAL A 47 6.24 7.66 -2.84
N PRO A 48 6.85 8.74 -2.31
CA PRO A 48 7.14 8.86 -0.88
C PRO A 48 5.88 9.04 -0.04
N GLN A 49 5.90 8.49 1.18
CA GLN A 49 4.76 8.58 2.08
C GLN A 49 4.37 10.03 2.30
N SER A 50 5.25 10.95 1.91
CA SER A 50 4.99 12.38 2.07
C SER A 50 4.18 12.92 0.90
N PHE A 51 4.26 12.24 -0.24
CA PHE A 51 3.53 12.66 -1.43
C PHE A 51 2.30 11.79 -1.65
N GLN A 52 2.40 10.52 -1.27
CA GLN A 52 1.30 9.58 -1.43
C GLN A 52 0.33 9.68 -0.26
N LYS A 53 -0.95 9.53 -0.54
CA LYS A 53 -1.98 9.60 0.49
C LYS A 53 -2.98 8.46 0.34
N LEU A 54 -3.01 7.57 1.33
CA LEU A 54 -3.93 6.43 1.30
C LEU A 54 -5.34 6.86 1.70
N ILE A 55 -6.33 6.32 0.99
CA ILE A 55 -7.72 6.65 1.26
C ILE A 55 -8.63 5.45 0.97
N PHE A 56 -9.13 4.83 2.03
CA PHE A 56 -10.02 3.68 1.90
C PHE A 56 -11.40 3.98 2.49
N LYS A 57 -12.42 3.83 1.66
CA LYS A 57 -13.79 4.09 2.09
C LYS A 57 -13.97 5.54 2.54
N GLY A 58 -13.39 6.46 1.76
CA GLY A 58 -13.50 7.87 2.09
C GLY A 58 -12.83 8.20 3.41
N LYS A 59 -11.79 7.48 3.75
CA LYS A 59 -11.06 7.70 4.99
C LYS A 59 -9.56 7.75 4.75
N SER A 60 -8.92 8.83 5.21
CA SER A 60 -7.49 9.01 5.04
C SER A 60 -6.72 8.12 6.00
N LEU A 61 -5.97 7.16 5.45
CA LEU A 61 -5.18 6.23 6.25
C LEU A 61 -3.81 6.82 6.54
N LYS A 62 -3.56 7.12 7.82
CA LYS A 62 -2.27 7.68 8.24
C LYS A 62 -1.58 6.75 9.23
N GLU A 63 -2.35 6.19 10.15
CA GLU A 63 -1.81 5.28 11.15
C GLU A 63 -1.19 4.05 10.50
N MET A 64 0.12 3.97 10.51
CA MET A 64 0.84 2.84 9.92
C MET A 64 0.81 1.64 10.86
N GLU A 65 0.92 1.90 12.15
CA GLU A 65 0.91 0.83 13.15
C GLU A 65 -0.41 0.08 13.13
N THR A 66 -1.44 0.72 12.59
CA THR A 66 -2.77 0.11 12.51
C THR A 66 -2.80 -0.99 11.45
N PRO A 67 -3.24 -2.19 11.86
CA PRO A 67 -3.34 -3.35 10.96
C PRO A 67 -4.44 -3.19 9.92
N LEU A 68 -4.07 -3.25 8.65
CA LEU A 68 -5.03 -3.13 7.56
C LEU A 68 -6.29 -3.94 7.84
N SER A 69 -6.13 -5.00 8.63
CA SER A 69 -7.26 -5.86 8.97
C SER A 69 -8.34 -5.08 9.73
N ALA A 70 -7.91 -4.27 10.69
CA ALA A 70 -8.83 -3.48 11.48
C ALA A 70 -9.65 -2.55 10.59
N LEU A 71 -8.99 -1.93 9.61
CA LEU A 71 -9.66 -1.01 8.69
C LEU A 71 -10.65 -1.76 7.81
N GLY A 72 -10.47 -3.08 7.71
CA GLY A 72 -11.35 -3.89 6.89
C GLY A 72 -10.71 -4.32 5.59
N ILE A 73 -9.58 -3.71 5.27
CA ILE A 73 -8.86 -4.04 4.03
C ILE A 73 -8.36 -5.48 4.06
N GLN A 74 -8.45 -6.15 2.91
CA GLN A 74 -8.02 -7.54 2.80
C GLN A 74 -7.60 -7.87 1.38
N ASP A 75 -6.92 -9.00 1.21
CA ASP A 75 -6.46 -9.42 -0.10
C ASP A 75 -7.63 -9.54 -1.07
N GLY A 76 -7.70 -8.61 -2.03
CA GLY A 76 -8.77 -8.62 -3.00
C GLY A 76 -9.62 -7.37 -2.95
N CYS A 77 -9.00 -6.26 -2.60
CA CYS A 77 -9.70 -4.97 -2.51
C CYS A 77 -9.03 -3.92 -3.38
N ARG A 78 -9.61 -2.72 -3.40
CA ARG A 78 -9.06 -1.63 -4.19
C ARG A 78 -9.01 -0.34 -3.38
N VAL A 79 -7.79 0.12 -3.10
CA VAL A 79 -7.61 1.35 -2.33
C VAL A 79 -7.24 2.52 -3.23
N MET A 80 -7.51 3.73 -2.77
CA MET A 80 -7.20 4.94 -3.54
C MET A 80 -5.99 5.66 -2.95
N LEU A 81 -5.07 6.06 -3.82
CA LEU A 81 -3.87 6.76 -3.38
C LEU A 81 -3.70 8.08 -4.14
N ILE A 82 -3.27 9.12 -3.44
CA ILE A 82 -3.06 10.42 -4.04
C ILE A 82 -1.66 10.95 -3.76
N GLY A 83 -0.94 11.28 -4.83
CA GLY A 83 0.42 11.79 -4.68
C GLY A 83 1.11 12.00 -6.01
N LYS A 84 2.33 12.53 -5.96
CA LYS A 84 3.11 12.78 -7.17
C LYS A 84 4.51 12.19 -7.06
N LYS A 85 4.76 11.13 -7.83
CA LYS A 85 6.06 10.47 -7.81
C LYS A 85 7.17 11.46 -8.18
N ASN A 86 7.93 11.88 -7.18
CA ASN A 86 9.03 12.82 -7.39
C ASN A 86 9.96 12.33 -8.49
N SER A 87 10.45 11.10 -8.35
CA SER A 87 11.35 10.51 -9.33
C SER A 87 10.71 9.31 -10.00
N GLY A 88 10.65 9.34 -11.33
CA GLY A 88 10.06 8.24 -12.07
C GLY A 88 10.89 6.98 -12.01
N PRO A 89 10.81 6.15 -13.06
CA PRO A 89 11.55 4.89 -13.14
C PRO A 89 13.05 5.12 -13.32
N SER A 90 13.43 6.37 -13.59
CA SER A 90 14.83 6.71 -13.78
C SER A 90 15.67 6.24 -12.61
N SER A 91 16.77 5.55 -12.91
CA SER A 91 17.66 5.04 -11.88
C SER A 91 19.01 5.75 -11.92
N GLY A 92 19.50 6.15 -10.75
CA GLY A 92 20.78 6.84 -10.68
C GLY A 92 20.62 8.33 -10.44
#